data_1GSC
# 
_entry.id   1GSC 
# 
_audit_conform.dict_name       mmcif_pdbx.dic 
_audit_conform.dict_version    5.385 
_audit_conform.dict_location   http://mmcif.pdb.org/dictionaries/ascii/mmcif_pdbx.dic 
# 
loop_
_database_2.database_id 
_database_2.database_code 
_database_2.pdbx_database_accession 
_database_2.pdbx_DOI 
PDB   1GSC         pdb_00001gsc 10.2210/pdb1gsc/pdb 
WWPDB D_1000173687 ?            ?                   
# 
loop_
_pdbx_audit_revision_history.ordinal 
_pdbx_audit_revision_history.data_content_type 
_pdbx_audit_revision_history.major_revision 
_pdbx_audit_revision_history.minor_revision 
_pdbx_audit_revision_history.revision_date 
1 'Structure model' 1 0 1993-10-31 
2 'Structure model' 1 1 2008-03-24 
3 'Structure model' 1 2 2011-07-13 
4 'Structure model' 1 3 2024-02-07 
# 
_pdbx_audit_revision_details.ordinal             1 
_pdbx_audit_revision_details.revision_ordinal    1 
_pdbx_audit_revision_details.data_content_type   'Structure model' 
_pdbx_audit_revision_details.provider            repository 
_pdbx_audit_revision_details.type                'Initial release' 
_pdbx_audit_revision_details.description         ? 
_pdbx_audit_revision_details.details             ? 
# 
loop_
_pdbx_audit_revision_group.ordinal 
_pdbx_audit_revision_group.revision_ordinal 
_pdbx_audit_revision_group.data_content_type 
_pdbx_audit_revision_group.group 
1 2 'Structure model' 'Version format compliance' 
2 3 'Structure model' 'Version format compliance' 
3 4 'Structure model' 'Data collection'           
4 4 'Structure model' 'Database references'       
5 4 'Structure model' Other                       
# 
loop_
_pdbx_audit_revision_category.ordinal 
_pdbx_audit_revision_category.revision_ordinal 
_pdbx_audit_revision_category.data_content_type 
_pdbx_audit_revision_category.category 
1 4 'Structure model' chem_comp_atom       
2 4 'Structure model' chem_comp_bond       
3 4 'Structure model' database_2           
4 4 'Structure model' pdbx_database_status 
# 
loop_
_pdbx_audit_revision_item.ordinal 
_pdbx_audit_revision_item.revision_ordinal 
_pdbx_audit_revision_item.data_content_type 
_pdbx_audit_revision_item.item 
1 4 'Structure model' '_database_2.pdbx_DOI'                
2 4 'Structure model' '_database_2.pdbx_database_accession' 
3 4 'Structure model' '_pdbx_database_status.process_site'  
# 
_pdbx_database_status.status_code                     REL 
_pdbx_database_status.entry_id                        1GSC 
_pdbx_database_status.recvd_initial_deposition_date   1993-09-08 
_pdbx_database_status.deposit_site                    ? 
_pdbx_database_status.process_site                    BNL 
_pdbx_database_status.SG_entry                        . 
_pdbx_database_status.status_code_sf                  ? 
_pdbx_database_status.status_code_mr                  ? 
_pdbx_database_status.pdb_format_compatible           Y 
_pdbx_database_status.status_code_cs                  ? 
_pdbx_database_status.status_code_nmr_data            ? 
_pdbx_database_status.methods_development_category    ? 
# 
loop_
_audit_author.name 
_audit_author.pdbx_ordinal 
'Fu, J.-H.'   1 
'Rose, J.P.'  2 
'Wang, B.-C.' 3 
# 
loop_
_citation.id 
_citation.title 
_citation.journal_abbrev 
_citation.journal_volume 
_citation.page_first 
_citation.page_last 
_citation.year 
_citation.journal_id_ASTM 
_citation.country 
_citation.journal_id_ISSN 
_citation.journal_id_CSD 
_citation.book_publisher 
_citation.pdbx_database_id_PubMed 
_citation.pdbx_database_id_DOI 
primary 'New crystal forms of a mu-class glutathione S-transferase from rat liver.'                   'Acta Crystallogr.,Sect.D' 
50 219 224 1994 ABCRE6 DK 0907-4449 0766 ? 15299462 10.1107/S0907444993009370 
1       'Crystals of Isoenzyme 3-3 of Rat Liver Glutathione S-Transferase with and without Inhibitor' 'Acta Crystallogr.,Sect.B' 
47 813 ?   1991 ASBSDK DK 0108-7681 0622 ? ?        ?                         
# 
loop_
_citation_author.citation_id 
_citation_author.name 
_citation_author.ordinal 
_citation_author.identifier_ORCID 
primary 'Fu, J.H.'     1 ? 
primary 'Rose, J.'     2 ? 
primary 'Tam, M.F.'    3 ? 
primary 'Wang, B.C.'   4 ? 
1       'Fu, J.-H.'    5 ? 
1       'Rose, J.'     6 ? 
1       'Chung, Y.-J.' 7 ? 
1       'Tam, M.F.'    8 ? 
1       'Wang, B.-C.'  9 ? 
# 
_entity.id                         1 
_entity.type                       polymer 
_entity.src_method                 man 
_entity.pdbx_description           'GLUTATHIONE S-TRANSFERASE' 
_entity.formula_weight             25818.791 
_entity.pdbx_number_of_molecules   4 
_entity.pdbx_ec                    2.5.1.18 
_entity.pdbx_mutation              ? 
_entity.pdbx_fragment              ? 
_entity.details                    ? 
# 
_entity_poly.entity_id                      1 
_entity_poly.type                           'polypeptide(L)' 
_entity_poly.nstd_linkage                   no 
_entity_poly.nstd_monomer                   no 
_entity_poly.pdbx_seq_one_letter_code       
;PMILGYWNVRGLTHPIRLLLEYTDSSYEEKRYAMGDAPDYDRSQWLNEKFKLGLDFPNLPYLIDGSRKITQSNAIMRYLA
RKHHLCGETEEERIRADIVENQVMDNRMQLIMLCYNPDFEKQKPEFLKTIPEKMKLYSEFLGKRPWFAGDKVTYVDFLAY
DILDQYHIFEPKCLDAFPNLKDFLARFEGLKKISAYMKSSRYLSTPIFSKLAQWSNK
;
_entity_poly.pdbx_seq_one_letter_code_can   
;PMILGYWNVRGLTHPIRLLLEYTDSSYEEKRYAMGDAPDYDRSQWLNEKFKLGLDFPNLPYLIDGSRKITQSNAIMRYLA
RKHHLCGETEEERIRADIVENQVMDNRMQLIMLCYNPDFEKQKPEFLKTIPEKMKLYSEFLGKRPWFAGDKVTYVDFLAY
DILDQYHIFEPKCLDAFPNLKDFLARFEGLKKISAYMKSSRYLSTPIFSKLAQWSNK
;
_entity_poly.pdbx_strand_id                 A,B,C,D 
_entity_poly.pdbx_target_identifier         ? 
# 
loop_
_entity_poly_seq.entity_id 
_entity_poly_seq.num 
_entity_poly_seq.mon_id 
_entity_poly_seq.hetero 
1 1   PRO n 
1 2   MET n 
1 3   ILE n 
1 4   LEU n 
1 5   GLY n 
1 6   TYR n 
1 7   TRP n 
1 8   ASN n 
1 9   VAL n 
1 10  ARG n 
1 11  GLY n 
1 12  LEU n 
1 13  THR n 
1 14  HIS n 
1 15  PRO n 
1 16  ILE n 
1 17  ARG n 
1 18  LEU n 
1 19  LEU n 
1 20  LEU n 
1 21  GLU n 
1 22  TYR n 
1 23  THR n 
1 24  ASP n 
1 25  SER n 
1 26  SER n 
1 27  TYR n 
1 28  GLU n 
1 29  GLU n 
1 30  LYS n 
1 31  ARG n 
1 32  TYR n 
1 33  ALA n 
1 34  MET n 
1 35  GLY n 
1 36  ASP n 
1 37  ALA n 
1 38  PRO n 
1 39  ASP n 
1 40  TYR n 
1 41  ASP n 
1 42  ARG n 
1 43  SER n 
1 44  GLN n 
1 45  TRP n 
1 46  LEU n 
1 47  ASN n 
1 48  GLU n 
1 49  LYS n 
1 50  PHE n 
1 51  LYS n 
1 52  LEU n 
1 53  GLY n 
1 54  LEU n 
1 55  ASP n 
1 56  PHE n 
1 57  PRO n 
1 58  ASN n 
1 59  LEU n 
1 60  PRO n 
1 61  TYR n 
1 62  LEU n 
1 63  ILE n 
1 64  ASP n 
1 65  GLY n 
1 66  SER n 
1 67  ARG n 
1 68  LYS n 
1 69  ILE n 
1 70  THR n 
1 71  GLN n 
1 72  SER n 
1 73  ASN n 
1 74  ALA n 
1 75  ILE n 
1 76  MET n 
1 77  ARG n 
1 78  TYR n 
1 79  LEU n 
1 80  ALA n 
1 81  ARG n 
1 82  LYS n 
1 83  HIS n 
1 84  HIS n 
1 85  LEU n 
1 86  CYS n 
1 87  GLY n 
1 88  GLU n 
1 89  THR n 
1 90  GLU n 
1 91  GLU n 
1 92  GLU n 
1 93  ARG n 
1 94  ILE n 
1 95  ARG n 
1 96  ALA n 
1 97  ASP n 
1 98  ILE n 
1 99  VAL n 
1 100 GLU n 
1 101 ASN n 
1 102 GLN n 
1 103 VAL n 
1 104 MET n 
1 105 ASP n 
1 106 ASN n 
1 107 ARG n 
1 108 MET n 
1 109 GLN n 
1 110 LEU n 
1 111 ILE n 
1 112 MET n 
1 113 LEU n 
1 114 CYS n 
1 115 TYR n 
1 116 ASN n 
1 117 PRO n 
1 118 ASP n 
1 119 PHE n 
1 120 GLU n 
1 121 LYS n 
1 122 GLN n 
1 123 LYS n 
1 124 PRO n 
1 125 GLU n 
1 126 PHE n 
1 127 LEU n 
1 128 LYS n 
1 129 THR n 
1 130 ILE n 
1 131 PRO n 
1 132 GLU n 
1 133 LYS n 
1 134 MET n 
1 135 LYS n 
1 136 LEU n 
1 137 TYR n 
1 138 SER n 
1 139 GLU n 
1 140 PHE n 
1 141 LEU n 
1 142 GLY n 
1 143 LYS n 
1 144 ARG n 
1 145 PRO n 
1 146 TRP n 
1 147 PHE n 
1 148 ALA n 
1 149 GLY n 
1 150 ASP n 
1 151 LYS n 
1 152 VAL n 
1 153 THR n 
1 154 TYR n 
1 155 VAL n 
1 156 ASP n 
1 157 PHE n 
1 158 LEU n 
1 159 ALA n 
1 160 TYR n 
1 161 ASP n 
1 162 ILE n 
1 163 LEU n 
1 164 ASP n 
1 165 GLN n 
1 166 TYR n 
1 167 HIS n 
1 168 ILE n 
1 169 PHE n 
1 170 GLU n 
1 171 PRO n 
1 172 LYS n 
1 173 CYS n 
1 174 LEU n 
1 175 ASP n 
1 176 ALA n 
1 177 PHE n 
1 178 PRO n 
1 179 ASN n 
1 180 LEU n 
1 181 LYS n 
1 182 ASP n 
1 183 PHE n 
1 184 LEU n 
1 185 ALA n 
1 186 ARG n 
1 187 PHE n 
1 188 GLU n 
1 189 GLY n 
1 190 LEU n 
1 191 LYS n 
1 192 LYS n 
1 193 ILE n 
1 194 SER n 
1 195 ALA n 
1 196 TYR n 
1 197 MET n 
1 198 LYS n 
1 199 SER n 
1 200 SER n 
1 201 ARG n 
1 202 TYR n 
1 203 LEU n 
1 204 SER n 
1 205 THR n 
1 206 PRO n 
1 207 ILE n 
1 208 PHE n 
1 209 SER n 
1 210 LYS n 
1 211 LEU n 
1 212 ALA n 
1 213 GLN n 
1 214 TRP n 
1 215 SER n 
1 216 ASN n 
1 217 LYS n 
# 
_entity_src_gen.entity_id                          1 
_entity_src_gen.pdbx_src_id                        1 
_entity_src_gen.pdbx_alt_source_flag               sample 
_entity_src_gen.pdbx_seq_type                      ? 
_entity_src_gen.pdbx_beg_seq_num                   ? 
_entity_src_gen.pdbx_end_seq_num                   ? 
_entity_src_gen.gene_src_common_name               'Norway rat' 
_entity_src_gen.gene_src_genus                     Rattus 
_entity_src_gen.pdbx_gene_src_gene                 ? 
_entity_src_gen.gene_src_species                   ? 
_entity_src_gen.gene_src_strain                    ? 
_entity_src_gen.gene_src_tissue                    ? 
_entity_src_gen.gene_src_tissue_fraction           ? 
_entity_src_gen.gene_src_details                   ? 
_entity_src_gen.pdbx_gene_src_fragment             ? 
_entity_src_gen.pdbx_gene_src_scientific_name      'Rattus norvegicus' 
_entity_src_gen.pdbx_gene_src_ncbi_taxonomy_id     10116 
_entity_src_gen.pdbx_gene_src_variant              ? 
_entity_src_gen.pdbx_gene_src_cell_line            ? 
_entity_src_gen.pdbx_gene_src_atcc                 ? 
_entity_src_gen.pdbx_gene_src_organ                LIVER 
_entity_src_gen.pdbx_gene_src_organelle            ? 
_entity_src_gen.pdbx_gene_src_cell                 ? 
_entity_src_gen.pdbx_gene_src_cellular_location    ? 
_entity_src_gen.host_org_common_name               ? 
_entity_src_gen.pdbx_host_org_scientific_name      ? 
_entity_src_gen.pdbx_host_org_ncbi_taxonomy_id     ? 
_entity_src_gen.host_org_genus                     ? 
_entity_src_gen.pdbx_host_org_gene                 ? 
_entity_src_gen.pdbx_host_org_organ                ? 
_entity_src_gen.host_org_species                   ? 
_entity_src_gen.pdbx_host_org_tissue               ? 
_entity_src_gen.pdbx_host_org_tissue_fraction      ? 
_entity_src_gen.pdbx_host_org_strain               ? 
_entity_src_gen.pdbx_host_org_variant              ? 
_entity_src_gen.pdbx_host_org_cell_line            ? 
_entity_src_gen.pdbx_host_org_atcc                 ? 
_entity_src_gen.pdbx_host_org_culture_collection   ? 
_entity_src_gen.pdbx_host_org_cell                 ? 
_entity_src_gen.pdbx_host_org_organelle            ? 
_entity_src_gen.pdbx_host_org_cellular_location    ? 
_entity_src_gen.pdbx_host_org_vector_type          ? 
_entity_src_gen.pdbx_host_org_vector               ? 
_entity_src_gen.host_org_details                   ? 
_entity_src_gen.expression_system_id               ? 
_entity_src_gen.plasmid_name                       ? 
_entity_src_gen.plasmid_details                    ? 
_entity_src_gen.pdbx_description                   ? 
# 
loop_
_chem_comp.id 
_chem_comp.type 
_chem_comp.mon_nstd_flag 
_chem_comp.name 
_chem_comp.pdbx_synonyms 
_chem_comp.formula 
_chem_comp.formula_weight 
ALA 'L-peptide linking' y ALANINE         ? 'C3 H7 N O2'     89.093  
ARG 'L-peptide linking' y ARGININE        ? 'C6 H15 N4 O2 1' 175.209 
ASN 'L-peptide linking' y ASPARAGINE      ? 'C4 H8 N2 O3'    132.118 
ASP 'L-peptide linking' y 'ASPARTIC ACID' ? 'C4 H7 N O4'     133.103 
CYS 'L-peptide linking' y CYSTEINE        ? 'C3 H7 N O2 S'   121.158 
GLN 'L-peptide linking' y GLUTAMINE       ? 'C5 H10 N2 O3'   146.144 
GLU 'L-peptide linking' y 'GLUTAMIC ACID' ? 'C5 H9 N O4'     147.129 
GLY 'peptide linking'   y GLYCINE         ? 'C2 H5 N O2'     75.067  
HIS 'L-peptide linking' y HISTIDINE       ? 'C6 H10 N3 O2 1' 156.162 
ILE 'L-peptide linking' y ISOLEUCINE      ? 'C6 H13 N O2'    131.173 
LEU 'L-peptide linking' y LEUCINE         ? 'C6 H13 N O2'    131.173 
LYS 'L-peptide linking' y LYSINE          ? 'C6 H15 N2 O2 1' 147.195 
MET 'L-peptide linking' y METHIONINE      ? 'C5 H11 N O2 S'  149.211 
PHE 'L-peptide linking' y PHENYLALANINE   ? 'C9 H11 N O2'    165.189 
PRO 'L-peptide linking' y PROLINE         ? 'C5 H9 N O2'     115.130 
SER 'L-peptide linking' y SERINE          ? 'C3 H7 N O3'     105.093 
THR 'L-peptide linking' y THREONINE       ? 'C4 H9 N O3'     119.119 
TRP 'L-peptide linking' y TRYPTOPHAN      ? 'C11 H12 N2 O2'  204.225 
TYR 'L-peptide linking' y TYROSINE        ? 'C9 H11 N O3'    181.189 
VAL 'L-peptide linking' y VALINE          ? 'C5 H11 N O2'    117.146 
# 
loop_
_pdbx_poly_seq_scheme.asym_id 
_pdbx_poly_seq_scheme.entity_id 
_pdbx_poly_seq_scheme.seq_id 
_pdbx_poly_seq_scheme.mon_id 
_pdbx_poly_seq_scheme.ndb_seq_num 
_pdbx_poly_seq_scheme.pdb_seq_num 
_pdbx_poly_seq_scheme.auth_seq_num 
_pdbx_poly_seq_scheme.pdb_mon_id 
_pdbx_poly_seq_scheme.auth_mon_id 
_pdbx_poly_seq_scheme.pdb_strand_id 
_pdbx_poly_seq_scheme.pdb_ins_code 
_pdbx_poly_seq_scheme.hetero 
A 1 1   PRO 1   1   1   PRO PRO A . n 
A 1 2   MET 2   2   2   MET MET A . n 
A 1 3   ILE 3   3   3   ILE ILE A . n 
A 1 4   LEU 4   4   4   LEU LEU A . n 
A 1 5   GLY 5   5   5   GLY GLY A . n 
A 1 6   TYR 6   6   6   TYR TYR A . n 
A 1 7   TRP 7   7   7   TRP TRP A . n 
A 1 8   ASN 8   8   8   ASN ASN A . n 
A 1 9   VAL 9   9   9   VAL VAL A . n 
A 1 10  ARG 10  10  10  ARG ARG A . n 
A 1 11  GLY 11  11  11  GLY GLY A . n 
A 1 12  LEU 12  12  12  LEU LEU A . n 
A 1 13  THR 13  13  13  THR THR A . n 
A 1 14  HIS 14  14  14  HIS HIS A . n 
A 1 15  PRO 15  15  15  PRO PRO A . n 
A 1 16  ILE 16  16  16  ILE ILE A . n 
A 1 17  ARG 17  17  17  ARG ARG A . n 
A 1 18  LEU 18  18  18  LEU LEU A . n 
A 1 19  LEU 19  19  19  LEU LEU A . n 
A 1 20  LEU 20  20  20  LEU LEU A . n 
A 1 21  GLU 21  21  21  GLU GLU A . n 
A 1 22  TYR 22  22  22  TYR TYR A . n 
A 1 23  THR 23  23  23  THR THR A . n 
A 1 24  ASP 24  24  24  ASP ASP A . n 
A 1 25  SER 25  25  25  SER SER A . n 
A 1 26  SER 26  26  26  SER SER A . n 
A 1 27  TYR 27  27  27  TYR TYR A . n 
A 1 28  GLU 28  28  28  GLU GLU A . n 
A 1 29  GLU 29  29  29  GLU GLU A . n 
A 1 30  LYS 30  30  30  LYS LYS A . n 
A 1 31  ARG 31  31  31  ARG ARG A . n 
A 1 32  TYR 32  32  32  TYR TYR A . n 
A 1 33  ALA 33  33  33  ALA ALA A . n 
A 1 34  MET 34  34  34  MET MET A . n 
A 1 35  GLY 35  35  35  GLY GLY A . n 
A 1 36  ASP 36  36  36  ASP ASP A . n 
A 1 37  ALA 37  37  37  ALA ALA A . n 
A 1 38  PRO 38  38  38  PRO PRO A . n 
A 1 39  ASP 39  39  39  ASP ASP A . n 
A 1 40  TYR 40  40  40  TYR TYR A . n 
A 1 41  ASP 41  41  41  ASP ASP A . n 
A 1 42  ARG 42  42  42  ARG ARG A . n 
A 1 43  SER 43  43  43  SER SER A . n 
A 1 44  GLN 44  44  44  GLN GLN A . n 
A 1 45  TRP 45  45  45  TRP TRP A . n 
A 1 46  LEU 46  46  46  LEU LEU A . n 
A 1 47  ASN 47  47  47  ASN ASN A . n 
A 1 48  GLU 48  48  48  GLU GLU A . n 
A 1 49  LYS 49  49  49  LYS LYS A . n 
A 1 50  PHE 50  50  50  PHE PHE A . n 
A 1 51  LYS 51  51  51  LYS LYS A . n 
A 1 52  LEU 52  52  52  LEU LEU A . n 
A 1 53  GLY 53  53  53  GLY GLY A . n 
A 1 54  LEU 54  54  54  LEU LEU A . n 
A 1 55  ASP 55  55  55  ASP ASP A . n 
A 1 56  PHE 56  56  56  PHE PHE A . n 
A 1 57  PRO 57  57  57  PRO PRO A . n 
A 1 58  ASN 58  58  58  ASN ASN A . n 
A 1 59  LEU 59  59  59  LEU LEU A . n 
A 1 60  PRO 60  60  60  PRO PRO A . n 
A 1 61  TYR 61  61  61  TYR TYR A . n 
A 1 62  LEU 62  62  62  LEU LEU A . n 
A 1 63  ILE 63  63  63  ILE ILE A . n 
A 1 64  ASP 64  64  64  ASP ASP A . n 
A 1 65  GLY 65  65  65  GLY GLY A . n 
A 1 66  SER 66  66  66  SER SER A . n 
A 1 67  ARG 67  67  67  ARG ARG A . n 
A 1 68  LYS 68  68  68  LYS LYS A . n 
A 1 69  ILE 69  69  69  ILE ILE A . n 
A 1 70  THR 70  70  70  THR THR A . n 
A 1 71  GLN 71  71  71  GLN GLN A . n 
A 1 72  SER 72  72  72  SER SER A . n 
A 1 73  ASN 73  73  73  ASN ASN A . n 
A 1 74  ALA 74  74  74  ALA ALA A . n 
A 1 75  ILE 75  75  75  ILE ILE A . n 
A 1 76  MET 76  76  76  MET MET A . n 
A 1 77  ARG 77  77  77  ARG ARG A . n 
A 1 78  TYR 78  78  78  TYR TYR A . n 
A 1 79  LEU 79  79  79  LEU LEU A . n 
A 1 80  ALA 80  80  80  ALA ALA A . n 
A 1 81  ARG 81  81  81  ARG ARG A . n 
A 1 82  LYS 82  82  82  LYS LYS A . n 
A 1 83  HIS 83  83  83  HIS HIS A . n 
A 1 84  HIS 84  84  84  HIS HIS A . n 
A 1 85  LEU 85  85  85  LEU LEU A . n 
A 1 86  CYS 86  86  86  CYS CYS A . n 
A 1 87  GLY 87  87  87  GLY GLY A . n 
A 1 88  GLU 88  88  88  GLU GLU A . n 
A 1 89  THR 89  89  89  THR THR A . n 
A 1 90  GLU 90  90  90  GLU GLU A . n 
A 1 91  GLU 91  91  91  GLU GLU A . n 
A 1 92  GLU 92  92  92  GLU GLU A . n 
A 1 93  ARG 93  93  93  ARG ARG A . n 
A 1 94  ILE 94  94  94  ILE ILE A . n 
A 1 95  ARG 95  95  95  ARG ARG A . n 
A 1 96  ALA 96  96  96  ALA ALA A . n 
A 1 97  ASP 97  97  97  ASP ASP A . n 
A 1 98  ILE 98  98  98  ILE ILE A . n 
A 1 99  VAL 99  99  99  VAL VAL A . n 
A 1 100 GLU 100 100 100 GLU GLU A . n 
A 1 101 ASN 101 101 101 ASN ASN A . n 
A 1 102 GLN 102 102 102 GLN GLN A . n 
A 1 103 VAL 103 103 103 VAL VAL A . n 
A 1 104 MET 104 104 104 MET MET A . n 
A 1 105 ASP 105 105 105 ASP ASP A . n 
A 1 106 ASN 106 106 106 ASN ASN A . n 
A 1 107 ARG 107 107 107 ARG ARG A . n 
A 1 108 MET 108 108 108 MET MET A . n 
A 1 109 GLN 109 109 109 GLN GLN A . n 
A 1 110 LEU 110 110 110 LEU LEU A . n 
A 1 111 ILE 111 111 111 ILE ILE A . n 
A 1 112 MET 112 112 112 MET MET A . n 
A 1 113 LEU 113 113 113 LEU LEU A . n 
A 1 114 CYS 114 114 114 CYS CYS A . n 
A 1 115 TYR 115 115 115 TYR TYR A . n 
A 1 116 ASN 116 116 116 ASN ASN A . n 
A 1 117 PRO 117 117 117 PRO PRO A . n 
A 1 118 ASP 118 118 118 ASP ASP A . n 
A 1 119 PHE 119 119 119 PHE PHE A . n 
A 1 120 GLU 120 120 120 GLU GLU A . n 
A 1 121 LYS 121 121 121 LYS LYS A . n 
A 1 122 GLN 122 122 122 GLN GLN A . n 
A 1 123 LYS 123 123 123 LYS LYS A . n 
A 1 124 PRO 124 124 124 PRO PRO A . n 
A 1 125 GLU 125 125 125 GLU GLU A . n 
A 1 126 PHE 126 126 126 PHE PHE A . n 
A 1 127 LEU 127 127 127 LEU LEU A . n 
A 1 128 LYS 128 128 128 LYS LYS A . n 
A 1 129 THR 129 129 129 THR THR A . n 
A 1 130 ILE 130 130 130 ILE ILE A . n 
A 1 131 PRO 131 131 131 PRO PRO A . n 
A 1 132 GLU 132 132 132 GLU GLU A . n 
A 1 133 LYS 133 133 133 LYS LYS A . n 
A 1 134 MET 134 134 134 MET MET A . n 
A 1 135 LYS 135 135 135 LYS LYS A . n 
A 1 136 LEU 136 136 136 LEU LEU A . n 
A 1 137 TYR 137 137 137 TYR TYR A . n 
A 1 138 SER 138 138 138 SER SER A . n 
A 1 139 GLU 139 139 139 GLU GLU A . n 
A 1 140 PHE 140 140 140 PHE PHE A . n 
A 1 141 LEU 141 141 141 LEU LEU A . n 
A 1 142 GLY 142 142 142 GLY GLY A . n 
A 1 143 LYS 143 143 143 LYS LYS A . n 
A 1 144 ARG 144 144 144 ARG ARG A . n 
A 1 145 PRO 145 145 145 PRO PRO A . n 
A 1 146 TRP 146 146 146 TRP TRP A . n 
A 1 147 PHE 147 147 147 PHE PHE A . n 
A 1 148 ALA 148 148 148 ALA ALA A . n 
A 1 149 GLY 149 149 149 GLY GLY A . n 
A 1 150 ASP 150 150 150 ASP ASP A . n 
A 1 151 LYS 151 151 151 LYS LYS A . n 
A 1 152 VAL 152 152 152 VAL VAL A . n 
A 1 153 THR 153 153 153 THR THR A . n 
A 1 154 TYR 154 154 154 TYR TYR A . n 
A 1 155 VAL 155 155 155 VAL VAL A . n 
A 1 156 ASP 156 156 156 ASP ASP A . n 
A 1 157 PHE 157 157 157 PHE PHE A . n 
A 1 158 LEU 158 158 158 LEU LEU A . n 
A 1 159 ALA 159 159 159 ALA ALA A . n 
A 1 160 TYR 160 160 160 TYR TYR A . n 
A 1 161 ASP 161 161 161 ASP ASP A . n 
A 1 162 ILE 162 162 162 ILE ILE A . n 
A 1 163 LEU 163 163 163 LEU LEU A . n 
A 1 164 ASP 164 164 164 ASP ASP A . n 
A 1 165 GLN 165 165 165 GLN GLN A . n 
A 1 166 TYR 166 166 166 TYR TYR A . n 
A 1 167 HIS 167 167 167 HIS HIS A . n 
A 1 168 ILE 168 168 168 ILE ILE A . n 
A 1 169 PHE 169 169 169 PHE PHE A . n 
A 1 170 GLU 170 170 170 GLU GLU A . n 
A 1 171 PRO 171 171 171 PRO PRO A . n 
A 1 172 LYS 172 172 172 LYS LYS A . n 
A 1 173 CYS 173 173 173 CYS CYS A . n 
A 1 174 LEU 174 174 174 LEU LEU A . n 
A 1 175 ASP 175 175 175 ASP ASP A . n 
A 1 176 ALA 176 176 176 ALA ALA A . n 
A 1 177 PHE 177 177 177 PHE PHE A . n 
A 1 178 PRO 178 178 178 PRO PRO A . n 
A 1 179 ASN 179 179 179 ASN ASN A . n 
A 1 180 LEU 180 180 180 LEU LEU A . n 
A 1 181 LYS 181 181 181 LYS LYS A . n 
A 1 182 ASP 182 182 182 ASP ASP A . n 
A 1 183 PHE 183 183 183 PHE PHE A . n 
A 1 184 LEU 184 184 184 LEU LEU A . n 
A 1 185 ALA 185 185 185 ALA ALA A . n 
A 1 186 ARG 186 186 186 ARG ARG A . n 
A 1 187 PHE 187 187 187 PHE PHE A . n 
A 1 188 GLU 188 188 188 GLU GLU A . n 
A 1 189 GLY 189 189 189 GLY GLY A . n 
A 1 190 LEU 190 190 190 LEU LEU A . n 
A 1 191 LYS 191 191 191 LYS LYS A . n 
A 1 192 LYS 192 192 192 LYS LYS A . n 
A 1 193 ILE 193 193 193 ILE ILE A . n 
A 1 194 SER 194 194 194 SER SER A . n 
A 1 195 ALA 195 195 195 ALA ALA A . n 
A 1 196 TYR 196 196 196 TYR TYR A . n 
A 1 197 MET 197 197 197 MET MET A . n 
A 1 198 LYS 198 198 198 LYS LYS A . n 
A 1 199 SER 199 199 199 SER SER A . n 
A 1 200 SER 200 200 200 SER SER A . n 
A 1 201 ARG 201 201 201 ARG ARG A . n 
A 1 202 TYR 202 202 202 TYR TYR A . n 
A 1 203 LEU 203 203 203 LEU LEU A . n 
A 1 204 SER 204 204 204 SER SER A . n 
A 1 205 THR 205 205 205 THR THR A . n 
A 1 206 PRO 206 206 206 PRO PRO A . n 
A 1 207 ILE 207 207 207 ILE ILE A . n 
A 1 208 PHE 208 208 208 PHE PHE A . n 
A 1 209 SER 209 209 209 SER SER A . n 
A 1 210 LYS 210 210 210 LYS LYS A . n 
A 1 211 LEU 211 211 211 LEU LEU A . n 
A 1 212 ALA 212 212 212 ALA ALA A . n 
A 1 213 GLN 213 213 213 GLN GLN A . n 
A 1 214 TRP 214 214 214 TRP TRP A . n 
A 1 215 SER 215 215 215 SER SER A . n 
A 1 216 ASN 216 216 216 ASN ASN A . n 
A 1 217 LYS 217 217 217 LYS LYS A . n 
B 1 1   PRO 1   1   1   PRO PRO B . n 
B 1 2   MET 2   2   2   MET MET B . n 
B 1 3   ILE 3   3   3   ILE ILE B . n 
B 1 4   LEU 4   4   4   LEU LEU B . n 
B 1 5   GLY 5   5   5   GLY GLY B . n 
B 1 6   TYR 6   6   6   TYR TYR B . n 
B 1 7   TRP 7   7   7   TRP TRP B . n 
B 1 8   ASN 8   8   8   ASN ASN B . n 
B 1 9   VAL 9   9   9   VAL VAL B . n 
B 1 10  ARG 10  10  10  ARG ARG B . n 
B 1 11  GLY 11  11  11  GLY GLY B . n 
B 1 12  LEU 12  12  12  LEU LEU B . n 
B 1 13  THR 13  13  13  THR THR B . n 
B 1 14  HIS 14  14  14  HIS HIS B . n 
B 1 15  PRO 15  15  15  PRO PRO B . n 
B 1 16  ILE 16  16  16  ILE ILE B . n 
B 1 17  ARG 17  17  17  ARG ARG B . n 
B 1 18  LEU 18  18  18  LEU LEU B . n 
B 1 19  LEU 19  19  19  LEU LEU B . n 
B 1 20  LEU 20  20  20  LEU LEU B . n 
B 1 21  GLU 21  21  21  GLU GLU B . n 
B 1 22  TYR 22  22  22  TYR TYR B . n 
B 1 23  THR 23  23  23  THR THR B . n 
B 1 24  ASP 24  24  24  ASP ASP B . n 
B 1 25  SER 25  25  25  SER SER B . n 
B 1 26  SER 26  26  26  SER SER B . n 
B 1 27  TYR 27  27  27  TYR TYR B . n 
B 1 28  GLU 28  28  28  GLU GLU B . n 
B 1 29  GLU 29  29  29  GLU GLU B . n 
B 1 30  LYS 30  30  30  LYS LYS B . n 
B 1 31  ARG 31  31  31  ARG ARG B . n 
B 1 32  TYR 32  32  32  TYR TYR B . n 
B 1 33  ALA 33  33  33  ALA ALA B . n 
B 1 34  MET 34  34  34  MET MET B . n 
B 1 35  GLY 35  35  35  GLY GLY B . n 
B 1 36  ASP 36  36  36  ASP ASP B . n 
B 1 37  ALA 37  37  37  ALA ALA B . n 
B 1 38  PRO 38  38  38  PRO PRO B . n 
B 1 39  ASP 39  39  39  ASP ASP B . n 
B 1 40  TYR 40  40  40  TYR TYR B . n 
B 1 41  ASP 41  41  41  ASP ASP B . n 
B 1 42  ARG 42  42  42  ARG ARG B . n 
B 1 43  SER 43  43  43  SER SER B . n 
B 1 44  GLN 44  44  44  GLN GLN B . n 
B 1 45  TRP 45  45  45  TRP TRP B . n 
B 1 46  LEU 46  46  46  LEU LEU B . n 
B 1 47  ASN 47  47  47  ASN ASN B . n 
B 1 48  GLU 48  48  48  GLU GLU B . n 
B 1 49  LYS 49  49  49  LYS LYS B . n 
B 1 50  PHE 50  50  50  PHE PHE B . n 
B 1 51  LYS 51  51  51  LYS LYS B . n 
B 1 52  LEU 52  52  52  LEU LEU B . n 
B 1 53  GLY 53  53  53  GLY GLY B . n 
B 1 54  LEU 54  54  54  LEU LEU B . n 
B 1 55  ASP 55  55  55  ASP ASP B . n 
B 1 56  PHE 56  56  56  PHE PHE B . n 
B 1 57  PRO 57  57  57  PRO PRO B . n 
B 1 58  ASN 58  58  58  ASN ASN B . n 
B 1 59  LEU 59  59  59  LEU LEU B . n 
B 1 60  PRO 60  60  60  PRO PRO B . n 
B 1 61  TYR 61  61  61  TYR TYR B . n 
B 1 62  LEU 62  62  62  LEU LEU B . n 
B 1 63  ILE 63  63  63  ILE ILE B . n 
B 1 64  ASP 64  64  64  ASP ASP B . n 
B 1 65  GLY 65  65  65  GLY GLY B . n 
B 1 66  SER 66  66  66  SER SER B . n 
B 1 67  ARG 67  67  67  ARG ARG B . n 
B 1 68  LYS 68  68  68  LYS LYS B . n 
B 1 69  ILE 69  69  69  ILE ILE B . n 
B 1 70  THR 70  70  70  THR THR B . n 
B 1 71  GLN 71  71  71  GLN GLN B . n 
B 1 72  SER 72  72  72  SER SER B . n 
B 1 73  ASN 73  73  73  ASN ASN B . n 
B 1 74  ALA 74  74  74  ALA ALA B . n 
B 1 75  ILE 75  75  75  ILE ILE B . n 
B 1 76  MET 76  76  76  MET MET B . n 
B 1 77  ARG 77  77  77  ARG ARG B . n 
B 1 78  TYR 78  78  78  TYR TYR B . n 
B 1 79  LEU 79  79  79  LEU LEU B . n 
B 1 80  ALA 80  80  80  ALA ALA B . n 
B 1 81  ARG 81  81  81  ARG ARG B . n 
B 1 82  LYS 82  82  82  LYS LYS B . n 
B 1 83  HIS 83  83  83  HIS HIS B . n 
B 1 84  HIS 84  84  84  HIS HIS B . n 
B 1 85  LEU 85  85  85  LEU LEU B . n 
B 1 86  CYS 86  86  86  CYS CYS B . n 
B 1 87  GLY 87  87  87  GLY GLY B . n 
B 1 88  GLU 88  88  88  GLU GLU B . n 
B 1 89  THR 89  89  89  THR THR B . n 
B 1 90  GLU 90  90  90  GLU GLU B . n 
B 1 91  GLU 91  91  91  GLU GLU B . n 
B 1 92  GLU 92  92  92  GLU GLU B . n 
B 1 93  ARG 93  93  93  ARG ARG B . n 
B 1 94  ILE 94  94  94  ILE ILE B . n 
B 1 95  ARG 95  95  95  ARG ARG B . n 
B 1 96  ALA 96  96  96  ALA ALA B . n 
B 1 97  ASP 97  97  97  ASP ASP B . n 
B 1 98  ILE 98  98  98  ILE ILE B . n 
B 1 99  VAL 99  99  99  VAL VAL B . n 
B 1 100 GLU 100 100 100 GLU GLU B . n 
B 1 101 ASN 101 101 101 ASN ASN B . n 
B 1 102 GLN 102 102 102 GLN GLN B . n 
B 1 103 VAL 103 103 103 VAL VAL B . n 
B 1 104 MET 104 104 104 MET MET B . n 
B 1 105 ASP 105 105 105 ASP ASP B . n 
B 1 106 ASN 106 106 106 ASN ASN B . n 
B 1 107 ARG 107 107 107 ARG ARG B . n 
B 1 108 MET 108 108 108 MET MET B . n 
B 1 109 GLN 109 109 109 GLN GLN B . n 
B 1 110 LEU 110 110 110 LEU LEU B . n 
B 1 111 ILE 111 111 111 ILE ILE B . n 
B 1 112 MET 112 112 112 MET MET B . n 
B 1 113 LEU 113 113 113 LEU LEU B . n 
B 1 114 CYS 114 114 114 CYS CYS B . n 
B 1 115 TYR 115 115 115 TYR TYR B . n 
B 1 116 ASN 116 116 116 ASN ASN B . n 
B 1 117 PRO 117 117 117 PRO PRO B . n 
B 1 118 ASP 118 118 118 ASP ASP B . n 
B 1 119 PHE 119 119 119 PHE PHE B . n 
B 1 120 GLU 120 120 120 GLU GLU B . n 
B 1 121 LYS 121 121 121 LYS LYS B . n 
B 1 122 GLN 122 122 122 GLN GLN B . n 
B 1 123 LYS 123 123 123 LYS LYS B . n 
B 1 124 PRO 124 124 124 PRO PRO B . n 
B 1 125 GLU 125 125 125 GLU GLU B . n 
B 1 126 PHE 126 126 126 PHE PHE B . n 
B 1 127 LEU 127 127 127 LEU LEU B . n 
B 1 128 LYS 128 128 128 LYS LYS B . n 
B 1 129 THR 129 129 129 THR THR B . n 
B 1 130 ILE 130 130 130 ILE ILE B . n 
B 1 131 PRO 131 131 131 PRO PRO B . n 
B 1 132 GLU 132 132 132 GLU GLU B . n 
B 1 133 LYS 133 133 133 LYS LYS B . n 
B 1 134 MET 134 134 134 MET MET B . n 
B 1 135 LYS 135 135 135 LYS LYS B . n 
B 1 136 LEU 136 136 136 LEU LEU B . n 
B 1 137 TYR 137 137 137 TYR TYR B . n 
B 1 138 SER 138 138 138 SER SER B . n 
B 1 139 GLU 139 139 139 GLU GLU B . n 
B 1 140 PHE 140 140 140 PHE PHE B . n 
B 1 141 LEU 141 141 141 LEU LEU B . n 
B 1 142 GLY 142 142 142 GLY GLY B . n 
B 1 143 LYS 143 143 143 LYS LYS B . n 
B 1 144 ARG 144 144 144 ARG ARG B . n 
B 1 145 PRO 145 145 145 PRO PRO B . n 
B 1 146 TRP 146 146 146 TRP TRP B . n 
B 1 147 PHE 147 147 147 PHE PHE B . n 
B 1 148 ALA 148 148 148 ALA ALA B . n 
B 1 149 GLY 149 149 149 GLY GLY B . n 
B 1 150 ASP 150 150 150 ASP ASP B . n 
B 1 151 LYS 151 151 151 LYS LYS B . n 
B 1 152 VAL 152 152 152 VAL VAL B . n 
B 1 153 THR 153 153 153 THR THR B . n 
B 1 154 TYR 154 154 154 TYR TYR B . n 
B 1 155 VAL 155 155 155 VAL VAL B . n 
B 1 156 ASP 156 156 156 ASP ASP B . n 
B 1 157 PHE 157 157 157 PHE PHE B . n 
B 1 158 LEU 158 158 158 LEU LEU B . n 
B 1 159 ALA 159 159 159 ALA ALA B . n 
B 1 160 TYR 160 160 160 TYR TYR B . n 
B 1 161 ASP 161 161 161 ASP ASP B . n 
B 1 162 ILE 162 162 162 ILE ILE B . n 
B 1 163 LEU 163 163 163 LEU LEU B . n 
B 1 164 ASP 164 164 164 ASP ASP B . n 
B 1 165 GLN 165 165 165 GLN GLN B . n 
B 1 166 TYR 166 166 166 TYR TYR B . n 
B 1 167 HIS 167 167 167 HIS HIS B . n 
B 1 168 ILE 168 168 168 ILE ILE B . n 
B 1 169 PHE 169 169 169 PHE PHE B . n 
B 1 170 GLU 170 170 170 GLU GLU B . n 
B 1 171 PRO 171 171 171 PRO PRO B . n 
B 1 172 LYS 172 172 172 LYS LYS B . n 
B 1 173 CYS 173 173 173 CYS CYS B . n 
B 1 174 LEU 174 174 174 LEU LEU B . n 
B 1 175 ASP 175 175 175 ASP ASP B . n 
B 1 176 ALA 176 176 176 ALA ALA B . n 
B 1 177 PHE 177 177 177 PHE PHE B . n 
B 1 178 PRO 178 178 178 PRO PRO B . n 
B 1 179 ASN 179 179 179 ASN ASN B . n 
B 1 180 LEU 180 180 180 LEU LEU B . n 
B 1 181 LYS 181 181 181 LYS LYS B . n 
B 1 182 ASP 182 182 182 ASP ASP B . n 
B 1 183 PHE 183 183 183 PHE PHE B . n 
B 1 184 LEU 184 184 184 LEU LEU B . n 
B 1 185 ALA 185 185 185 ALA ALA B . n 
B 1 186 ARG 186 186 186 ARG ARG B . n 
B 1 187 PHE 187 187 187 PHE PHE B . n 
B 1 188 GLU 188 188 188 GLU GLU B . n 
B 1 189 GLY 189 189 189 GLY GLY B . n 
B 1 190 LEU 190 190 190 LEU LEU B . n 
B 1 191 LYS 191 191 191 LYS LYS B . n 
B 1 192 LYS 192 192 192 LYS LYS B . n 
B 1 193 ILE 193 193 193 ILE ILE B . n 
B 1 194 SER 194 194 194 SER SER B . n 
B 1 195 ALA 195 195 195 ALA ALA B . n 
B 1 196 TYR 196 196 196 TYR TYR B . n 
B 1 197 MET 197 197 197 MET MET B . n 
B 1 198 LYS 198 198 198 LYS LYS B . n 
B 1 199 SER 199 199 199 SER SER B . n 
B 1 200 SER 200 200 200 SER SER B . n 
B 1 201 ARG 201 201 201 ARG ARG B . n 
B 1 202 TYR 202 202 202 TYR TYR B . n 
B 1 203 LEU 203 203 203 LEU LEU B . n 
B 1 204 SER 204 204 204 SER SER B . n 
B 1 205 THR 205 205 205 THR THR B . n 
B 1 206 PRO 206 206 206 PRO PRO B . n 
B 1 207 ILE 207 207 207 ILE ILE B . n 
B 1 208 PHE 208 208 208 PHE PHE B . n 
B 1 209 SER 209 209 209 SER SER B . n 
B 1 210 LYS 210 210 210 LYS LYS B . n 
B 1 211 LEU 211 211 211 LEU LEU B . n 
B 1 212 ALA 212 212 212 ALA ALA B . n 
B 1 213 GLN 213 213 213 GLN GLN B . n 
B 1 214 TRP 214 214 214 TRP TRP B . n 
B 1 215 SER 215 215 215 SER SER B . n 
B 1 216 ASN 216 216 216 ASN ASN B . n 
B 1 217 LYS 217 217 217 LYS LYS B . n 
C 1 1   PRO 1   1   1   PRO PRO C . n 
C 1 2   MET 2   2   2   MET MET C . n 
C 1 3   ILE 3   3   3   ILE ILE C . n 
C 1 4   LEU 4   4   4   LEU LEU C . n 
C 1 5   GLY 5   5   5   GLY GLY C . n 
C 1 6   TYR 6   6   6   TYR TYR C . n 
C 1 7   TRP 7   7   7   TRP TRP C . n 
C 1 8   ASN 8   8   8   ASN ASN C . n 
C 1 9   VAL 9   9   9   VAL VAL C . n 
C 1 10  ARG 10  10  10  ARG ARG C . n 
C 1 11  GLY 11  11  11  GLY GLY C . n 
C 1 12  LEU 12  12  12  LEU LEU C . n 
C 1 13  THR 13  13  13  THR THR C . n 
C 1 14  HIS 14  14  14  HIS HIS C . n 
C 1 15  PRO 15  15  15  PRO PRO C . n 
C 1 16  ILE 16  16  16  ILE ILE C . n 
C 1 17  ARG 17  17  17  ARG ARG C . n 
C 1 18  LEU 18  18  18  LEU LEU C . n 
C 1 19  LEU 19  19  19  LEU LEU C . n 
C 1 20  LEU 20  20  20  LEU LEU C . n 
C 1 21  GLU 21  21  21  GLU GLU C . n 
C 1 22  TYR 22  22  22  TYR TYR C . n 
C 1 23  THR 23  23  23  THR THR C . n 
C 1 24  ASP 24  24  24  ASP ASP C . n 
C 1 25  SER 25  25  25  SER SER C . n 
C 1 26  SER 26  26  26  SER SER C . n 
C 1 27  TYR 27  27  27  TYR TYR C . n 
C 1 28  GLU 28  28  28  GLU GLU C . n 
C 1 29  GLU 29  29  29  GLU GLU C . n 
C 1 30  LYS 30  30  30  LYS LYS C . n 
C 1 31  ARG 31  31  31  ARG ARG C . n 
C 1 32  TYR 32  32  32  TYR TYR C . n 
C 1 33  ALA 33  33  33  ALA ALA C . n 
C 1 34  MET 34  34  34  MET MET C . n 
C 1 35  GLY 35  35  35  GLY GLY C . n 
C 1 36  ASP 36  36  36  ASP ASP C . n 
C 1 37  ALA 37  37  37  ALA ALA C . n 
C 1 38  PRO 38  38  38  PRO PRO C . n 
C 1 39  ASP 39  39  39  ASP ASP C . n 
C 1 40  TYR 40  40  40  TYR TYR C . n 
C 1 41  ASP 41  41  41  ASP ASP C . n 
C 1 42  ARG 42  42  42  ARG ARG C . n 
C 1 43  SER 43  43  43  SER SER C . n 
C 1 44  GLN 44  44  44  GLN GLN C . n 
C 1 45  TRP 45  45  45  TRP TRP C . n 
C 1 46  LEU 46  46  46  LEU LEU C . n 
C 1 47  ASN 47  47  47  ASN ASN C . n 
C 1 48  GLU 48  48  48  GLU GLU C . n 
C 1 49  LYS 49  49  49  LYS LYS C . n 
C 1 50  PHE 50  50  50  PHE PHE C . n 
C 1 51  LYS 51  51  51  LYS LYS C . n 
C 1 52  LEU 52  52  52  LEU LEU C . n 
C 1 53  GLY 53  53  53  GLY GLY C . n 
C 1 54  LEU 54  54  54  LEU LEU C . n 
C 1 55  ASP 55  55  55  ASP ASP C . n 
C 1 56  PHE 56  56  56  PHE PHE C . n 
C 1 57  PRO 57  57  57  PRO PRO C . n 
C 1 58  ASN 58  58  58  ASN ASN C . n 
C 1 59  LEU 59  59  59  LEU LEU C . n 
C 1 60  PRO 60  60  60  PRO PRO C . n 
C 1 61  TYR 61  61  61  TYR TYR C . n 
C 1 62  LEU 62  62  62  LEU LEU C . n 
C 1 63  ILE 63  63  63  ILE ILE C . n 
C 1 64  ASP 64  64  64  ASP ASP C . n 
C 1 65  GLY 65  65  65  GLY GLY C . n 
C 1 66  SER 66  66  66  SER SER C . n 
C 1 67  ARG 67  67  67  ARG ARG C . n 
C 1 68  LYS 68  68  68  LYS LYS C . n 
C 1 69  ILE 69  69  69  ILE ILE C . n 
C 1 70  THR 70  70  70  THR THR C . n 
C 1 71  GLN 71  71  71  GLN GLN C . n 
C 1 72  SER 72  72  72  SER SER C . n 
C 1 73  ASN 73  73  73  ASN ASN C . n 
C 1 74  ALA 74  74  74  ALA ALA C . n 
C 1 75  ILE 75  75  75  ILE ILE C . n 
C 1 76  MET 76  76  76  MET MET C . n 
C 1 77  ARG 77  77  77  ARG ARG C . n 
C 1 78  TYR 78  78  78  TYR TYR C . n 
C 1 79  LEU 79  79  79  LEU LEU C . n 
C 1 80  ALA 80  80  80  ALA ALA C . n 
C 1 81  ARG 81  81  81  ARG ARG C . n 
C 1 82  LYS 82  82  82  LYS LYS C . n 
C 1 83  HIS 83  83  83  HIS HIS C . n 
C 1 84  HIS 84  84  84  HIS HIS C . n 
C 1 85  LEU 85  85  85  LEU LEU C . n 
C 1 86  CYS 86  86  86  CYS CYS C . n 
C 1 87  GLY 87  87  87  GLY GLY C . n 
C 1 88  GLU 88  88  88  GLU GLU C . n 
C 1 89  THR 89  89  89  THR THR C . n 
C 1 90  GLU 90  90  90  GLU GLU C . n 
C 1 91  GLU 91  91  91  GLU GLU C . n 
C 1 92  GLU 92  92  92  GLU GLU C . n 
C 1 93  ARG 93  93  93  ARG ARG C . n 
C 1 94  ILE 94  94  94  ILE ILE C . n 
C 1 95  ARG 95  95  95  ARG ARG C . n 
C 1 96  ALA 96  96  96  ALA ALA C . n 
C 1 97  ASP 97  97  97  ASP ASP C . n 
C 1 98  ILE 98  98  98  ILE ILE C . n 
C 1 99  VAL 99  99  99  VAL VAL C . n 
C 1 100 GLU 100 100 100 GLU GLU C . n 
C 1 101 ASN 101 101 101 ASN ASN C . n 
C 1 102 GLN 102 102 102 GLN GLN C . n 
C 1 103 VAL 103 103 103 VAL VAL C . n 
C 1 104 MET 104 104 104 MET MET C . n 
C 1 105 ASP 105 105 105 ASP ASP C . n 
C 1 106 ASN 106 106 106 ASN ASN C . n 
C 1 107 ARG 107 107 107 ARG ARG C . n 
C 1 108 MET 108 108 108 MET MET C . n 
C 1 109 GLN 109 109 109 GLN GLN C . n 
C 1 110 LEU 110 110 110 LEU LEU C . n 
C 1 111 ILE 111 111 111 ILE ILE C . n 
C 1 112 MET 112 112 112 MET MET C . n 
C 1 113 LEU 113 113 113 LEU LEU C . n 
C 1 114 CYS 114 114 114 CYS CYS C . n 
C 1 115 TYR 115 115 115 TYR TYR C . n 
C 1 116 ASN 116 116 116 ASN ASN C . n 
C 1 117 PRO 117 117 117 PRO PRO C . n 
C 1 118 ASP 118 118 118 ASP ASP C . n 
C 1 119 PHE 119 119 119 PHE PHE C . n 
C 1 120 GLU 120 120 120 GLU GLU C . n 
C 1 121 LYS 121 121 121 LYS LYS C . n 
C 1 122 GLN 122 122 122 GLN GLN C . n 
C 1 123 LYS 123 123 123 LYS LYS C . n 
C 1 124 PRO 124 124 124 PRO PRO C . n 
C 1 125 GLU 125 125 125 GLU GLU C . n 
C 1 126 PHE 126 126 126 PHE PHE C . n 
C 1 127 LEU 127 127 127 LEU LEU C . n 
C 1 128 LYS 128 128 128 LYS LYS C . n 
C 1 129 THR 129 129 129 THR THR C . n 
C 1 130 ILE 130 130 130 ILE ILE C . n 
C 1 131 PRO 131 131 131 PRO PRO C . n 
C 1 132 GLU 132 132 132 GLU GLU C . n 
C 1 133 LYS 133 133 133 LYS LYS C . n 
C 1 134 MET 134 134 134 MET MET C . n 
C 1 135 LYS 135 135 135 LYS LYS C . n 
C 1 136 LEU 136 136 136 LEU LEU C . n 
C 1 137 TYR 137 137 137 TYR TYR C . n 
C 1 138 SER 138 138 138 SER SER C . n 
C 1 139 GLU 139 139 139 GLU GLU C . n 
C 1 140 PHE 140 140 140 PHE PHE C . n 
C 1 141 LEU 141 141 141 LEU LEU C . n 
C 1 142 GLY 142 142 142 GLY GLY C . n 
C 1 143 LYS 143 143 143 LYS LYS C . n 
C 1 144 ARG 144 144 144 ARG ARG C . n 
C 1 145 PRO 145 145 145 PRO PRO C . n 
C 1 146 TRP 146 146 146 TRP TRP C . n 
C 1 147 PHE 147 147 147 PHE PHE C . n 
C 1 148 ALA 148 148 148 ALA ALA C . n 
C 1 149 GLY 149 149 149 GLY GLY C . n 
C 1 150 ASP 150 150 150 ASP ASP C . n 
C 1 151 LYS 151 151 151 LYS LYS C . n 
C 1 152 VAL 152 152 152 VAL VAL C . n 
C 1 153 THR 153 153 153 THR THR C . n 
C 1 154 TYR 154 154 154 TYR TYR C . n 
C 1 155 VAL 155 155 155 VAL VAL C . n 
C 1 156 ASP 156 156 156 ASP ASP C . n 
C 1 157 PHE 157 157 157 PHE PHE C . n 
C 1 158 LEU 158 158 158 LEU LEU C . n 
C 1 159 ALA 159 159 159 ALA ALA C . n 
C 1 160 TYR 160 160 160 TYR TYR C . n 
C 1 161 ASP 161 161 161 ASP ASP C . n 
C 1 162 ILE 162 162 162 ILE ILE C . n 
C 1 163 LEU 163 163 163 LEU LEU C . n 
C 1 164 ASP 164 164 164 ASP ASP C . n 
C 1 165 GLN 165 165 165 GLN GLN C . n 
C 1 166 TYR 166 166 166 TYR TYR C . n 
C 1 167 HIS 167 167 167 HIS HIS C . n 
C 1 168 ILE 168 168 168 ILE ILE C . n 
C 1 169 PHE 169 169 169 PHE PHE C . n 
C 1 170 GLU 170 170 170 GLU GLU C . n 
C 1 171 PRO 171 171 171 PRO PRO C . n 
C 1 172 LYS 172 172 172 LYS LYS C . n 
C 1 173 CYS 173 173 173 CYS CYS C . n 
C 1 174 LEU 174 174 174 LEU LEU C . n 
C 1 175 ASP 175 175 175 ASP ASP C . n 
C 1 176 ALA 176 176 176 ALA ALA C . n 
C 1 177 PHE 177 177 177 PHE PHE C . n 
C 1 178 PRO 178 178 178 PRO PRO C . n 
C 1 179 ASN 179 179 179 ASN ASN C . n 
C 1 180 LEU 180 180 180 LEU LEU C . n 
C 1 181 LYS 181 181 181 LYS LYS C . n 
C 1 182 ASP 182 182 182 ASP ASP C . n 
C 1 183 PHE 183 183 183 PHE PHE C . n 
C 1 184 LEU 184 184 184 LEU LEU C . n 
C 1 185 ALA 185 185 185 ALA ALA C . n 
C 1 186 ARG 186 186 186 ARG ARG C . n 
C 1 187 PHE 187 187 187 PHE PHE C . n 
C 1 188 GLU 188 188 188 GLU GLU C . n 
C 1 189 GLY 189 189 189 GLY GLY C . n 
C 1 190 LEU 190 190 190 LEU LEU C . n 
C 1 191 LYS 191 191 191 LYS LYS C . n 
C 1 192 LYS 192 192 192 LYS LYS C . n 
C 1 193 ILE 193 193 193 ILE ILE C . n 
C 1 194 SER 194 194 194 SER SER C . n 
C 1 195 ALA 195 195 195 ALA ALA C . n 
C 1 196 TYR 196 196 196 TYR TYR C . n 
C 1 197 MET 197 197 197 MET MET C . n 
C 1 198 LYS 198 198 198 LYS LYS C . n 
C 1 199 SER 199 199 199 SER SER C . n 
C 1 200 SER 200 200 200 SER SER C . n 
C 1 201 ARG 201 201 201 ARG ARG C . n 
C 1 202 TYR 202 202 202 TYR TYR C . n 
C 1 203 LEU 203 203 203 LEU LEU C . n 
C 1 204 SER 204 204 204 SER SER C . n 
C 1 205 THR 205 205 205 THR THR C . n 
C 1 206 PRO 206 206 206 PRO PRO C . n 
C 1 207 ILE 207 207 207 ILE ILE C . n 
C 1 208 PHE 208 208 208 PHE PHE C . n 
C 1 209 SER 209 209 209 SER SER C . n 
C 1 210 LYS 210 210 210 LYS LYS C . n 
C 1 211 LEU 211 211 211 LEU LEU C . n 
C 1 212 ALA 212 212 212 ALA ALA C . n 
C 1 213 GLN 213 213 213 GLN GLN C . n 
C 1 214 TRP 214 214 214 TRP TRP C . n 
C 1 215 SER 215 215 215 SER SER C . n 
C 1 216 ASN 216 216 216 ASN ASN C . n 
C 1 217 LYS 217 217 217 LYS LYS C . n 
D 1 1   PRO 1   1   1   PRO PRO D . n 
D 1 2   MET 2   2   2   MET MET D . n 
D 1 3   ILE 3   3   3   ILE ILE D . n 
D 1 4   LEU 4   4   4   LEU LEU D . n 
D 1 5   GLY 5   5   5   GLY GLY D . n 
D 1 6   TYR 6   6   6   TYR TYR D . n 
D 1 7   TRP 7   7   7   TRP TRP D . n 
D 1 8   ASN 8   8   8   ASN ASN D . n 
D 1 9   VAL 9   9   9   VAL VAL D . n 
D 1 10  ARG 10  10  10  ARG ARG D . n 
D 1 11  GLY 11  11  11  GLY GLY D . n 
D 1 12  LEU 12  12  12  LEU LEU D . n 
D 1 13  THR 13  13  13  THR THR D . n 
D 1 14  HIS 14  14  14  HIS HIS D . n 
D 1 15  PRO 15  15  15  PRO PRO D . n 
D 1 16  ILE 16  16  16  ILE ILE D . n 
D 1 17  ARG 17  17  17  ARG ARG D . n 
D 1 18  LEU 18  18  18  LEU LEU D . n 
D 1 19  LEU 19  19  19  LEU LEU D . n 
D 1 20  LEU 20  20  20  LEU LEU D . n 
D 1 21  GLU 21  21  21  GLU GLU D . n 
D 1 22  TYR 22  22  22  TYR TYR D . n 
D 1 23  THR 23  23  23  THR THR D . n 
D 1 24  ASP 24  24  24  ASP ASP D . n 
D 1 25  SER 25  25  25  SER SER D . n 
D 1 26  SER 26  26  26  SER SER D . n 
D 1 27  TYR 27  27  27  TYR TYR D . n 
D 1 28  GLU 28  28  28  GLU GLU D . n 
D 1 29  GLU 29  29  29  GLU GLU D . n 
D 1 30  LYS 30  30  30  LYS LYS D . n 
D 1 31  ARG 31  31  31  ARG ARG D . n 
D 1 32  TYR 32  32  32  TYR TYR D . n 
D 1 33  ALA 33  33  33  ALA ALA D . n 
D 1 34  MET 34  34  34  MET MET D . n 
D 1 35  GLY 35  35  35  GLY GLY D . n 
D 1 36  ASP 36  36  36  ASP ASP D . n 
D 1 37  ALA 37  37  37  ALA ALA D . n 
D 1 38  PRO 38  38  38  PRO PRO D . n 
D 1 39  ASP 39  39  39  ASP ASP D . n 
D 1 40  TYR 40  40  40  TYR TYR D . n 
D 1 41  ASP 41  41  41  ASP ASP D . n 
D 1 42  ARG 42  42  42  ARG ARG D . n 
D 1 43  SER 43  43  43  SER SER D . n 
D 1 44  GLN 44  44  44  GLN GLN D . n 
D 1 45  TRP 45  45  45  TRP TRP D . n 
D 1 46  LEU 46  46  46  LEU LEU D . n 
D 1 47  ASN 47  47  47  ASN ASN D . n 
D 1 48  GLU 48  48  48  GLU GLU D . n 
D 1 49  LYS 49  49  49  LYS LYS D . n 
D 1 50  PHE 50  50  50  PHE PHE D . n 
D 1 51  LYS 51  51  51  LYS LYS D . n 
D 1 52  LEU 52  52  52  LEU LEU D . n 
D 1 53  GLY 53  53  53  GLY GLY D . n 
D 1 54  LEU 54  54  54  LEU LEU D . n 
D 1 55  ASP 55  55  55  ASP ASP D . n 
D 1 56  PHE 56  56  56  PHE PHE D . n 
D 1 57  PRO 57  57  57  PRO PRO D . n 
D 1 58  ASN 58  58  58  ASN ASN D . n 
D 1 59  LEU 59  59  59  LEU LEU D . n 
D 1 60  PRO 60  60  60  PRO PRO D . n 
D 1 61  TYR 61  61  61  TYR TYR D . n 
D 1 62  LEU 62  62  62  LEU LEU D . n 
D 1 63  ILE 63  63  63  ILE ILE D . n 
D 1 64  ASP 64  64  64  ASP ASP D . n 
D 1 65  GLY 65  65  65  GLY GLY D . n 
D 1 66  SER 66  66  66  SER SER D . n 
D 1 67  ARG 67  67  67  ARG ARG D . n 
D 1 68  LYS 68  68  68  LYS LYS D . n 
D 1 69  ILE 69  69  69  ILE ILE D . n 
D 1 70  THR 70  70  70  THR THR D . n 
D 1 71  GLN 71  71  71  GLN GLN D . n 
D 1 72  SER 72  72  72  SER SER D . n 
D 1 73  ASN 73  73  73  ASN ASN D . n 
D 1 74  ALA 74  74  74  ALA ALA D . n 
D 1 75  ILE 75  75  75  ILE ILE D . n 
D 1 76  MET 76  76  76  MET MET D . n 
D 1 77  ARG 77  77  77  ARG ARG D . n 
D 1 78  TYR 78  78  78  TYR TYR D . n 
D 1 79  LEU 79  79  79  LEU LEU D . n 
D 1 80  ALA 80  80  80  ALA ALA D . n 
D 1 81  ARG 81  81  81  ARG ARG D . n 
D 1 82  LYS 82  82  82  LYS LYS D . n 
D 1 83  HIS 83  83  83  HIS HIS D . n 
D 1 84  HIS 84  84  84  HIS HIS D . n 
D 1 85  LEU 85  85  85  LEU LEU D . n 
D 1 86  CYS 86  86  86  CYS CYS D . n 
D 1 87  GLY 87  87  87  GLY GLY D . n 
D 1 88  GLU 88  88  88  GLU GLU D . n 
D 1 89  THR 89  89  89  THR THR D . n 
D 1 90  GLU 90  90  90  GLU GLU D . n 
D 1 91  GLU 91  91  91  GLU GLU D . n 
D 1 92  GLU 92  92  92  GLU GLU D . n 
D 1 93  ARG 93  93  93  ARG ARG D . n 
D 1 94  ILE 94  94  94  ILE ILE D . n 
D 1 95  ARG 95  95  95  ARG ARG D . n 
D 1 96  ALA 96  96  96  ALA ALA D . n 
D 1 97  ASP 97  97  97  ASP ASP D . n 
D 1 98  ILE 98  98  98  ILE ILE D . n 
D 1 99  VAL 99  99  99  VAL VAL D . n 
D 1 100 GLU 100 100 100 GLU GLU D . n 
D 1 101 ASN 101 101 101 ASN ASN D . n 
D 1 102 GLN 102 102 102 GLN GLN D . n 
D 1 103 VAL 103 103 103 VAL VAL D . n 
D 1 104 MET 104 104 104 MET MET D . n 
D 1 105 ASP 105 105 105 ASP ASP D . n 
D 1 106 ASN 106 106 106 ASN ASN D . n 
D 1 107 ARG 107 107 107 ARG ARG D . n 
D 1 108 MET 108 108 108 MET MET D . n 
D 1 109 GLN 109 109 109 GLN GLN D . n 
D 1 110 LEU 110 110 110 LEU LEU D . n 
D 1 111 ILE 111 111 111 ILE ILE D . n 
D 1 112 MET 112 112 112 MET MET D . n 
D 1 113 LEU 113 113 113 LEU LEU D . n 
D 1 114 CYS 114 114 114 CYS CYS D . n 
D 1 115 TYR 115 115 115 TYR TYR D . n 
D 1 116 ASN 116 116 116 ASN ASN D . n 
D 1 117 PRO 117 117 117 PRO PRO D . n 
D 1 118 ASP 118 118 118 ASP ASP D . n 
D 1 119 PHE 119 119 119 PHE PHE D . n 
D 1 120 GLU 120 120 120 GLU GLU D . n 
D 1 121 LYS 121 121 121 LYS LYS D . n 
D 1 122 GLN 122 122 122 GLN GLN D . n 
D 1 123 LYS 123 123 123 LYS LYS D . n 
D 1 124 PRO 124 124 124 PRO PRO D . n 
D 1 125 GLU 125 125 125 GLU GLU D . n 
D 1 126 PHE 126 126 126 PHE PHE D . n 
D 1 127 LEU 127 127 127 LEU LEU D . n 
D 1 128 LYS 128 128 128 LYS LYS D . n 
D 1 129 THR 129 129 129 THR THR D . n 
D 1 130 ILE 130 130 130 ILE ILE D . n 
D 1 131 PRO 131 131 131 PRO PRO D . n 
D 1 132 GLU 132 132 132 GLU GLU D . n 
D 1 133 LYS 133 133 133 LYS LYS D . n 
D 1 134 MET 134 134 134 MET MET D . n 
D 1 135 LYS 135 135 135 LYS LYS D . n 
D 1 136 LEU 136 136 136 LEU LEU D . n 
D 1 137 TYR 137 137 137 TYR TYR D . n 
D 1 138 SER 138 138 138 SER SER D . n 
D 1 139 GLU 139 139 139 GLU GLU D . n 
D 1 140 PHE 140 140 140 PHE PHE D . n 
D 1 141 LEU 141 141 141 LEU LEU D . n 
D 1 142 GLY 142 142 142 GLY GLY D . n 
D 1 143 LYS 143 143 143 LYS LYS D . n 
D 1 144 ARG 144 144 144 ARG ARG D . n 
D 1 145 PRO 145 145 145 PRO PRO D . n 
D 1 146 TRP 146 146 146 TRP TRP D . n 
D 1 147 PHE 147 147 147 PHE PHE D . n 
D 1 148 ALA 148 148 148 ALA ALA D . n 
D 1 149 GLY 149 149 149 GLY GLY D . n 
D 1 150 ASP 150 150 150 ASP ASP D . n 
D 1 151 LYS 151 151 151 LYS LYS D . n 
D 1 152 VAL 152 152 152 VAL VAL D . n 
D 1 153 THR 153 153 153 THR THR D . n 
D 1 154 TYR 154 154 154 TYR TYR D . n 
D 1 155 VAL 155 155 155 VAL VAL D . n 
D 1 156 ASP 156 156 156 ASP ASP D . n 
D 1 157 PHE 157 157 157 PHE PHE D . n 
D 1 158 LEU 158 158 158 LEU LEU D . n 
D 1 159 ALA 159 159 159 ALA ALA D . n 
D 1 160 TYR 160 160 160 TYR TYR D . n 
D 1 161 ASP 161 161 161 ASP ASP D . n 
D 1 162 ILE 162 162 162 ILE ILE D . n 
D 1 163 LEU 163 163 163 LEU LEU D . n 
D 1 164 ASP 164 164 164 ASP ASP D . n 
D 1 165 GLN 165 165 165 GLN GLN D . n 
D 1 166 TYR 166 166 166 TYR TYR D . n 
D 1 167 HIS 167 167 167 HIS HIS D . n 
D 1 168 ILE 168 168 168 ILE ILE D . n 
D 1 169 PHE 169 169 169 PHE PHE D . n 
D 1 170 GLU 170 170 170 GLU GLU D . n 
D 1 171 PRO 171 171 171 PRO PRO D . n 
D 1 172 LYS 172 172 172 LYS LYS D . n 
D 1 173 CYS 173 173 173 CYS CYS D . n 
D 1 174 LEU 174 174 174 LEU LEU D . n 
D 1 175 ASP 175 175 175 ASP ASP D . n 
D 1 176 ALA 176 176 176 ALA ALA D . n 
D 1 177 PHE 177 177 177 PHE PHE D . n 
D 1 178 PRO 178 178 178 PRO PRO D . n 
D 1 179 ASN 179 179 179 ASN ASN D . n 
D 1 180 LEU 180 180 180 LEU LEU D . n 
D 1 181 LYS 181 181 181 LYS LYS D . n 
D 1 182 ASP 182 182 182 ASP ASP D . n 
D 1 183 PHE 183 183 183 PHE PHE D . n 
D 1 184 LEU 184 184 184 LEU LEU D . n 
D 1 185 ALA 185 185 185 ALA ALA D . n 
D 1 186 ARG 186 186 186 ARG ARG D . n 
D 1 187 PHE 187 187 187 PHE PHE D . n 
D 1 188 GLU 188 188 188 GLU GLU D . n 
D 1 189 GLY 189 189 189 GLY GLY D . n 
D 1 190 LEU 190 190 190 LEU LEU D . n 
D 1 191 LYS 191 191 191 LYS LYS D . n 
D 1 192 LYS 192 192 192 LYS LYS D . n 
D 1 193 ILE 193 193 193 ILE ILE D . n 
D 1 194 SER 194 194 194 SER SER D . n 
D 1 195 ALA 195 195 195 ALA ALA D . n 
D 1 196 TYR 196 196 196 TYR TYR D . n 
D 1 197 MET 197 197 197 MET MET D . n 
D 1 198 LYS 198 198 198 LYS LYS D . n 
D 1 199 SER 199 199 199 SER SER D . n 
D 1 200 SER 200 200 200 SER SER D . n 
D 1 201 ARG 201 201 201 ARG ARG D . n 
D 1 202 TYR 202 202 202 TYR TYR D . n 
D 1 203 LEU 203 203 203 LEU LEU D . n 
D 1 204 SER 204 204 204 SER SER D . n 
D 1 205 THR 205 205 205 THR THR D . n 
D 1 206 PRO 206 206 206 PRO PRO D . n 
D 1 207 ILE 207 207 207 ILE ILE D . n 
D 1 208 PHE 208 208 208 PHE PHE D . n 
D 1 209 SER 209 209 209 SER SER D . n 
D 1 210 LYS 210 210 210 LYS LYS D . n 
D 1 211 LEU 211 211 211 LEU LEU D . n 
D 1 212 ALA 212 212 212 ALA ALA D . n 
D 1 213 GLN 213 213 213 GLN GLN D . n 
D 1 214 TRP 214 214 214 TRP TRP D . n 
D 1 215 SER 215 215 215 SER SER D . n 
D 1 216 ASN 216 216 216 ASN ASN D . n 
D 1 217 LYS 217 217 217 LYS LYS D . n 
# 
_cell.entry_id           1GSC 
_cell.length_a           97.377 
_cell.length_b           81.109 
_cell.length_c           69.425 
_cell.angle_alpha        90.00 
_cell.angle_beta         109.16 
_cell.angle_gamma        90.00 
_cell.Z_PDB              8 
_cell.pdbx_unique_axis   ? 
# 
_symmetry.entry_id                         1GSC 
_symmetry.space_group_name_H-M             'P 1 21 1' 
_symmetry.pdbx_full_space_group_name_H-M   ? 
_symmetry.cell_setting                     ? 
_symmetry.Int_Tables_number                4 
# 
_exptl.entry_id          1GSC 
_exptl.method            'X-RAY DIFFRACTION' 
_exptl.crystals_number   ? 
# 
_exptl_crystal.id                    1 
_exptl_crystal.density_meas          ? 
_exptl_crystal.density_Matthews      2.51 
_exptl_crystal.density_percent_sol   50.93 
_exptl_crystal.description           ? 
# 
_diffrn.id                     1 
_diffrn.crystal_id             1 
_diffrn.ambient_temp           ? 
_diffrn.ambient_temp_details   ? 
# 
_refine.entry_id                                 1GSC 
_refine.ls_number_reflns_obs                     ? 
_refine.ls_number_reflns_all                     ? 
_refine.pdbx_ls_sigma_I                          ? 
_refine.pdbx_ls_sigma_F                          ? 
_refine.pdbx_data_cutoff_high_absF               ? 
_refine.pdbx_data_cutoff_low_absF                ? 
_refine.pdbx_data_cutoff_high_rms_absF           ? 
_refine.ls_d_res_low                             ? 
_refine.ls_d_res_high                            2.5 
_refine.ls_percent_reflns_obs                    ? 
_refine.ls_R_factor_obs                          ? 
_refine.ls_R_factor_all                          ? 
_refine.ls_R_factor_R_work                       ? 
_refine.ls_R_factor_R_free                       ? 
_refine.ls_R_factor_R_free_error                 ? 
_refine.ls_R_factor_R_free_error_details         ? 
_refine.ls_percent_reflns_R_free                 ? 
_refine.ls_number_reflns_R_free                  ? 
_refine.ls_number_parameters                     ? 
_refine.ls_number_restraints                     ? 
_refine.occupancy_min                            ? 
_refine.occupancy_max                            ? 
_refine.B_iso_mean                               ? 
_refine.aniso_B[1][1]                            ? 
_refine.aniso_B[2][2]                            ? 
_refine.aniso_B[3][3]                            ? 
_refine.aniso_B[1][2]                            ? 
_refine.aniso_B[1][3]                            ? 
_refine.aniso_B[2][3]                            ? 
_refine.solvent_model_details                    ? 
_refine.solvent_model_param_ksol                 ? 
_refine.solvent_model_param_bsol                 ? 
_refine.pdbx_ls_cross_valid_method               ? 
_refine.details                                  ? 
_refine.pdbx_starting_model                      ? 
_refine.pdbx_method_to_determine_struct          ? 
_refine.pdbx_isotropic_thermal_model             ? 
_refine.pdbx_stereochemistry_target_values       ? 
_refine.pdbx_stereochem_target_val_spec_case     ? 
_refine.pdbx_R_Free_selection_details            ? 
_refine.pdbx_overall_ESU_R                       ? 
_refine.pdbx_overall_ESU_R_Free                  ? 
_refine.overall_SU_ML                            ? 
_refine.overall_SU_B                             ? 
_refine.pdbx_refine_id                           'X-RAY DIFFRACTION' 
_refine.pdbx_diffrn_id                           1 
_refine.pdbx_TLS_residual_ADP_flag               ? 
_refine.correlation_coeff_Fo_to_Fc               ? 
_refine.correlation_coeff_Fo_to_Fc_free          ? 
_refine.pdbx_solvent_vdw_probe_radii             ? 
_refine.pdbx_solvent_ion_probe_radii             ? 
_refine.pdbx_solvent_shrinkage_radii             ? 
_refine.pdbx_overall_phase_error                 ? 
_refine.overall_SU_R_Cruickshank_DPI             ? 
_refine.pdbx_overall_SU_R_free_Cruickshank_DPI   ? 
_refine.pdbx_overall_SU_R_Blow_DPI               ? 
_refine.pdbx_overall_SU_R_free_Blow_DPI          ? 
# 
_refine_hist.pdbx_refine_id                   'X-RAY DIFFRACTION' 
_refine_hist.cycle_id                         LAST 
_refine_hist.pdbx_number_atoms_protein        868 
_refine_hist.pdbx_number_atoms_nucleic_acid   0 
_refine_hist.pdbx_number_atoms_ligand         0 
_refine_hist.number_atoms_solvent             0 
_refine_hist.number_atoms_total               868 
_refine_hist.d_res_high                       2.5 
_refine_hist.d_res_low                        . 
# 
_struct.entry_id                  1GSC 
_struct.title                     'NEW CRYSTAL FORMS OF A MU CLASS GLUTATHIONE S-TRANSFERASE FROM RAT LIVER' 
_struct.pdbx_model_details        ? 
_struct.pdbx_CASP_flag            ? 
_struct.pdbx_model_type_details   ? 
# 
_struct_keywords.entry_id        1GSC 
_struct_keywords.pdbx_keywords   'TRANSFERASE(GLUTATHIONE)' 
_struct_keywords.text            'TRANSFERASE(GLUTATHIONE)' 
# 
loop_
_struct_asym.id 
_struct_asym.pdbx_blank_PDB_chainid_flag 
_struct_asym.pdbx_modified 
_struct_asym.entity_id 
_struct_asym.details 
A N N 1 ? 
B N N 1 ? 
C N N 1 ? 
D N N 1 ? 
# 
_struct_ref.id                         1 
_struct_ref.db_name                    UNP 
_struct_ref.db_code                    GSTM1_RAT 
_struct_ref.entity_id                  1 
_struct_ref.pdbx_db_accession          P04905 
_struct_ref.pdbx_align_begin           1 
_struct_ref.pdbx_seq_one_letter_code   
;PMILGYWNVRGLTHPIRLLLEYTDSSYEEKRYAMGDAPDYDRSQWLNEKFKLGLDFPNLPYLIDGSRKITQSNAIMRYLA
RKHHLCGETEEERIRADIVENQVMDNRMQLIMLCYNPDFEKQKPEFLKTIPEKMKLYSEFLGKRPWFAGDKVTYVDFLAY
DILDQYHIFEPKCLDAFPNLKDFLARFEGLKKISAYMKSSRYLSTPIFSKLAQWSNK
;
_struct_ref.pdbx_db_isoform            ? 
# 
loop_
_struct_ref_seq.align_id 
_struct_ref_seq.ref_id 
_struct_ref_seq.pdbx_PDB_id_code 
_struct_ref_seq.pdbx_strand_id 
_struct_ref_seq.seq_align_beg 
_struct_ref_seq.pdbx_seq_align_beg_ins_code 
_struct_ref_seq.seq_align_end 
_struct_ref_seq.pdbx_seq_align_end_ins_code 
_struct_ref_seq.pdbx_db_accession 
_struct_ref_seq.db_align_beg 
_struct_ref_seq.pdbx_db_align_beg_ins_code 
_struct_ref_seq.db_align_end 
_struct_ref_seq.pdbx_db_align_end_ins_code 
_struct_ref_seq.pdbx_auth_seq_align_beg 
_struct_ref_seq.pdbx_auth_seq_align_end 
1 1 1GSC A 1 ? 217 ? P04905 1 ? 217 ? 1 217 
2 1 1GSC B 1 ? 217 ? P04905 1 ? 217 ? 1 217 
3 1 1GSC C 1 ? 217 ? P04905 1 ? 217 ? 1 217 
4 1 1GSC D 1 ? 217 ? P04905 1 ? 217 ? 1 217 
# 
loop_
_pdbx_struct_assembly.id 
_pdbx_struct_assembly.details 
_pdbx_struct_assembly.method_details 
_pdbx_struct_assembly.oligomeric_details 
_pdbx_struct_assembly.oligomeric_count 
1 author_defined_assembly ? dimeric 2 
2 author_defined_assembly ? dimeric 2 
# 
loop_
_pdbx_struct_assembly_gen.assembly_id 
_pdbx_struct_assembly_gen.oper_expression 
_pdbx_struct_assembly_gen.asym_id_list 
1 1 A,B 
2 1 C,D 
# 
_pdbx_struct_oper_list.id                   1 
_pdbx_struct_oper_list.type                 'identity operation' 
_pdbx_struct_oper_list.name                 1_555 
_pdbx_struct_oper_list.symmetry_operation   x,y,z 
_pdbx_struct_oper_list.matrix[1][1]         1.0000000000 
_pdbx_struct_oper_list.matrix[1][2]         0.0000000000 
_pdbx_struct_oper_list.matrix[1][3]         0.0000000000 
_pdbx_struct_oper_list.vector[1]            0.0000000000 
_pdbx_struct_oper_list.matrix[2][1]         0.0000000000 
_pdbx_struct_oper_list.matrix[2][2]         1.0000000000 
_pdbx_struct_oper_list.matrix[2][3]         0.0000000000 
_pdbx_struct_oper_list.vector[2]            0.0000000000 
_pdbx_struct_oper_list.matrix[3][1]         0.0000000000 
_pdbx_struct_oper_list.matrix[3][2]         0.0000000000 
_pdbx_struct_oper_list.matrix[3][3]         1.0000000000 
_pdbx_struct_oper_list.vector[3]            0.0000000000 
# 
loop_
_struct_biol.id 
1 
2 
# 
loop_
_chem_comp_atom.comp_id 
_chem_comp_atom.atom_id 
_chem_comp_atom.type_symbol 
_chem_comp_atom.pdbx_aromatic_flag 
_chem_comp_atom.pdbx_stereo_config 
_chem_comp_atom.pdbx_ordinal 
ALA N    N N N 1   
ALA CA   C N S 2   
ALA C    C N N 3   
ALA O    O N N 4   
ALA CB   C N N 5   
ALA OXT  O N N 6   
ALA H    H N N 7   
ALA H2   H N N 8   
ALA HA   H N N 9   
ALA HB1  H N N 10  
ALA HB2  H N N 11  
ALA HB3  H N N 12  
ALA HXT  H N N 13  
ARG N    N N N 14  
ARG CA   C N S 15  
ARG C    C N N 16  
ARG O    O N N 17  
ARG CB   C N N 18  
ARG CG   C N N 19  
ARG CD   C N N 20  
ARG NE   N N N 21  
ARG CZ   C N N 22  
ARG NH1  N N N 23  
ARG NH2  N N N 24  
ARG OXT  O N N 25  
ARG H    H N N 26  
ARG H2   H N N 27  
ARG HA   H N N 28  
ARG HB2  H N N 29  
ARG HB3  H N N 30  
ARG HG2  H N N 31  
ARG HG3  H N N 32  
ARG HD2  H N N 33  
ARG HD3  H N N 34  
ARG HE   H N N 35  
ARG HH11 H N N 36  
ARG HH12 H N N 37  
ARG HH21 H N N 38  
ARG HH22 H N N 39  
ARG HXT  H N N 40  
ASN N    N N N 41  
ASN CA   C N S 42  
ASN C    C N N 43  
ASN O    O N N 44  
ASN CB   C N N 45  
ASN CG   C N N 46  
ASN OD1  O N N 47  
ASN ND2  N N N 48  
ASN OXT  O N N 49  
ASN H    H N N 50  
ASN H2   H N N 51  
ASN HA   H N N 52  
ASN HB2  H N N 53  
ASN HB3  H N N 54  
ASN HD21 H N N 55  
ASN HD22 H N N 56  
ASN HXT  H N N 57  
ASP N    N N N 58  
ASP CA   C N S 59  
ASP C    C N N 60  
ASP O    O N N 61  
ASP CB   C N N 62  
ASP CG   C N N 63  
ASP OD1  O N N 64  
ASP OD2  O N N 65  
ASP OXT  O N N 66  
ASP H    H N N 67  
ASP H2   H N N 68  
ASP HA   H N N 69  
ASP HB2  H N N 70  
ASP HB3  H N N 71  
ASP HD2  H N N 72  
ASP HXT  H N N 73  
CYS N    N N N 74  
CYS CA   C N R 75  
CYS C    C N N 76  
CYS O    O N N 77  
CYS CB   C N N 78  
CYS SG   S N N 79  
CYS OXT  O N N 80  
CYS H    H N N 81  
CYS H2   H N N 82  
CYS HA   H N N 83  
CYS HB2  H N N 84  
CYS HB3  H N N 85  
CYS HG   H N N 86  
CYS HXT  H N N 87  
GLN N    N N N 88  
GLN CA   C N S 89  
GLN C    C N N 90  
GLN O    O N N 91  
GLN CB   C N N 92  
GLN CG   C N N 93  
GLN CD   C N N 94  
GLN OE1  O N N 95  
GLN NE2  N N N 96  
GLN OXT  O N N 97  
GLN H    H N N 98  
GLN H2   H N N 99  
GLN HA   H N N 100 
GLN HB2  H N N 101 
GLN HB3  H N N 102 
GLN HG2  H N N 103 
GLN HG3  H N N 104 
GLN HE21 H N N 105 
GLN HE22 H N N 106 
GLN HXT  H N N 107 
GLU N    N N N 108 
GLU CA   C N S 109 
GLU C    C N N 110 
GLU O    O N N 111 
GLU CB   C N N 112 
GLU CG   C N N 113 
GLU CD   C N N 114 
GLU OE1  O N N 115 
GLU OE2  O N N 116 
GLU OXT  O N N 117 
GLU H    H N N 118 
GLU H2   H N N 119 
GLU HA   H N N 120 
GLU HB2  H N N 121 
GLU HB3  H N N 122 
GLU HG2  H N N 123 
GLU HG3  H N N 124 
GLU HE2  H N N 125 
GLU HXT  H N N 126 
GLY N    N N N 127 
GLY CA   C N N 128 
GLY C    C N N 129 
GLY O    O N N 130 
GLY OXT  O N N 131 
GLY H    H N N 132 
GLY H2   H N N 133 
GLY HA2  H N N 134 
GLY HA3  H N N 135 
GLY HXT  H N N 136 
HIS N    N N N 137 
HIS CA   C N S 138 
HIS C    C N N 139 
HIS O    O N N 140 
HIS CB   C N N 141 
HIS CG   C Y N 142 
HIS ND1  N Y N 143 
HIS CD2  C Y N 144 
HIS CE1  C Y N 145 
HIS NE2  N Y N 146 
HIS OXT  O N N 147 
HIS H    H N N 148 
HIS H2   H N N 149 
HIS HA   H N N 150 
HIS HB2  H N N 151 
HIS HB3  H N N 152 
HIS HD1  H N N 153 
HIS HD2  H N N 154 
HIS HE1  H N N 155 
HIS HE2  H N N 156 
HIS HXT  H N N 157 
ILE N    N N N 158 
ILE CA   C N S 159 
ILE C    C N N 160 
ILE O    O N N 161 
ILE CB   C N S 162 
ILE CG1  C N N 163 
ILE CG2  C N N 164 
ILE CD1  C N N 165 
ILE OXT  O N N 166 
ILE H    H N N 167 
ILE H2   H N N 168 
ILE HA   H N N 169 
ILE HB   H N N 170 
ILE HG12 H N N 171 
ILE HG13 H N N 172 
ILE HG21 H N N 173 
ILE HG22 H N N 174 
ILE HG23 H N N 175 
ILE HD11 H N N 176 
ILE HD12 H N N 177 
ILE HD13 H N N 178 
ILE HXT  H N N 179 
LEU N    N N N 180 
LEU CA   C N S 181 
LEU C    C N N 182 
LEU O    O N N 183 
LEU CB   C N N 184 
LEU CG   C N N 185 
LEU CD1  C N N 186 
LEU CD2  C N N 187 
LEU OXT  O N N 188 
LEU H    H N N 189 
LEU H2   H N N 190 
LEU HA   H N N 191 
LEU HB2  H N N 192 
LEU HB3  H N N 193 
LEU HG   H N N 194 
LEU HD11 H N N 195 
LEU HD12 H N N 196 
LEU HD13 H N N 197 
LEU HD21 H N N 198 
LEU HD22 H N N 199 
LEU HD23 H N N 200 
LEU HXT  H N N 201 
LYS N    N N N 202 
LYS CA   C N S 203 
LYS C    C N N 204 
LYS O    O N N 205 
LYS CB   C N N 206 
LYS CG   C N N 207 
LYS CD   C N N 208 
LYS CE   C N N 209 
LYS NZ   N N N 210 
LYS OXT  O N N 211 
LYS H    H N N 212 
LYS H2   H N N 213 
LYS HA   H N N 214 
LYS HB2  H N N 215 
LYS HB3  H N N 216 
LYS HG2  H N N 217 
LYS HG3  H N N 218 
LYS HD2  H N N 219 
LYS HD3  H N N 220 
LYS HE2  H N N 221 
LYS HE3  H N N 222 
LYS HZ1  H N N 223 
LYS HZ2  H N N 224 
LYS HZ3  H N N 225 
LYS HXT  H N N 226 
MET N    N N N 227 
MET CA   C N S 228 
MET C    C N N 229 
MET O    O N N 230 
MET CB   C N N 231 
MET CG   C N N 232 
MET SD   S N N 233 
MET CE   C N N 234 
MET OXT  O N N 235 
MET H    H N N 236 
MET H2   H N N 237 
MET HA   H N N 238 
MET HB2  H N N 239 
MET HB3  H N N 240 
MET HG2  H N N 241 
MET HG3  H N N 242 
MET HE1  H N N 243 
MET HE2  H N N 244 
MET HE3  H N N 245 
MET HXT  H N N 246 
PHE N    N N N 247 
PHE CA   C N S 248 
PHE C    C N N 249 
PHE O    O N N 250 
PHE CB   C N N 251 
PHE CG   C Y N 252 
PHE CD1  C Y N 253 
PHE CD2  C Y N 254 
PHE CE1  C Y N 255 
PHE CE2  C Y N 256 
PHE CZ   C Y N 257 
PHE OXT  O N N 258 
PHE H    H N N 259 
PHE H2   H N N 260 
PHE HA   H N N 261 
PHE HB2  H N N 262 
PHE HB3  H N N 263 
PHE HD1  H N N 264 
PHE HD2  H N N 265 
PHE HE1  H N N 266 
PHE HE2  H N N 267 
PHE HZ   H N N 268 
PHE HXT  H N N 269 
PRO N    N N N 270 
PRO CA   C N S 271 
PRO C    C N N 272 
PRO O    O N N 273 
PRO CB   C N N 274 
PRO CG   C N N 275 
PRO CD   C N N 276 
PRO OXT  O N N 277 
PRO H    H N N 278 
PRO HA   H N N 279 
PRO HB2  H N N 280 
PRO HB3  H N N 281 
PRO HG2  H N N 282 
PRO HG3  H N N 283 
PRO HD2  H N N 284 
PRO HD3  H N N 285 
PRO HXT  H N N 286 
SER N    N N N 287 
SER CA   C N S 288 
SER C    C N N 289 
SER O    O N N 290 
SER CB   C N N 291 
SER OG   O N N 292 
SER OXT  O N N 293 
SER H    H N N 294 
SER H2   H N N 295 
SER HA   H N N 296 
SER HB2  H N N 297 
SER HB3  H N N 298 
SER HG   H N N 299 
SER HXT  H N N 300 
THR N    N N N 301 
THR CA   C N S 302 
THR C    C N N 303 
THR O    O N N 304 
THR CB   C N R 305 
THR OG1  O N N 306 
THR CG2  C N N 307 
THR OXT  O N N 308 
THR H    H N N 309 
THR H2   H N N 310 
THR HA   H N N 311 
THR HB   H N N 312 
THR HG1  H N N 313 
THR HG21 H N N 314 
THR HG22 H N N 315 
THR HG23 H N N 316 
THR HXT  H N N 317 
TRP N    N N N 318 
TRP CA   C N S 319 
TRP C    C N N 320 
TRP O    O N N 321 
TRP CB   C N N 322 
TRP CG   C Y N 323 
TRP CD1  C Y N 324 
TRP CD2  C Y N 325 
TRP NE1  N Y N 326 
TRP CE2  C Y N 327 
TRP CE3  C Y N 328 
TRP CZ2  C Y N 329 
TRP CZ3  C Y N 330 
TRP CH2  C Y N 331 
TRP OXT  O N N 332 
TRP H    H N N 333 
TRP H2   H N N 334 
TRP HA   H N N 335 
TRP HB2  H N N 336 
TRP HB3  H N N 337 
TRP HD1  H N N 338 
TRP HE1  H N N 339 
TRP HE3  H N N 340 
TRP HZ2  H N N 341 
TRP HZ3  H N N 342 
TRP HH2  H N N 343 
TRP HXT  H N N 344 
TYR N    N N N 345 
TYR CA   C N S 346 
TYR C    C N N 347 
TYR O    O N N 348 
TYR CB   C N N 349 
TYR CG   C Y N 350 
TYR CD1  C Y N 351 
TYR CD2  C Y N 352 
TYR CE1  C Y N 353 
TYR CE2  C Y N 354 
TYR CZ   C Y N 355 
TYR OH   O N N 356 
TYR OXT  O N N 357 
TYR H    H N N 358 
TYR H2   H N N 359 
TYR HA   H N N 360 
TYR HB2  H N N 361 
TYR HB3  H N N 362 
TYR HD1  H N N 363 
TYR HD2  H N N 364 
TYR HE1  H N N 365 
TYR HE2  H N N 366 
TYR HH   H N N 367 
TYR HXT  H N N 368 
VAL N    N N N 369 
VAL CA   C N S 370 
VAL C    C N N 371 
VAL O    O N N 372 
VAL CB   C N N 373 
VAL CG1  C N N 374 
VAL CG2  C N N 375 
VAL OXT  O N N 376 
VAL H    H N N 377 
VAL H2   H N N 378 
VAL HA   H N N 379 
VAL HB   H N N 380 
VAL HG11 H N N 381 
VAL HG12 H N N 382 
VAL HG13 H N N 383 
VAL HG21 H N N 384 
VAL HG22 H N N 385 
VAL HG23 H N N 386 
VAL HXT  H N N 387 
# 
loop_
_chem_comp_bond.comp_id 
_chem_comp_bond.atom_id_1 
_chem_comp_bond.atom_id_2 
_chem_comp_bond.value_order 
_chem_comp_bond.pdbx_aromatic_flag 
_chem_comp_bond.pdbx_stereo_config 
_chem_comp_bond.pdbx_ordinal 
ALA N   CA   sing N N 1   
ALA N   H    sing N N 2   
ALA N   H2   sing N N 3   
ALA CA  C    sing N N 4   
ALA CA  CB   sing N N 5   
ALA CA  HA   sing N N 6   
ALA C   O    doub N N 7   
ALA C   OXT  sing N N 8   
ALA CB  HB1  sing N N 9   
ALA CB  HB2  sing N N 10  
ALA CB  HB3  sing N N 11  
ALA OXT HXT  sing N N 12  
ARG N   CA   sing N N 13  
ARG N   H    sing N N 14  
ARG N   H2   sing N N 15  
ARG CA  C    sing N N 16  
ARG CA  CB   sing N N 17  
ARG CA  HA   sing N N 18  
ARG C   O    doub N N 19  
ARG C   OXT  sing N N 20  
ARG CB  CG   sing N N 21  
ARG CB  HB2  sing N N 22  
ARG CB  HB3  sing N N 23  
ARG CG  CD   sing N N 24  
ARG CG  HG2  sing N N 25  
ARG CG  HG3  sing N N 26  
ARG CD  NE   sing N N 27  
ARG CD  HD2  sing N N 28  
ARG CD  HD3  sing N N 29  
ARG NE  CZ   sing N N 30  
ARG NE  HE   sing N N 31  
ARG CZ  NH1  sing N N 32  
ARG CZ  NH2  doub N N 33  
ARG NH1 HH11 sing N N 34  
ARG NH1 HH12 sing N N 35  
ARG NH2 HH21 sing N N 36  
ARG NH2 HH22 sing N N 37  
ARG OXT HXT  sing N N 38  
ASN N   CA   sing N N 39  
ASN N   H    sing N N 40  
ASN N   H2   sing N N 41  
ASN CA  C    sing N N 42  
ASN CA  CB   sing N N 43  
ASN CA  HA   sing N N 44  
ASN C   O    doub N N 45  
ASN C   OXT  sing N N 46  
ASN CB  CG   sing N N 47  
ASN CB  HB2  sing N N 48  
ASN CB  HB3  sing N N 49  
ASN CG  OD1  doub N N 50  
ASN CG  ND2  sing N N 51  
ASN ND2 HD21 sing N N 52  
ASN ND2 HD22 sing N N 53  
ASN OXT HXT  sing N N 54  
ASP N   CA   sing N N 55  
ASP N   H    sing N N 56  
ASP N   H2   sing N N 57  
ASP CA  C    sing N N 58  
ASP CA  CB   sing N N 59  
ASP CA  HA   sing N N 60  
ASP C   O    doub N N 61  
ASP C   OXT  sing N N 62  
ASP CB  CG   sing N N 63  
ASP CB  HB2  sing N N 64  
ASP CB  HB3  sing N N 65  
ASP CG  OD1  doub N N 66  
ASP CG  OD2  sing N N 67  
ASP OD2 HD2  sing N N 68  
ASP OXT HXT  sing N N 69  
CYS N   CA   sing N N 70  
CYS N   H    sing N N 71  
CYS N   H2   sing N N 72  
CYS CA  C    sing N N 73  
CYS CA  CB   sing N N 74  
CYS CA  HA   sing N N 75  
CYS C   O    doub N N 76  
CYS C   OXT  sing N N 77  
CYS CB  SG   sing N N 78  
CYS CB  HB2  sing N N 79  
CYS CB  HB3  sing N N 80  
CYS SG  HG   sing N N 81  
CYS OXT HXT  sing N N 82  
GLN N   CA   sing N N 83  
GLN N   H    sing N N 84  
GLN N   H2   sing N N 85  
GLN CA  C    sing N N 86  
GLN CA  CB   sing N N 87  
GLN CA  HA   sing N N 88  
GLN C   O    doub N N 89  
GLN C   OXT  sing N N 90  
GLN CB  CG   sing N N 91  
GLN CB  HB2  sing N N 92  
GLN CB  HB3  sing N N 93  
GLN CG  CD   sing N N 94  
GLN CG  HG2  sing N N 95  
GLN CG  HG3  sing N N 96  
GLN CD  OE1  doub N N 97  
GLN CD  NE2  sing N N 98  
GLN NE2 HE21 sing N N 99  
GLN NE2 HE22 sing N N 100 
GLN OXT HXT  sing N N 101 
GLU N   CA   sing N N 102 
GLU N   H    sing N N 103 
GLU N   H2   sing N N 104 
GLU CA  C    sing N N 105 
GLU CA  CB   sing N N 106 
GLU CA  HA   sing N N 107 
GLU C   O    doub N N 108 
GLU C   OXT  sing N N 109 
GLU CB  CG   sing N N 110 
GLU CB  HB2  sing N N 111 
GLU CB  HB3  sing N N 112 
GLU CG  CD   sing N N 113 
GLU CG  HG2  sing N N 114 
GLU CG  HG3  sing N N 115 
GLU CD  OE1  doub N N 116 
GLU CD  OE2  sing N N 117 
GLU OE2 HE2  sing N N 118 
GLU OXT HXT  sing N N 119 
GLY N   CA   sing N N 120 
GLY N   H    sing N N 121 
GLY N   H2   sing N N 122 
GLY CA  C    sing N N 123 
GLY CA  HA2  sing N N 124 
GLY CA  HA3  sing N N 125 
GLY C   O    doub N N 126 
GLY C   OXT  sing N N 127 
GLY OXT HXT  sing N N 128 
HIS N   CA   sing N N 129 
HIS N   H    sing N N 130 
HIS N   H2   sing N N 131 
HIS CA  C    sing N N 132 
HIS CA  CB   sing N N 133 
HIS CA  HA   sing N N 134 
HIS C   O    doub N N 135 
HIS C   OXT  sing N N 136 
HIS CB  CG   sing N N 137 
HIS CB  HB2  sing N N 138 
HIS CB  HB3  sing N N 139 
HIS CG  ND1  sing Y N 140 
HIS CG  CD2  doub Y N 141 
HIS ND1 CE1  doub Y N 142 
HIS ND1 HD1  sing N N 143 
HIS CD2 NE2  sing Y N 144 
HIS CD2 HD2  sing N N 145 
HIS CE1 NE2  sing Y N 146 
HIS CE1 HE1  sing N N 147 
HIS NE2 HE2  sing N N 148 
HIS OXT HXT  sing N N 149 
ILE N   CA   sing N N 150 
ILE N   H    sing N N 151 
ILE N   H2   sing N N 152 
ILE CA  C    sing N N 153 
ILE CA  CB   sing N N 154 
ILE CA  HA   sing N N 155 
ILE C   O    doub N N 156 
ILE C   OXT  sing N N 157 
ILE CB  CG1  sing N N 158 
ILE CB  CG2  sing N N 159 
ILE CB  HB   sing N N 160 
ILE CG1 CD1  sing N N 161 
ILE CG1 HG12 sing N N 162 
ILE CG1 HG13 sing N N 163 
ILE CG2 HG21 sing N N 164 
ILE CG2 HG22 sing N N 165 
ILE CG2 HG23 sing N N 166 
ILE CD1 HD11 sing N N 167 
ILE CD1 HD12 sing N N 168 
ILE CD1 HD13 sing N N 169 
ILE OXT HXT  sing N N 170 
LEU N   CA   sing N N 171 
LEU N   H    sing N N 172 
LEU N   H2   sing N N 173 
LEU CA  C    sing N N 174 
LEU CA  CB   sing N N 175 
LEU CA  HA   sing N N 176 
LEU C   O    doub N N 177 
LEU C   OXT  sing N N 178 
LEU CB  CG   sing N N 179 
LEU CB  HB2  sing N N 180 
LEU CB  HB3  sing N N 181 
LEU CG  CD1  sing N N 182 
LEU CG  CD2  sing N N 183 
LEU CG  HG   sing N N 184 
LEU CD1 HD11 sing N N 185 
LEU CD1 HD12 sing N N 186 
LEU CD1 HD13 sing N N 187 
LEU CD2 HD21 sing N N 188 
LEU CD2 HD22 sing N N 189 
LEU CD2 HD23 sing N N 190 
LEU OXT HXT  sing N N 191 
LYS N   CA   sing N N 192 
LYS N   H    sing N N 193 
LYS N   H2   sing N N 194 
LYS CA  C    sing N N 195 
LYS CA  CB   sing N N 196 
LYS CA  HA   sing N N 197 
LYS C   O    doub N N 198 
LYS C   OXT  sing N N 199 
LYS CB  CG   sing N N 200 
LYS CB  HB2  sing N N 201 
LYS CB  HB3  sing N N 202 
LYS CG  CD   sing N N 203 
LYS CG  HG2  sing N N 204 
LYS CG  HG3  sing N N 205 
LYS CD  CE   sing N N 206 
LYS CD  HD2  sing N N 207 
LYS CD  HD3  sing N N 208 
LYS CE  NZ   sing N N 209 
LYS CE  HE2  sing N N 210 
LYS CE  HE3  sing N N 211 
LYS NZ  HZ1  sing N N 212 
LYS NZ  HZ2  sing N N 213 
LYS NZ  HZ3  sing N N 214 
LYS OXT HXT  sing N N 215 
MET N   CA   sing N N 216 
MET N   H    sing N N 217 
MET N   H2   sing N N 218 
MET CA  C    sing N N 219 
MET CA  CB   sing N N 220 
MET CA  HA   sing N N 221 
MET C   O    doub N N 222 
MET C   OXT  sing N N 223 
MET CB  CG   sing N N 224 
MET CB  HB2  sing N N 225 
MET CB  HB3  sing N N 226 
MET CG  SD   sing N N 227 
MET CG  HG2  sing N N 228 
MET CG  HG3  sing N N 229 
MET SD  CE   sing N N 230 
MET CE  HE1  sing N N 231 
MET CE  HE2  sing N N 232 
MET CE  HE3  sing N N 233 
MET OXT HXT  sing N N 234 
PHE N   CA   sing N N 235 
PHE N   H    sing N N 236 
PHE N   H2   sing N N 237 
PHE CA  C    sing N N 238 
PHE CA  CB   sing N N 239 
PHE CA  HA   sing N N 240 
PHE C   O    doub N N 241 
PHE C   OXT  sing N N 242 
PHE CB  CG   sing N N 243 
PHE CB  HB2  sing N N 244 
PHE CB  HB3  sing N N 245 
PHE CG  CD1  doub Y N 246 
PHE CG  CD2  sing Y N 247 
PHE CD1 CE1  sing Y N 248 
PHE CD1 HD1  sing N N 249 
PHE CD2 CE2  doub Y N 250 
PHE CD2 HD2  sing N N 251 
PHE CE1 CZ   doub Y N 252 
PHE CE1 HE1  sing N N 253 
PHE CE2 CZ   sing Y N 254 
PHE CE2 HE2  sing N N 255 
PHE CZ  HZ   sing N N 256 
PHE OXT HXT  sing N N 257 
PRO N   CA   sing N N 258 
PRO N   CD   sing N N 259 
PRO N   H    sing N N 260 
PRO CA  C    sing N N 261 
PRO CA  CB   sing N N 262 
PRO CA  HA   sing N N 263 
PRO C   O    doub N N 264 
PRO C   OXT  sing N N 265 
PRO CB  CG   sing N N 266 
PRO CB  HB2  sing N N 267 
PRO CB  HB3  sing N N 268 
PRO CG  CD   sing N N 269 
PRO CG  HG2  sing N N 270 
PRO CG  HG3  sing N N 271 
PRO CD  HD2  sing N N 272 
PRO CD  HD3  sing N N 273 
PRO OXT HXT  sing N N 274 
SER N   CA   sing N N 275 
SER N   H    sing N N 276 
SER N   H2   sing N N 277 
SER CA  C    sing N N 278 
SER CA  CB   sing N N 279 
SER CA  HA   sing N N 280 
SER C   O    doub N N 281 
SER C   OXT  sing N N 282 
SER CB  OG   sing N N 283 
SER CB  HB2  sing N N 284 
SER CB  HB3  sing N N 285 
SER OG  HG   sing N N 286 
SER OXT HXT  sing N N 287 
THR N   CA   sing N N 288 
THR N   H    sing N N 289 
THR N   H2   sing N N 290 
THR CA  C    sing N N 291 
THR CA  CB   sing N N 292 
THR CA  HA   sing N N 293 
THR C   O    doub N N 294 
THR C   OXT  sing N N 295 
THR CB  OG1  sing N N 296 
THR CB  CG2  sing N N 297 
THR CB  HB   sing N N 298 
THR OG1 HG1  sing N N 299 
THR CG2 HG21 sing N N 300 
THR CG2 HG22 sing N N 301 
THR CG2 HG23 sing N N 302 
THR OXT HXT  sing N N 303 
TRP N   CA   sing N N 304 
TRP N   H    sing N N 305 
TRP N   H2   sing N N 306 
TRP CA  C    sing N N 307 
TRP CA  CB   sing N N 308 
TRP CA  HA   sing N N 309 
TRP C   O    doub N N 310 
TRP C   OXT  sing N N 311 
TRP CB  CG   sing N N 312 
TRP CB  HB2  sing N N 313 
TRP CB  HB3  sing N N 314 
TRP CG  CD1  doub Y N 315 
TRP CG  CD2  sing Y N 316 
TRP CD1 NE1  sing Y N 317 
TRP CD1 HD1  sing N N 318 
TRP CD2 CE2  doub Y N 319 
TRP CD2 CE3  sing Y N 320 
TRP NE1 CE2  sing Y N 321 
TRP NE1 HE1  sing N N 322 
TRP CE2 CZ2  sing Y N 323 
TRP CE3 CZ3  doub Y N 324 
TRP CE3 HE3  sing N N 325 
TRP CZ2 CH2  doub Y N 326 
TRP CZ2 HZ2  sing N N 327 
TRP CZ3 CH2  sing Y N 328 
TRP CZ3 HZ3  sing N N 329 
TRP CH2 HH2  sing N N 330 
TRP OXT HXT  sing N N 331 
TYR N   CA   sing N N 332 
TYR N   H    sing N N 333 
TYR N   H2   sing N N 334 
TYR CA  C    sing N N 335 
TYR CA  CB   sing N N 336 
TYR CA  HA   sing N N 337 
TYR C   O    doub N N 338 
TYR C   OXT  sing N N 339 
TYR CB  CG   sing N N 340 
TYR CB  HB2  sing N N 341 
TYR CB  HB3  sing N N 342 
TYR CG  CD1  doub Y N 343 
TYR CG  CD2  sing Y N 344 
TYR CD1 CE1  sing Y N 345 
TYR CD1 HD1  sing N N 346 
TYR CD2 CE2  doub Y N 347 
TYR CD2 HD2  sing N N 348 
TYR CE1 CZ   doub Y N 349 
TYR CE1 HE1  sing N N 350 
TYR CE2 CZ   sing Y N 351 
TYR CE2 HE2  sing N N 352 
TYR CZ  OH   sing N N 353 
TYR OH  HH   sing N N 354 
TYR OXT HXT  sing N N 355 
VAL N   CA   sing N N 356 
VAL N   H    sing N N 357 
VAL N   H2   sing N N 358 
VAL CA  C    sing N N 359 
VAL CA  CB   sing N N 360 
VAL CA  HA   sing N N 361 
VAL C   O    doub N N 362 
VAL C   OXT  sing N N 363 
VAL CB  CG1  sing N N 364 
VAL CB  CG2  sing N N 365 
VAL CB  HB   sing N N 366 
VAL CG1 HG11 sing N N 367 
VAL CG1 HG12 sing N N 368 
VAL CG1 HG13 sing N N 369 
VAL CG2 HG21 sing N N 370 
VAL CG2 HG22 sing N N 371 
VAL CG2 HG23 sing N N 372 
VAL OXT HXT  sing N N 373 
# 
loop_
_pdbx_coordinate_model.asym_id 
_pdbx_coordinate_model.type 
A 'CA ATOMS ONLY' 
B 'CA ATOMS ONLY' 
C 'CA ATOMS ONLY' 
D 'CA ATOMS ONLY' 
# 
_atom_sites.entry_id                    1GSC 
_atom_sites.fract_transf_matrix[1][1]   -0.01054313 
_atom_sites.fract_transf_matrix[1][2]   -0.00189527 
_atom_sites.fract_transf_matrix[1][3]   -0.00185291 
_atom_sites.fract_transf_matrix[2][1]   -0.00207523 
_atom_sites.fract_transf_matrix[2][2]   -0.00033279 
_atom_sites.fract_transf_matrix[2][3]   0.01214854 
_atom_sites.fract_transf_matrix[3][1]   -0.00739501 
_atom_sites.fract_transf_matrix[3][2]   0.01330671 
_atom_sites.fract_transf_matrix[3][3]   -0.00089871 
_atom_sites.fract_transf_vector[1]      0.722840 
_atom_sites.fract_transf_vector[2]      0.119940 
_atom_sites.fract_transf_vector[3]      0.238822 
# 
_atom_type.symbol   C 
# 
loop_
_atom_site.group_PDB 
_atom_site.id 
_atom_site.type_symbol 
_atom_site.label_atom_id 
_atom_site.label_alt_id 
_atom_site.label_comp_id 
_atom_site.label_asym_id 
_atom_site.label_entity_id 
_atom_site.label_seq_id 
_atom_site.pdbx_PDB_ins_code 
_atom_site.Cartn_x 
_atom_site.Cartn_y 
_atom_site.Cartn_z 
_atom_site.occupancy 
_atom_site.B_iso_or_equiv 
_atom_site.pdbx_formal_charge 
_atom_site.auth_seq_id 
_atom_site.auth_comp_id 
_atom_site.auth_asym_id 
_atom_site.auth_atom_id 
_atom_site.pdbx_PDB_model_num 
ATOM 1   C CA . PRO A 1 1   ? 32.513  5.902   19.837  1.00 20.00 ? 1   PRO A CA 1 
ATOM 2   C CA . MET A 1 2   ? 31.036  6.856   16.462  1.00 20.00 ? 2   MET A CA 1 
ATOM 3   C CA . ILE A 1 3   ? 27.259  6.797   16.212  1.00 20.00 ? 3   ILE A CA 1 
ATOM 4   C CA . LEU A 1 4   ? 25.409  5.771   13.076  1.00 20.00 ? 4   LEU A CA 1 
ATOM 5   C CA . GLY A 1 5   ? 21.590  6.283   12.991  1.00 20.00 ? 5   GLY A CA 1 
ATOM 6   C CA . TYR A 1 6   ? 19.052  4.979   10.409  1.00 20.00 ? 6   TYR A CA 1 
ATOM 7   C CA . TRP A 1 7   ? 15.922  2.831   10.228  1.00 20.00 ? 7   TRP A CA 1 
ATOM 8   C CA . ASN A 1 8   ? 16.181  -0.831  11.125  1.00 20.00 ? 8   ASN A CA 1 
ATOM 9   C CA . VAL A 1 9   ? 16.308  -1.743  7.453   1.00 20.00 ? 9   VAL A CA 1 
ATOM 10  C CA . ARG A 1 10  ? 19.066  -2.046  4.854   1.00 20.00 ? 10  ARG A CA 1 
ATOM 11  C CA . GLY A 1 11  ? 17.754  0.904   2.806   1.00 20.00 ? 11  GLY A CA 1 
ATOM 12  C CA . LEU A 1 12  ? 20.696  3.037   1.618   1.00 20.00 ? 12  LEU A CA 1 
ATOM 13  C CA . THR A 1 13  ? 22.972  2.469   4.589   1.00 20.00 ? 13  THR A CA 1 
ATOM 14  C CA . HIS A 1 14  ? 24.224  -1.027  3.723   1.00 20.00 ? 14  HIS A CA 1 
ATOM 15  C CA . PRO A 1 15  ? 27.348  0.574   2.238   1.00 20.00 ? 15  PRO A CA 1 
ATOM 16  C CA . ILE A 1 16  ? 28.177  2.536   5.390   1.00 20.00 ? 16  ILE A CA 1 
ATOM 17  C CA . ARG A 1 17  ? 27.581  -0.422  7.736   1.00 20.00 ? 17  ARG A CA 1 
ATOM 18  C CA . LEU A 1 18  ? 30.095  -2.342  5.648   1.00 20.00 ? 18  LEU A CA 1 
ATOM 19  C CA . LEU A 1 19  ? 32.667  0.459   5.488   1.00 20.00 ? 19  LEU A CA 1 
ATOM 20  C CA . LEU A 1 20  ? 32.631  0.844   9.251   1.00 20.00 ? 20  LEU A CA 1 
ATOM 21  C CA . GLU A 1 21  ? 33.241  -2.901  9.551   1.00 20.00 ? 21  GLU A CA 1 
ATOM 22  C CA . TYR A 1 22  ? 35.894  -3.150  6.856   1.00 20.00 ? 22  TYR A CA 1 
ATOM 23  C CA . THR A 1 23  ? 37.770  -0.323  8.578   1.00 20.00 ? 23  THR A CA 1 
ATOM 24  C CA . ASP A 1 24  ? 37.537  -1.701  12.145  1.00 20.00 ? 24  ASP A CA 1 
ATOM 25  C CA . SER A 1 25  ? 35.773  1.464   13.334  1.00 20.00 ? 25  SER A CA 1 
ATOM 26  C CA . SER A 1 26  ? 34.660  1.803   16.964  1.00 20.00 ? 26  SER A CA 1 
ATOM 27  C CA . TYR A 1 27  ? 30.959  2.375   16.452  1.00 20.00 ? 27  TYR A CA 1 
ATOM 28  C CA . GLU A 1 28  ? 27.490  1.921   17.800  1.00 20.00 ? 28  GLU A CA 1 
ATOM 29  C CA . GLU A 1 29  ? 24.253  2.193   15.881  1.00 20.00 ? 29  GLU A CA 1 
ATOM 30  C CA . LYS A 1 30  ? 20.832  3.474   16.717  1.00 20.00 ? 30  LYS A CA 1 
ATOM 31  C CA . ARG A 1 31  ? 18.258  1.676   14.583  1.00 20.00 ? 31  ARG A CA 1 
ATOM 32  C CA . TYR A 1 32  ? 14.950  3.535   14.560  1.00 20.00 ? 32  TYR A CA 1 
ATOM 33  C CA . ALA A 1 33  ? 11.875  1.375   14.034  1.00 20.00 ? 33  ALA A CA 1 
ATOM 34  C CA . MET A 1 34  ? 8.797   2.573   12.109  1.00 20.00 ? 34  MET A CA 1 
ATOM 35  C CA . GLY A 1 35  ? 5.205   1.667   13.020  1.00 20.00 ? 35  GLY A CA 1 
ATOM 36  C CA . ASP A 1 36  ? 2.871   -0.500  10.955  1.00 20.00 ? 36  ASP A CA 1 
ATOM 37  C CA . ALA A 1 37  ? 0.328   0.779   8.436   1.00 20.00 ? 37  ALA A CA 1 
ATOM 38  C CA . PRO A 1 38  ? -2.071  2.378   8.360   1.00 20.00 ? 38  PRO A CA 1 
ATOM 39  C CA . ASP A 1 39  ? -0.173  5.292   9.940   1.00 20.00 ? 39  ASP A CA 1 
ATOM 40  C CA . TYR A 1 40  ? 3.482   4.154   9.775   1.00 20.00 ? 40  TYR A CA 1 
ATOM 41  C CA . ASP A 1 41  ? 4.474   6.003   12.910  1.00 20.00 ? 41  ASP A CA 1 
ATOM 42  C CA . ARG A 1 42  ? 7.940   7.563   12.861  1.00 20.00 ? 42  ARG A CA 1 
ATOM 43  C CA . SER A 1 43  ? 7.904   9.078   16.373  1.00 20.00 ? 43  SER A CA 1 
ATOM 44  C CA . GLN A 1 44  ? 11.134  7.403   17.651  1.00 20.00 ? 44  GLN A CA 1 
ATOM 45  C CA . TRP A 1 45  ? 13.065  9.381   15.009  1.00 20.00 ? 45  TRP A CA 1 
ATOM 46  C CA . LEU A 1 46  ? 10.885  12.541  15.078  1.00 20.00 ? 46  LEU A CA 1 
ATOM 47  C CA . ASN A 1 47  ? 11.291  12.776  18.869  1.00 20.00 ? 47  ASN A CA 1 
ATOM 48  C CA . GLU A 1 48  ? 14.966  13.540  18.290  1.00 20.00 ? 48  GLU A CA 1 
ATOM 49  C CA . LYS A 1 49  ? 15.349  14.723  14.648  1.00 20.00 ? 49  LYS A CA 1 
ATOM 50  C CA . PHE A 1 50  ? 15.962  18.337  15.766  1.00 20.00 ? 50  PHE A CA 1 
ATOM 51  C CA . LYS A 1 51  ? 17.859  17.519  18.921  1.00 20.00 ? 51  LYS A CA 1 
ATOM 52  C CA . LEU A 1 52  ? 21.111  15.990  17.641  1.00 20.00 ? 52  LEU A CA 1 
ATOM 53  C CA . GLY A 1 53  ? 22.895  19.172  16.424  1.00 20.00 ? 53  GLY A CA 1 
ATOM 54  C CA . LEU A 1 54  ? 22.646  18.141  12.742  1.00 20.00 ? 54  LEU A CA 1 
ATOM 55  C CA . ASP A 1 55  ? 22.849  20.894  10.121  1.00 20.00 ? 55  ASP A CA 1 
ATOM 56  C CA . PHE A 1 56  ? 20.227  19.210  7.882   1.00 20.00 ? 56  PHE A CA 1 
ATOM 57  C CA . PRO A 1 57  ? 18.611  16.526  10.070  1.00 20.00 ? 57  PRO A CA 1 
ATOM 58  C CA . ASN A 1 58  ? 18.106  13.258  8.153   1.00 20.00 ? 58  ASN A CA 1 
ATOM 59  C CA . LEU A 1 59  ? 18.649  9.492   8.309   1.00 20.00 ? 59  LEU A CA 1 
ATOM 60  C CA . PRO A 1 60  ? 21.341  8.368   7.906   1.00 20.00 ? 60  PRO A CA 1 
ATOM 61  C CA . TYR A 1 61  ? 23.488  10.342  10.269  1.00 20.00 ? 61  TYR A CA 1 
ATOM 62  C CA . LEU A 1 62  ? 26.964  9.754   11.574  1.00 20.00 ? 62  LEU A CA 1 
ATOM 63  C CA . ILE A 1 63  ? 28.360  11.386  14.666  1.00 20.00 ? 63  ILE A CA 1 
ATOM 64  C CA . ASP A 1 64  ? 32.107  11.339  15.245  1.00 20.00 ? 64  ASP A CA 1 
ATOM 65  C CA . GLY A 1 65  ? 32.719  13.565  18.240  1.00 20.00 ? 65  GLY A CA 1 
ATOM 66  C CA . SER A 1 66  ? 32.231  17.151  17.042  1.00 20.00 ? 66  SER A CA 1 
ATOM 67  C CA . ARG A 1 67  ? 31.758  16.028  13.467  1.00 20.00 ? 67  ARG A CA 1 
ATOM 68  C CA . LYS A 1 68  ? 28.080  15.523  12.657  1.00 20.00 ? 68  LYS A CA 1 
ATOM 69  C CA . ILE A 1 69  ? 27.252  14.545  9.064   1.00 20.00 ? 69  ILE A CA 1 
ATOM 70  C CA . THR A 1 70  ? 24.144  13.745  7.037   1.00 20.00 ? 70  THR A CA 1 
ATOM 71  C CA . GLN A 1 71  ? 23.783  12.563  3.402   1.00 20.00 ? 71  GLN A CA 1 
ATOM 72  C CA . SER A 1 72  ? 24.932  8.960   2.828   1.00 20.00 ? 72  SER A CA 1 
ATOM 73  C CA . ASN A 1 73  ? 27.493  9.869   0.136   1.00 20.00 ? 73  ASN A CA 1 
ATOM 74  C CA . ALA A 1 74  ? 28.899  12.554  2.467   1.00 20.00 ? 74  ALA A CA 1 
ATOM 75  C CA . ILE A 1 75  ? 29.201  9.899   5.199   1.00 20.00 ? 75  ILE A CA 1 
ATOM 76  C CA . MET A 1 76  ? 30.887  7.569   2.689   1.00 20.00 ? 76  MET A CA 1 
ATOM 77  C CA . ARG A 1 77  ? 33.589  10.056  1.606   1.00 20.00 ? 77  ARG A CA 1 
ATOM 78  C CA . TYR A 1 78  ? 34.291  11.175  5.200   1.00 20.00 ? 78  TYR A CA 1 
ATOM 79  C CA . LEU A 1 79  ? 35.064  7.569   6.220   1.00 20.00 ? 79  LEU A CA 1 
ATOM 80  C CA . ALA A 1 80  ? 36.918  7.119   2.897   1.00 20.00 ? 80  ALA A CA 1 
ATOM 81  C CA . ARG A 1 81  ? 39.063  10.167  3.606   1.00 20.00 ? 81  ARG A CA 1 
ATOM 82  C CA . LYS A 1 82  ? 39.776  9.003   7.158   1.00 20.00 ? 82  LYS A CA 1 
ATOM 83  C CA . HIS A 1 83  ? 40.965  5.576   6.003   1.00 20.00 ? 83  HIS A CA 1 
ATOM 84  C CA . HIS A 1 84  ? 42.417  6.544   2.606   1.00 20.00 ? 84  HIS A CA 1 
ATOM 85  C CA . LEU A 1 85  ? 39.839  4.660   0.509   1.00 20.00 ? 85  LEU A CA 1 
ATOM 86  C CA . CYS A 1 86  ? 39.699  7.381   -2.142  1.00 20.00 ? 86  CYS A CA 1 
ATOM 87  C CA . GLY A 1 87  ? 41.165  7.112   -5.657  1.00 20.00 ? 87  GLY A CA 1 
ATOM 88  C CA . GLU A 1 88  ? 44.723  8.485   -5.726  1.00 20.00 ? 88  GLU A CA 1 
ATOM 89  C CA . THR A 1 89  ? 45.027  9.426   -9.384  1.00 20.00 ? 89  THR A CA 1 
ATOM 90  C CA . GLU A 1 90  ? 42.693  11.610  -11.416 1.00 20.00 ? 90  GLU A CA 1 
ATOM 91  C CA . GLU A 1 91  ? 41.558  8.573   -13.399 1.00 20.00 ? 91  GLU A CA 1 
ATOM 92  C CA . GLU A 1 92  ? 40.560  6.710   -10.254 1.00 20.00 ? 92  GLU A CA 1 
ATOM 93  C CA . ARG A 1 93  ? 38.695  9.837   -8.952  1.00 20.00 ? 93  ARG A CA 1 
ATOM 94  C CA . ILE A 1 94  ? 36.593  10.387  -12.051 1.00 20.00 ? 94  ILE A CA 1 
ATOM 95  C CA . ARG A 1 95  ? 35.738  6.652   -11.981 1.00 20.00 ? 95  ARG A CA 1 
ATOM 96  C CA . ALA A 1 96  ? 34.716  6.935   -8.282  1.00 20.00 ? 96  ALA A CA 1 
ATOM 97  C CA . ASP A 1 97  ? 32.681  10.125  -8.935  1.00 20.00 ? 97  ASP A CA 1 
ATOM 98  C CA . ILE A 1 98  ? 30.726  8.636   -11.821 1.00 20.00 ? 98  ILE A CA 1 
ATOM 99  C CA . VAL A 1 99  ? 30.004  5.311   -10.057 1.00 20.00 ? 99  VAL A CA 1 
ATOM 100 C CA . GLU A 1 100 ? 28.958  7.060   -6.833  1.00 20.00 ? 100 GLU A CA 1 
ATOM 101 C CA . ASN A 1 101 ? 26.380  8.991   -8.834  1.00 20.00 ? 101 ASN A CA 1 
ATOM 102 C CA . GLN A 1 102 ? 25.361  6.127   -11.125 1.00 20.00 ? 102 GLN A CA 1 
ATOM 103 C CA . VAL A 1 103 ? 24.666  3.982   -8.045  1.00 20.00 ? 103 VAL A CA 1 
ATOM 104 C CA . MET A 1 104 ? 22.196  6.565   -6.668  1.00 20.00 ? 104 MET A CA 1 
ATOM 105 C CA . ASP A 1 105 ? 20.216  6.726   -9.954  1.00 20.00 ? 105 ASP A CA 1 
ATOM 106 C CA . ASN A 1 106 ? 19.921  2.889   -10.194 1.00 20.00 ? 106 ASN A CA 1 
ATOM 107 C CA . ARG A 1 107 ? 18.908  3.002   -6.522  1.00 20.00 ? 107 ARG A CA 1 
ATOM 108 C CA . MET A 1 108 ? 16.161  5.626   -7.100  1.00 20.00 ? 108 MET A CA 1 
ATOM 109 C CA . GLN A 1 109 ? 14.852  3.712   -10.147 1.00 20.00 ? 109 GLN A CA 1 
ATOM 110 C CA . LEU A 1 110 ? 14.376  0.680   -7.820  1.00 20.00 ? 110 LEU A CA 1 
ATOM 111 C CA . ILE A 1 111 ? 12.953  2.748   -4.948  1.00 20.00 ? 111 ILE A CA 1 
ATOM 112 C CA . MET A 1 112 ? 10.414  4.427   -7.268  1.00 20.00 ? 112 MET A CA 1 
ATOM 113 C CA . LEU A 1 113 ? 9.117   1.075   -8.498  1.00 20.00 ? 113 LEU A CA 1 
ATOM 114 C CA . CYS A 1 114 ? 8.820   -0.566  -5.058  1.00 20.00 ? 114 CYS A CA 1 
ATOM 115 C CA . TYR A 1 115 ? 6.904   2.472   -3.758  1.00 20.00 ? 115 TYR A CA 1 
ATOM 116 C CA . ASN A 1 116 ? 4.440   2.299   -6.676  1.00 20.00 ? 116 ASN A CA 1 
ATOM 117 C CA . PRO A 1 117 ? 1.072   0.843   -5.668  1.00 20.00 ? 117 PRO A CA 1 
ATOM 118 C CA . ASP A 1 118 ? 1.221   -0.124  -9.355  1.00 20.00 ? 118 ASP A CA 1 
ATOM 119 C CA . PHE A 1 119 ? 4.166   -2.362  -8.620  1.00 20.00 ? 119 PHE A CA 1 
ATOM 120 C CA . GLU A 1 120 ? 2.864   -5.689  -9.931  1.00 20.00 ? 120 GLU A CA 1 
ATOM 121 C CA . LYS A 1 121 ? 1.817   -4.122  -13.194 1.00 20.00 ? 121 LYS A CA 1 
ATOM 122 C CA . GLN A 1 122 ? 4.853   -1.819  -13.439 1.00 20.00 ? 122 GLN A CA 1 
ATOM 123 C CA . LYS A 1 123 ? 7.319   -4.580  -12.637 1.00 20.00 ? 123 LYS A CA 1 
ATOM 124 C CA . PRO A 1 124 ? 7.405   -6.582  -15.857 1.00 20.00 ? 124 PRO A CA 1 
ATOM 125 C CA . GLU A 1 125 ? 8.190   -3.260  -17.504 1.00 20.00 ? 125 GLU A CA 1 
ATOM 126 C CA . PHE A 1 126 ? 11.042  -2.690  -15.126 1.00 20.00 ? 126 PHE A CA 1 
ATOM 127 C CA . LEU A 1 127 ? 12.567  -6.115  -15.636 1.00 20.00 ? 127 LEU A CA 1 
ATOM 128 C CA . LYS A 1 128 ? 13.088  -5.355  -19.332 1.00 20.00 ? 128 LYS A CA 1 
ATOM 129 C CA . THR A 1 129 ? 15.468  -2.590  -18.350 1.00 20.00 ? 129 THR A CA 1 
ATOM 130 C CA . ILE A 1 130 ? 17.724  -4.632  -16.049 1.00 20.00 ? 130 ILE A CA 1 
ATOM 131 C CA . PRO A 1 131 ? 20.028  -6.294  -18.601 1.00 20.00 ? 131 PRO A CA 1 
ATOM 132 C CA . GLU A 1 132 ? 21.237  -2.988  -20.101 1.00 20.00 ? 132 GLU A CA 1 
ATOM 133 C CA . LYS A 1 133 ? 21.795  -1.713  -16.566 1.00 20.00 ? 133 LYS A CA 1 
ATOM 134 C CA . MET A 1 134 ? 24.008  -4.686  -15.681 1.00 20.00 ? 134 MET A CA 1 
ATOM 135 C CA . LYS A 1 135 ? 25.709  -4.524  -19.067 1.00 20.00 ? 135 LYS A CA 1 
ATOM 136 C CA . LEU A 1 136 ? 26.866  -0.954  -18.356 1.00 20.00 ? 136 LEU A CA 1 
ATOM 137 C CA . TYR A 1 137 ? 28.392  -1.902  -14.972 1.00 20.00 ? 137 TYR A CA 1 
ATOM 138 C CA . SER A 1 138 ? 29.884  -5.005  -16.618 1.00 20.00 ? 138 SER A CA 1 
ATOM 139 C CA . GLU A 1 139 ? 31.531  -3.165  -19.496 1.00 20.00 ? 139 GLU A CA 1 
ATOM 140 C CA . PHE A 1 140 ? 32.809  -0.522  -17.053 1.00 20.00 ? 140 PHE A CA 1 
ATOM 141 C CA . LEU A 1 141 ? 34.525  -2.801  -14.533 1.00 20.00 ? 141 LEU A CA 1 
ATOM 142 C CA . GLY A 1 142 ? 36.070  -4.730  -17.444 1.00 20.00 ? 142 GLY A CA 1 
ATOM 143 C CA . LYS A 1 143 ? 38.950  -6.920  -16.277 1.00 20.00 ? 143 LYS A CA 1 
ATOM 144 C CA . ARG A 1 144 ? 39.809  -4.766  -13.228 1.00 20.00 ? 144 ARG A CA 1 
ATOM 145 C CA . PRO A 1 145 ? 39.516  -6.233  -9.746  1.00 20.00 ? 145 PRO A CA 1 
ATOM 146 C CA . TRP A 1 146 ? 37.547  -3.201  -8.484  1.00 20.00 ? 146 TRP A CA 1 
ATOM 147 C CA . PHE A 1 147 ? 35.501  -0.260  -9.788  1.00 20.00 ? 147 PHE A CA 1 
ATOM 148 C CA . ALA A 1 148 ? 38.175  2.485   -9.485  1.00 20.00 ? 148 ALA A CA 1 
ATOM 149 C CA . GLY A 1 149 ? 41.182  0.354   -10.492 1.00 20.00 ? 149 GLY A CA 1 
ATOM 150 C CA . ASP A 1 150 ? 43.675  -2.047  -8.969  1.00 20.00 ? 150 ASP A CA 1 
ATOM 151 C CA . LYS A 1 151 ? 42.560  -1.354  -5.356  1.00 20.00 ? 151 LYS A CA 1 
ATOM 152 C CA . VAL A 1 152 ? 39.352  -1.272  -3.361  1.00 20.00 ? 152 VAL A CA 1 
ATOM 153 C CA . THR A 1 153 ? 37.831  2.180   -2.799  1.00 20.00 ? 153 THR A CA 1 
ATOM 154 C CA . TYR A 1 154 ? 34.721  3.412   -0.984  1.00 20.00 ? 154 TYR A CA 1 
ATOM 155 C CA . VAL A 1 155 ? 32.802  3.038   -4.288  1.00 20.00 ? 155 VAL A CA 1 
ATOM 156 C CA . ASP A 1 156 ? 33.163  -0.774  -4.258  1.00 20.00 ? 156 ASP A CA 1 
ATOM 157 C CA . PHE A 1 157 ? 30.868  -0.643  -1.192  1.00 20.00 ? 157 PHE A CA 1 
ATOM 158 C CA . LEU A 1 158 ? 28.207  1.239   -3.171  1.00 20.00 ? 158 LEU A CA 1 
ATOM 159 C CA . ALA A 1 159 ? 28.553  -1.036  -6.281  1.00 20.00 ? 159 ALA A CA 1 
ATOM 160 C CA . TYR A 1 160 ? 28.293  -4.206  -4.197  1.00 20.00 ? 160 TYR A CA 1 
ATOM 161 C CA . ASP A 1 161 ? 25.129  -2.947  -2.568  1.00 20.00 ? 161 ASP A CA 1 
ATOM 162 C CA . ILE A 1 162 ? 23.194  -1.985  -5.731  1.00 20.00 ? 162 ILE A CA 1 
ATOM 163 C CA . LEU A 1 163 ? 24.277  -5.156  -7.637  1.00 20.00 ? 163 LEU A CA 1 
ATOM 164 C CA . ASP A 1 164 ? 23.475  -7.207  -4.533  1.00 20.00 ? 164 ASP A CA 1 
ATOM 165 C CA . GLN A 1 165 ? 20.037  -5.614  -4.357  1.00 20.00 ? 165 GLN A CA 1 
ATOM 166 C CA . TYR A 1 166 ? 19.203  -5.953  -8.097  1.00 20.00 ? 166 TYR A CA 1 
ATOM 167 C CA . HIS A 1 167 ? 20.381  -9.550  -7.719  1.00 20.00 ? 167 HIS A CA 1 
ATOM 168 C CA . ILE A 1 168 ? 17.938  -10.117 -4.875  1.00 20.00 ? 168 ILE A CA 1 
ATOM 169 C CA . PHE A 1 169 ? 15.133  -8.597  -6.979  1.00 20.00 ? 169 PHE A CA 1 
ATOM 170 C CA . GLU A 1 170 ? 16.070  -10.718 -10.026 1.00 20.00 ? 170 GLU A CA 1 
ATOM 171 C CA . PRO A 1 171 ? 18.152  -13.810 -9.393  1.00 20.00 ? 171 PRO A CA 1 
ATOM 172 C CA . LYS A 1 172 ? 19.001  -14.404 -13.064 1.00 20.00 ? 172 LYS A CA 1 
ATOM 173 C CA . CYS A 1 173 ? 20.119  -10.834 -13.862 1.00 20.00 ? 173 CYS A CA 1 
ATOM 174 C CA . LEU A 1 174 ? 23.819  -11.569 -13.435 1.00 20.00 ? 174 LEU A CA 1 
ATOM 175 C CA . ASP A 1 175 ? 24.138  -14.914 -15.319 1.00 20.00 ? 175 ASP A CA 1 
ATOM 176 C CA . ALA A 1 176 ? 25.169  -13.070 -18.516 1.00 20.00 ? 176 ALA A CA 1 
ATOM 177 C CA . PHE A 1 177 ? 27.781  -11.066 -16.617 1.00 20.00 ? 177 PHE A CA 1 
ATOM 178 C CA . PRO A 1 178 ? 30.573  -13.187 -15.201 1.00 20.00 ? 178 PRO A CA 1 
ATOM 179 C CA . ASN A 1 179 ? 32.756  -10.310 -14.068 1.00 20.00 ? 179 ASN A CA 1 
ATOM 180 C CA . LEU A 1 180 ? 29.860  -9.009  -11.938 1.00 20.00 ? 180 LEU A CA 1 
ATOM 181 C CA . LYS A 1 181 ? 29.188  -12.390 -10.310 1.00 20.00 ? 181 LYS A CA 1 
ATOM 182 C CA . ASP A 1 182 ? 32.931  -12.531 -9.623  1.00 20.00 ? 182 ASP A CA 1 
ATOM 183 C CA . PHE A 1 183 ? 32.936  -8.979  -8.276  1.00 20.00 ? 183 PHE A CA 1 
ATOM 184 C CA . LEU A 1 184 ? 30.185  -10.058 -5.854  1.00 20.00 ? 184 LEU A CA 1 
ATOM 185 C CA . ALA A 1 185 ? 32.269  -12.959 -4.491  1.00 20.00 ? 185 ALA A CA 1 
ATOM 186 C CA . ARG A 1 186 ? 35.544  -11.026 -4.387  1.00 20.00 ? 186 ARG A CA 1 
ATOM 187 C CA . PHE A 1 187 ? 33.912  -8.349  -2.190  1.00 20.00 ? 187 PHE A CA 1 
ATOM 188 C CA . GLU A 1 188 ? 32.133  -10.960 -0.043  1.00 20.00 ? 188 GLU A CA 1 
ATOM 189 C CA . GLY A 1 189 ? 35.543  -12.591 0.343   1.00 20.00 ? 189 GLY A CA 1 
ATOM 190 C CA . LEU A 1 190 ? 37.279  -9.604  1.981   1.00 20.00 ? 190 LEU A CA 1 
ATOM 191 C CA . LYS A 1 191 ? 38.043  -10.860 5.525   1.00 20.00 ? 191 LYS A CA 1 
ATOM 192 C CA . LYS A 1 192 ? 36.073  -8.320  7.522   1.00 20.00 ? 192 LYS A CA 1 
ATOM 193 C CA . ILE A 1 193 ? 32.974  -8.353  5.267   1.00 20.00 ? 193 ILE A CA 1 
ATOM 194 C CA . SER A 1 194 ? 32.929  -12.130 5.623   1.00 20.00 ? 194 SER A CA 1 
ATOM 195 C CA . ALA A 1 195 ? 33.219  -11.984 9.400   1.00 20.00 ? 195 ALA A CA 1 
ATOM 196 C CA . TYR A 1 196 ? 30.503  -9.302  9.399   1.00 20.00 ? 196 TYR A CA 1 
ATOM 197 C CA . MET A 1 197 ? 27.908  -11.281 7.442   1.00 20.00 ? 197 MET A CA 1 
ATOM 198 C CA . LYS A 1 198 ? 27.987  -13.926 10.222  1.00 20.00 ? 198 LYS A CA 1 
ATOM 199 C CA . SER A 1 199 ? 27.594  -11.351 13.000  1.00 20.00 ? 199 SER A CA 1 
ATOM 200 C CA . SER A 1 200 ? 24.639  -10.315 15.081  1.00 20.00 ? 200 SER A CA 1 
ATOM 201 C CA . ARG A 1 201 ? 24.634  -6.942  13.332  1.00 20.00 ? 201 ARG A CA 1 
ATOM 202 C CA . TYR A 1 202 ? 24.143  -8.155  9.757   1.00 20.00 ? 202 TYR A CA 1 
ATOM 203 C CA . LEU A 1 203 ? 20.912  -6.863  8.264   1.00 20.00 ? 203 LEU A CA 1 
ATOM 204 C CA . SER A 1 204 ? 20.415  -7.859  4.594   1.00 20.00 ? 204 SER A CA 1 
ATOM 205 C CA . THR A 1 205 ? 16.648  -7.555  4.406   1.00 20.00 ? 205 THR A CA 1 
ATOM 206 C CA . PRO A 1 206 ? 14.208  -6.019  4.555   1.00 20.00 ? 206 PRO A CA 1 
ATOM 207 C CA . ILE A 1 207 ? 15.697  -3.500  2.143   1.00 20.00 ? 207 ILE A CA 1 
ATOM 208 C CA . PHE A 1 208 ? 12.670  -1.214  2.197   1.00 20.00 ? 208 PHE A CA 1 
ATOM 209 C CA . SER A 1 209 ? 10.320  0.148   4.844   1.00 20.00 ? 209 SER A CA 1 
ATOM 210 C CA . LYS A 1 210 ? 6.819   -1.179  5.534   1.00 20.00 ? 210 LYS A CA 1 
ATOM 211 C CA . LEU A 1 211 ? 5.318   1.306   3.091   1.00 20.00 ? 211 LEU A CA 1 
ATOM 212 C CA . ALA A 1 212 ? 7.090   -0.371  0.132   1.00 20.00 ? 212 ALA A CA 1 
ATOM 213 C CA . GLN A 1 213 ? 5.533   -3.109  -2.007  1.00 20.00 ? 213 GLN A CA 1 
ATOM 214 C CA . TRP A 1 214 ? 8.601   -5.315  -2.080  1.00 20.00 ? 214 TRP A CA 1 
ATOM 215 C CA . SER A 1 215 ? 11.085  -6.435  0.554   1.00 20.00 ? 215 SER A CA 1 
ATOM 216 C CA . ASN A 1 216 ? 8.945   -4.600  3.110   1.00 20.00 ? 216 ASN A CA 1 
ATOM 217 C CA . LYS A 1 217 ? 9.136   -7.310  5.764   1.00 20.00 ? 217 LYS A CA 1 
ATOM 218 C CA . PRO B 1 1   ? 37.153  23.015  -27.202 1.00 20.00 ? 1   PRO B CA 1 
ATOM 219 C CA . MET B 1 2   ? 35.383  20.946  -24.578 1.00 20.00 ? 2   MET B CA 1 
ATOM 220 C CA . ILE B 1 3   ? 31.794  19.947  -25.265 1.00 20.00 ? 3   ILE B CA 1 
ATOM 221 C CA . LEU B 1 4   ? 28.810  20.122  -22.917 1.00 20.00 ? 4   LEU B CA 1 
ATOM 222 C CA . GLY B 1 5   ? 25.728  18.120  -23.978 1.00 20.00 ? 5   GLY B CA 1 
ATOM 223 C CA . TYR B 1 6   ? 22.267  18.606  -22.526 1.00 20.00 ? 6   TYR B CA 1 
ATOM 224 C CA . TRP B 1 7   ? 18.683  19.483  -23.327 1.00 20.00 ? 7   TRP B CA 1 
ATOM 225 C CA . ASN B 1 8   ? 17.819  23.048  -24.352 1.00 20.00 ? 8   ASN B CA 1 
ATOM 226 C CA . VAL B 1 9   ? 16.527  23.722  -20.780 1.00 20.00 ? 9   VAL B CA 1 
ATOM 227 C CA . ARG B 1 10  ? 18.112  24.760  -17.504 1.00 20.00 ? 10  ARG B CA 1 
ATOM 228 C CA . GLY B 1 11  ? 17.216  21.491  -15.759 1.00 20.00 ? 11  GLY B CA 1 
ATOM 229 C CA . LEU B 1 12  ? 20.040  20.606  -13.377 1.00 20.00 ? 12  LEU B CA 1 
ATOM 230 C CA . THR B 1 13  ? 22.726  21.866  -15.742 1.00 20.00 ? 13  THR B CA 1 
ATOM 231 C CA . HIS B 1 14  ? 22.909  25.573  -14.718 1.00 20.00 ? 14  HIS B CA 1 
ATOM 232 C CA . PRO B 1 15  ? 25.812  24.976  -12.269 1.00 20.00 ? 15  PRO B CA 1 
ATOM 233 C CA . ILE B 1 16  ? 28.066  23.460  -14.963 1.00 20.00 ? 16  ILE B CA 1 
ATOM 234 C CA . ARG B 1 17  ? 27.236  26.225  -17.488 1.00 20.00 ? 17  ARG B CA 1 
ATOM 235 C CA . LEU B 1 18  ? 28.148  28.708  -14.767 1.00 20.00 ? 18  LEU B CA 1 
ATOM 236 C CA . LEU B 1 19  ? 31.311  26.822  -13.797 1.00 20.00 ? 19  LEU B CA 1 
ATOM 237 C CA . LEU B 1 20  ? 32.514  26.823  -17.425 1.00 20.00 ? 20  LEU B CA 1 
ATOM 238 C CA . GLU B 1 21  ? 32.071  30.566  -17.728 1.00 20.00 ? 21  GLU B CA 1 
ATOM 239 C CA . TYR B 1 22  ? 33.570  31.316  -14.321 1.00 20.00 ? 22  TYR B CA 1 
ATOM 240 C CA . THR B 1 23  ? 36.712  29.350  -15.193 1.00 20.00 ? 23  THR B CA 1 
ATOM 241 C CA . ASP B 1 24  ? 37.033  30.845  -18.697 1.00 20.00 ? 24  ASP B CA 1 
ATOM 242 C CA . SER B 1 25  ? 36.674  27.373  -20.205 1.00 20.00 ? 25  SER B CA 1 
ATOM 243 C CA . SER B 1 26  ? 36.903  27.112  -23.983 1.00 20.00 ? 26  SER B CA 1 
ATOM 244 C CA . TYR B 1 27  ? 33.848  24.944  -24.652 1.00 20.00 ? 27  TYR B CA 1 
ATOM 245 C CA . GLU B 1 28  ? 30.837  24.724  -27.011 1.00 20.00 ? 28  GLU B CA 1 
ATOM 246 C CA . GLU B 1 29  ? 27.470  23.154  -26.200 1.00 20.00 ? 29  GLU B CA 1 
ATOM 247 C CA . LYS B 1 30  ? 25.124  20.831  -28.058 1.00 20.00 ? 30  LYS B CA 1 
ATOM 248 C CA . ARG B 1 31  ? 21.667  21.701  -26.716 1.00 20.00 ? 31  ARG B CA 1 
ATOM 249 C CA . TYR B 1 32  ? 19.390  18.872  -27.900 1.00 20.00 ? 32  TYR B CA 1 
ATOM 250 C CA . ALA B 1 33  ? 15.710  19.474  -28.496 1.00 20.00 ? 33  ALA B CA 1 
ATOM 251 C CA . MET B 1 34  ? 12.718  17.279  -27.615 1.00 20.00 ? 34  MET B CA 1 
ATOM 252 C CA . GLY B 1 35  ? 9.733   16.975  -29.969 1.00 20.00 ? 35  GLY B CA 1 
ATOM 253 C CA . ASP B 1 36  ? 6.343   18.592  -29.370 1.00 20.00 ? 36  ASP B CA 1 
ATOM 254 C CA . ALA B 1 37  ? 3.073   16.881  -28.512 1.00 20.00 ? 37  ALA B CA 1 
ATOM 255 C CA . PRO B 1 38  ? 1.790   14.315  -28.139 1.00 20.00 ? 38  PRO B CA 1 
ATOM 256 C CA . ASP B 1 39  ? 5.106   12.507  -28.482 1.00 20.00 ? 39  ASP B CA 1 
ATOM 257 C CA . TYR B 1 40  ? 7.849   14.703  -26.923 1.00 20.00 ? 40  TYR B CA 1 
ATOM 258 C CA . ASP B 1 41  ? 10.182  13.056  -29.427 1.00 20.00 ? 41  ASP B CA 1 
ATOM 259 C CA . ARG B 1 42  ? 13.661  12.239  -28.098 1.00 20.00 ? 42  ARG B CA 1 
ATOM 260 C CA . SER B 1 43  ? 15.413  11.018  -31.279 1.00 20.00 ? 43  SER B CA 1 
ATOM 261 C CA . GLN B 1 44  ? 18.007  13.830  -31.560 1.00 20.00 ? 44  GLN B CA 1 
ATOM 262 C CA . TRP B 1 45  ? 19.701  12.429  -28.448 1.00 20.00 ? 45  TRP B CA 1 
ATOM 263 C CA . LEU B 1 46  ? 18.522  8.829   -28.863 1.00 20.00 ? 46  LEU B CA 1 
ATOM 264 C CA . ASN B 1 47  ? 20.267  8.473   -32.217 1.00 20.00 ? 47  ASN B CA 1 
ATOM 265 C CA . GLU B 1 48  ? 23.629  9.289   -30.647 1.00 20.00 ? 48  GLU B CA 1 
ATOM 266 C CA . LYS B 1 49  ? 23.266  8.193   -26.988 1.00 20.00 ? 49  LYS B CA 1 
ATOM 267 C CA . PHE B 1 50  ? 25.461  5.103   -27.530 1.00 20.00 ? 50  PHE B CA 1 
ATOM 268 C CA . LYS B 1 51  ? 27.626  6.645   -30.238 1.00 20.00 ? 51  LYS B CA 1 
ATOM 269 C CA . LEU B 1 52  ? 29.767  8.919   -28.125 1.00 20.00 ? 52  LEU B CA 1 
ATOM 270 C CA . GLY B 1 53  ? 31.907  6.514   -26.123 1.00 20.00 ? 53  GLY B CA 1 
ATOM 271 C CA . LEU B 1 54  ? 30.369  7.509   -22.764 1.00 20.00 ? 54  LEU B CA 1 
ATOM 272 C CA . ASP B 1 55  ? 30.585  4.664   -20.168 1.00 20.00 ? 55  ASP B CA 1 
ATOM 273 C CA . PHE B 1 56  ? 27.170  5.377   -18.759 1.00 20.00 ? 56  PHE B CA 1 
ATOM 274 C CA . PRO B 1 57  ? 25.285  7.489   -21.311 1.00 20.00 ? 57  PRO B CA 1 
ATOM 275 C CA . ASN B 1 58  ? 23.206  10.397  -20.086 1.00 20.00 ? 58  ASN B CA 1 
ATOM 276 C CA . LEU B 1 59  ? 22.718  14.155  -20.235 1.00 20.00 ? 59  LEU B CA 1 
ATOM 277 C CA . PRO B 1 60  ? 24.555  16.073  -19.201 1.00 20.00 ? 60  PRO B CA 1 
ATOM 278 C CA . TYR B 1 61  ? 27.873  14.930  -20.501 1.00 20.00 ? 61  TYR B CA 1 
ATOM 279 C CA . LEU B 1 62  ? 31.229  16.575  -20.805 1.00 20.00 ? 62  LEU B CA 1 
ATOM 280 C CA . ILE B 1 63  ? 33.925  15.758  -23.362 1.00 20.00 ? 63  ILE B CA 1 
ATOM 281 C CA . ASP B 1 64  ? 37.363  17.151  -22.453 1.00 20.00 ? 64  ASP B CA 1 
ATOM 282 C CA . GLY B 1 65  ? 39.956  15.644  -24.790 1.00 20.00 ? 65  GLY B CA 1 
ATOM 283 C CA . SER B 1 66  ? 40.123  11.945  -23.931 1.00 20.00 ? 66  SER B CA 1 
ATOM 284 C CA . ARG B 1 67  ? 38.048  12.490  -20.807 1.00 20.00 ? 67  ARG B CA 1 
ATOM 285 C CA . LYS B 1 68  ? 34.303  11.824  -21.262 1.00 20.00 ? 68  LYS B CA 1 
ATOM 286 C CA . ILE B 1 69  ? 32.096  12.279  -18.126 1.00 20.00 ? 69  ILE B CA 1 
ATOM 287 C CA . THR B 1 70  ? 28.434  11.811  -17.192 1.00 20.00 ? 70  THR B CA 1 
ATOM 288 C CA . GLN B 1 71  ? 26.507  12.616  -13.971 1.00 20.00 ? 71  GLN B CA 1 
ATOM 289 C CA . SER B 1 72  ? 26.293  16.369  -13.163 1.00 20.00 ? 72  SER B CA 1 
ATOM 290 C CA . ASN B 1 73  ? 28.061  16.110  -9.792  1.00 20.00 ? 73  ASN B CA 1 
ATOM 291 C CA . ALA B 1 74  ? 30.984  14.191  -11.352 1.00 20.00 ? 74  ALA B CA 1 
ATOM 292 C CA . ILE B 1 75  ? 31.325  16.953  -14.000 1.00 20.00 ? 75  ILE B CA 1 
ATOM 293 C CA . MET B 1 76  ? 31.140  19.610  -11.297 1.00 20.00 ? 76  MET B CA 1 
ATOM 294 C CA . ARG B 1 77  ? 33.828  17.820  -9.251  1.00 20.00 ? 77  ARG B CA 1 
ATOM 295 C CA . TYR B 1 78  ? 36.063  17.206  -12.287 1.00 20.00 ? 78  TYR B CA 1 
ATOM 296 C CA . LEU B 1 79  ? 35.844  20.886  -13.178 1.00 20.00 ? 79  LEU B CA 1 
ATOM 297 C CA . ALA B 1 80  ? 36.446  21.871  -9.520  1.00 20.00 ? 80  ALA B CA 1 
ATOM 298 C CA . ARG B 1 81  ? 39.590  19.752  -9.239  1.00 20.00 ? 81  ARG B CA 1 
ATOM 299 C CA . LYS B 1 82  ? 40.795  21.116  -12.624 1.00 20.00 ? 82  LYS B CA 1 
ATOM 300 C CA . HIS B 1 83  ? 40.467  24.729  -11.509 1.00 20.00 ? 83  HIS B CA 1 
ATOM 301 C CA . HIS B 1 84  ? 41.278  24.192  -7.842  1.00 20.00 ? 84  HIS B CA 1 
ATOM 302 C CA . LEU B 1 85  ? 37.765  24.992  -6.471  1.00 20.00 ? 85  LEU B CA 1 
ATOM 303 C CA . CYS B 1 86  ? 37.459  22.322  -3.736  1.00 20.00 ? 86  CYS B CA 1 
ATOM 304 C CA . GLY B 1 87  ? 37.559  22.688  0.056   1.00 20.00 ? 87  GLY B CA 1 
ATOM 305 C CA . GLU B 1 88  ? 41.222  22.716  1.097   1.00 20.00 ? 88  GLU B CA 1 
ATOM 306 C CA . THR B 1 89  ? 40.621  21.680  4.719   1.00 20.00 ? 89  THR B CA 1 
ATOM 307 C CA . GLU B 1 90  ? 38.704  18.711  6.184   1.00 20.00 ? 90  GLU B CA 1 
ATOM 308 C CA . GLU B 1 91  ? 35.873  20.949  7.360   1.00 20.00 ? 91  GLU B CA 1 
ATOM 309 C CA . GLU B 1 92  ? 35.491  22.566  3.912   1.00 20.00 ? 92  GLU B CA 1 
ATOM 310 C CA . ARG B 1 93  ? 35.356  19.177  2.283   1.00 20.00 ? 93  ARG B CA 1 
ATOM 311 C CA . ILE B 1 94  ? 32.783  18.083  4.793   1.00 20.00 ? 94  ILE B CA 1 
ATOM 312 C CA . ARG B 1 95  ? 30.536  21.116  4.191   1.00 20.00 ? 95  ARG B CA 1 
ATOM 313 C CA . ALA B 1 96  ? 30.954  20.726  0.391   1.00 20.00 ? 96  ALA B CA 1 
ATOM 314 C CA . ASP B 1 97  ? 30.023  17.035  0.606   1.00 20.00 ? 97  ASP B CA 1 
ATOM 315 C CA . ILE B 1 98  ? 26.788  17.632  2.461   1.00 20.00 ? 98  ILE B CA 1 
ATOM 316 C CA . VAL B 1 99  ? 25.694  20.687  0.525   1.00 20.00 ? 99  VAL B CA 1 
ATOM 317 C CA . GLU B 1 100 ? 26.261  19.061  -2.843  1.00 20.00 ? 100 GLU B CA 1 
ATOM 318 C CA . ASN B 1 101 ? 24.160  16.108  -1.769  1.00 20.00 ? 101 ASN B CA 1 
ATOM 319 C CA . GLN B 1 102 ? 21.567  18.334  0.007   1.00 20.00 ? 102 GLN B CA 1 
ATOM 320 C CA . VAL B 1 103 ? 20.917  20.484  -3.150  1.00 20.00 ? 103 VAL B CA 1 
ATOM 321 C CA . MET B 1 104 ? 20.235  17.281  -5.206  1.00 20.00 ? 104 MET B CA 1 
ATOM 322 C CA . ASP B 1 105 ? 17.680  16.230  -2.604  1.00 20.00 ? 105 ASP B CA 1 
ATOM 323 C CA . ASN B 1 106 ? 16.055  19.658  -2.664  1.00 20.00 ? 106 ASN B CA 1 
ATOM 324 C CA . ARG B 1 107 ? 16.228  19.488  -6.495  1.00 20.00 ? 107 ARG B CA 1 
ATOM 325 C CA . MET B 1 108 ? 14.757  15.990  -6.692  1.00 20.00 ? 108 MET B CA 1 
ATOM 326 C CA . GLN B 1 109 ? 11.867  17.200  -4.494  1.00 20.00 ? 109 GLN B CA 1 
ATOM 327 C CA . LEU B 1 110 ? 11.215  20.230  -6.685  1.00 20.00 ? 110 LEU B CA 1 
ATOM 328 C CA . ILE B 1 111 ? 11.479  18.053  -9.783  1.00 20.00 ? 111 ILE B CA 1 
ATOM 329 C CA . MET B 1 112 ? 8.837   15.694  -8.345  1.00 20.00 ? 112 MET B CA 1 
ATOM 330 C CA . LEU B 1 113 ? 6.136   18.251  -7.504  1.00 20.00 ? 113 LEU B CA 1 
ATOM 331 C CA . CYS B 1 114 ? 6.220   20.072  -10.863 1.00 20.00 ? 114 CYS B CA 1 
ATOM 332 C CA . TYR B 1 115 ? 5.962   16.680  -12.598 1.00 20.00 ? 115 TYR B CA 1 
ATOM 333 C CA . ASN B 1 116 ? 2.993   15.506  -10.553 1.00 20.00 ? 116 ASN B CA 1 
ATOM 334 C CA . PRO B 1 117 ? -0.311  15.888  -12.417 1.00 20.00 ? 117 PRO B CA 1 
ATOM 335 C CA . ASP B 1 118 ? -1.667  17.153  -9.091  1.00 20.00 ? 118 ASP B CA 1 
ATOM 336 C CA . PHE B 1 119 ? 0.664   20.144  -9.205  1.00 20.00 ? 119 PHE B CA 1 
ATOM 337 C CA . GLU B 1 120 ? -2.055  22.639  -8.382  1.00 20.00 ? 120 GLU B CA 1 
ATOM 338 C CA . LYS B 1 121 ? -3.388  20.322  -5.713  1.00 20.00 ? 121 LYS B CA 1 
ATOM 339 C CA . GLN B 1 122 ? 0.052   19.618  -4.253  1.00 20.00 ? 122 GLN B CA 1 
ATOM 340 C CA . LYS B 1 123 ? 1.487   23.123  -4.721  1.00 20.00 ? 123 LYS B CA 1 
ATOM 341 C CA . PRO B 1 124 ? -0.079  24.490  -1.535  1.00 20.00 ? 124 PRO B CA 1 
ATOM 342 C CA . GLU B 1 125 ? 1.182   21.810  0.897   1.00 20.00 ? 125 GLU B CA 1 
ATOM 343 C CA . PHE B 1 126 ? 4.760   22.017  -0.459  1.00 20.00 ? 126 PHE B CA 1 
ATOM 344 C CA . LEU B 1 127 ? 5.254   25.819  -0.314  1.00 20.00 ? 127 LEU B CA 1 
ATOM 345 C CA . LYS B 1 128 ? 4.566   25.403  3.424   1.00 20.00 ? 128 LYS B CA 1 
ATOM 346 C CA . THR B 1 129 ? 7.791   23.405  3.672   1.00 20.00 ? 129 THR B CA 1 
ATOM 347 C CA . ILE B 1 130 ? 10.002  25.932  1.870   1.00 20.00 ? 130 ILE B CA 1 
ATOM 348 C CA . PRO B 1 131 ? 10.527  28.164  4.891   1.00 20.00 ? 131 PRO B CA 1 
ATOM 349 C CA . GLU B 1 132 ? 12.039  25.219  6.725   1.00 20.00 ? 132 GLU B CA 1 
ATOM 350 C CA . LYS B 1 133 ? 14.291  24.306  3.773   1.00 20.00 ? 133 LYS B CA 1 
ATOM 351 C CA . MET B 1 134 ? 15.591  27.919  3.520   1.00 20.00 ? 134 MET B CA 1 
ATOM 352 C CA . LYS B 1 135 ? 16.097  28.116  7.333   1.00 20.00 ? 135 LYS B CA 1 
ATOM 353 C CA . LEU B 1 136 ? 18.539  25.221  7.113   1.00 20.00 ? 136 LEU B CA 1 
ATOM 354 C CA . TYR B 1 137 ? 20.458  26.927  4.329   1.00 20.00 ? 137 TYR B CA 1 
ATOM 355 C CA . SER B 1 138 ? 20.476  30.273  6.152   1.00 20.00 ? 138 SER B CA 1 
ATOM 356 C CA . GLU B 1 139 ? 21.828  28.866  9.425   1.00 20.00 ? 139 GLU B CA 1 
ATOM 357 C CA . PHE B 1 140 ? 24.302  26.669  7.596   1.00 20.00 ? 140 PHE B CA 1 
ATOM 358 C CA . LEU B 1 141 ? 25.831  29.603  5.736   1.00 20.00 ? 141 LEU B CA 1 
ATOM 359 C CA . GLY B 1 142 ? 25.525  31.977  8.684   1.00 20.00 ? 142 GLY B CA 1 
ATOM 360 C CA . LYS B 1 143 ? 28.003  34.834  8.323   1.00 20.00 ? 143 LYS B CA 1 
ATOM 361 C CA . ARG B 1 144 ? 30.432  33.190  5.920   1.00 20.00 ? 144 ARG B CA 1 
ATOM 362 C CA . PRO B 1 145 ? 30.600  34.664  2.422   1.00 20.00 ? 145 PRO B CA 1 
ATOM 363 C CA . TRP B 1 146 ? 30.520  31.217  0.699   1.00 20.00 ? 146 TRP B CA 1 
ATOM 364 C CA . PHE B 1 147 ? 29.081  27.785  1.448   1.00 20.00 ? 147 PHE B CA 1 
ATOM 365 C CA . ALA B 1 148 ? 32.362  26.100  2.413   1.00 20.00 ? 148 ALA B CA 1 
ATOM 366 C CA . GLY B 1 149 ? 34.312  29.080  3.786   1.00 20.00 ? 149 GLY B CA 1 
ATOM 367 C CA . ASP B 1 150 ? 36.616  31.933  2.712   1.00 20.00 ? 150 ASP B CA 1 
ATOM 368 C CA . LYS B 1 151 ? 36.877  30.766  -0.900  1.00 20.00 ? 151 LYS B CA 1 
ATOM 369 C CA . VAL B 1 152 ? 34.217  30.303  -3.564  1.00 20.00 ? 152 VAL B CA 1 
ATOM 370 C CA . THR B 1 153 ? 34.058  26.519  -4.269  1.00 20.00 ? 153 THR B CA 1 
ATOM 371 C CA . TYR B 1 154 ? 32.109  24.375  -6.784  1.00 20.00 ? 154 TYR B CA 1 
ATOM 372 C CA . VAL B 1 155 ? 29.288  23.977  -4.255  1.00 20.00 ? 155 VAL B CA 1 
ATOM 373 C CA . ASP B 1 156 ? 28.403  27.690  -4.352  1.00 20.00 ? 156 ASP B CA 1 
ATOM 374 C CA . PHE B 1 157 ? 27.372  27.192  -8.025  1.00 20.00 ? 157 PHE B CA 1 
ATOM 375 C CA . LEU B 1 158 ? 25.125  24.341  -6.884  1.00 20.00 ? 158 LEU B CA 1 
ATOM 376 C CA . ALA B 1 159 ? 23.577  26.385  -4.061  1.00 20.00 ? 159 ALA B CA 1 
ATOM 377 C CA . TYR B 1 160 ? 23.219  29.534  -6.200  1.00 20.00 ? 160 TYR B CA 1 
ATOM 378 C CA . ASP B 1 161 ? 21.144  27.414  -8.534  1.00 20.00 ? 161 ASP B CA 1 
ATOM 379 C CA . ILE B 1 162 ? 18.813  25.762  -6.074  1.00 20.00 ? 162 ILE B CA 1 
ATOM 380 C CA . LEU B 1 163 ? 18.167  28.989  -4.059  1.00 20.00 ? 163 LEU B CA 1 
ATOM 381 C CA . ASP B 1 164 ? 17.558  30.840  -7.362  1.00 20.00 ? 164 ASP B CA 1 
ATOM 382 C CA . GLN B 1 165 ? 15.193  28.070  -8.572  1.00 20.00 ? 165 GLN B CA 1 
ATOM 383 C CA . TYR B 1 166 ? 13.351  28.139  -5.204  1.00 20.00 ? 166 TYR B CA 1 
ATOM 384 C CA . HIS B 1 167 ? 13.202  31.900  -5.542  1.00 20.00 ? 167 HIS B CA 1 
ATOM 385 C CA . ILE B 1 168 ? 11.612  31.566  -8.984  1.00 20.00 ? 168 ILE B CA 1 
ATOM 386 C CA . PHE B 1 169 ? 8.809   29.321  -7.705  1.00 20.00 ? 169 PHE B CA 1 
ATOM 387 C CA . GLU B 1 170 ? 8.109   31.422  -4.555  1.00 20.00 ? 170 GLU B CA 1 
ATOM 388 C CA . PRO B 1 171 ? 9.249   35.052  -4.853  1.00 20.00 ? 171 PRO B CA 1 
ATOM 389 C CA . LYS B 1 172 ? 9.006   35.705  -1.117  1.00 20.00 ? 172 LYS B CA 1 
ATOM 390 C CA . CYS B 1 173 ? 10.763  32.540  0.130   1.00 20.00 ? 173 CYS B CA 1 
ATOM 391 C CA . LEU B 1 174 ? 13.834  34.607  0.930   1.00 20.00 ? 174 LEU B CA 1 
ATOM 392 C CA . ASP B 1 175 ? 12.471  37.823  2.517   1.00 20.00 ? 175 ASP B CA 1 
ATOM 393 C CA . ALA B 1 176 ? 13.217  36.280  5.927   1.00 20.00 ? 176 ALA B CA 1 
ATOM 394 C CA . PHE B 1 177 ? 16.811  35.300  5.181   1.00 20.00 ? 177 PHE B CA 1 
ATOM 395 C CA . PRO B 1 178 ? 18.825  38.359  4.246   1.00 20.00 ? 178 PRO B CA 1 
ATOM 396 C CA . ASN B 1 179 ? 22.019  36.302  4.281   1.00 20.00 ? 179 ASN B CA 1 
ATOM 397 C CA . LEU B 1 180 ? 20.791  34.093  1.400   1.00 20.00 ? 180 LEU B CA 1 
ATOM 398 C CA . LYS B 1 181 ? 19.680  37.158  -0.576  1.00 20.00 ? 181 LYS B CA 1 
ATOM 399 C CA . ASP B 1 182 ? 23.129  38.569  0.139   1.00 20.00 ? 182 ASP B CA 1 
ATOM 400 C CA . PHE B 1 183 ? 24.559  35.272  -1.218  1.00 20.00 ? 183 PHE B CA 1 
ATOM 401 C CA . LEU B 1 184 ? 22.581  35.392  -4.486  1.00 20.00 ? 184 LEU B CA 1 
ATOM 402 C CA . ALA B 1 185 ? 23.913  38.942  -5.089  1.00 20.00 ? 185 ALA B CA 1 
ATOM 403 C CA . ARG B 1 186 ? 27.506  38.202  -4.109  1.00 20.00 ? 186 ARG B CA 1 
ATOM 404 C CA . PHE B 1 187 ? 27.262  35.271  -6.572  1.00 20.00 ? 187 PHE B CA 1 
ATOM 405 C CA . GLU B 1 188 ? 25.710  37.113  -9.515  1.00 20.00 ? 188 GLU B CA 1 
ATOM 406 C CA . GLY B 1 189 ? 28.385  39.731  -8.880  1.00 20.00 ? 189 GLY B CA 1 
ATOM 407 C CA . LEU B 1 190 ? 31.420  37.659  -9.786  1.00 20.00 ? 190 LEU B CA 1 
ATOM 408 C CA . LYS B 1 191 ? 32.966  39.301  -12.858 1.00 20.00 ? 191 LYS B CA 1 
ATOM 409 C CA . LYS B 1 192 ? 32.570  36.477  -15.390 1.00 20.00 ? 192 LYS B CA 1 
ATOM 410 C CA . ILE B 1 193 ? 29.085  35.626  -14.049 1.00 20.00 ? 193 ILE B CA 1 
ATOM 411 C CA . SER B 1 194 ? 27.853  39.196  -14.615 1.00 20.00 ? 194 SER B CA 1 
ATOM 412 C CA . ALA B 1 195 ? 28.901  39.134  -18.237 1.00 20.00 ? 195 ALA B CA 1 
ATOM 413 C CA . TYR B 1 196 ? 27.348  35.709  -18.841 1.00 20.00 ? 196 TYR B CA 1 
ATOM 414 C CA . MET B 1 197 ? 23.900  36.727  -17.596 1.00 20.00 ? 197 MET B CA 1 
ATOM 415 C CA . LYS B 1 198 ? 23.603  39.425  -20.316 1.00 20.00 ? 198 LYS B CA 1 
ATOM 416 C CA . SER B 1 199 ? 25.058  37.299  -23.130 1.00 20.00 ? 199 SER B CA 1 
ATOM 417 C CA . SER B 1 200 ? 23.497  35.081  -25.789 1.00 20.00 ? 200 SER B CA 1 
ATOM 418 C CA . ARG B 1 201 ? 24.530  31.831  -24.068 1.00 20.00 ? 201 ARG B CA 1 
ATOM 419 C CA . TYR B 1 202 ? 22.506  32.500  -20.898 1.00 20.00 ? 202 TYR B CA 1 
ATOM 420 C CA . LEU B 1 203 ? 19.561  30.242  -20.118 1.00 20.00 ? 203 LEU B CA 1 
ATOM 421 C CA . SER B 1 204 ? 17.496  30.880  -16.995 1.00 20.00 ? 204 SER B CA 1 
ATOM 422 C CA . THR B 1 205 ? 14.161  29.397  -18.043 1.00 20.00 ? 205 THR B CA 1 
ATOM 423 C CA . PRO B 1 206 ? 12.465  27.135  -18.853 1.00 20.00 ? 206 PRO B CA 1 
ATOM 424 C CA . ILE B 1 207 ? 13.688  24.906  -16.045 1.00 20.00 ? 207 ILE B CA 1 
ATOM 425 C CA . PHE B 1 208 ? 11.834  21.738  -16.948 1.00 20.00 ? 208 PHE B CA 1 
ATOM 426 C CA . SER B 1 209 ? 10.867  19.946  -20.125 1.00 20.00 ? 209 SER B CA 1 
ATOM 427 C CA . LYS B 1 210 ? 7.758   20.478  -22.183 1.00 20.00 ? 210 LYS B CA 1 
ATOM 428 C CA . LEU B 1 211 ? 6.185   17.758  -20.062 1.00 20.00 ? 211 LEU B CA 1 
ATOM 429 C CA . ALA B 1 212 ? 6.614   19.835  -16.880 1.00 20.00 ? 212 ALA B CA 1 
ATOM 430 C CA . GLN B 1 213 ? 3.650   21.593  -15.220 1.00 20.00 ? 213 GLN B CA 1 
ATOM 431 C CA . TRP B 1 214 ? 5.859   24.589  -14.348 1.00 20.00 ? 214 TRP B CA 1 
ATOM 432 C CA . SER B 1 215 ? 8.716   26.518  -15.998 1.00 20.00 ? 215 SER B CA 1 
ATOM 433 C CA . ASN B 1 216 ? 8.000   24.056  -18.764 1.00 20.00 ? 216 ASN B CA 1 
ATOM 434 C CA . LYS B 1 217 ? 7.837   26.601  -21.587 1.00 20.00 ? 217 LYS B CA 1 
ATOM 435 C CA . PRO C 1 1   ? -13.802 -19.906 30.695  1.00 20.00 ? 1   PRO C CA 1 
ATOM 436 C CA . MET C 1 2   ? -15.265 -18.770 27.369  1.00 20.00 ? 2   MET C CA 1 
ATOM 437 C CA . ILE C 1 3   ? -19.038 -18.890 27.074  1.00 20.00 ? 3   ILE C CA 1 
ATOM 438 C CA . LEU C 1 4   ? -20.836 -19.753 23.860  1.00 20.00 ? 4   LEU C CA 1 
ATOM 439 C CA . GLY C 1 5   ? -24.664 -19.313 23.764  1.00 20.00 ? 5   GLY C CA 1 
ATOM 440 C CA . TYR C 1 6   ? -27.147 -20.502 21.079  1.00 20.00 ? 6   TYR C CA 1 
ATOM 441 C CA . TRP C 1 7   ? -30.231 -22.697 20.730  1.00 20.00 ? 7   TRP C CA 1 
ATOM 442 C CA . ASN C 1 8   ? -29.906 -26.402 21.399  1.00 20.00 ? 8   ASN C CA 1 
ATOM 443 C CA . VAL C 1 9   ? -29.724 -27.079 17.678  1.00 20.00 ? 9   VAL C CA 1 
ATOM 444 C CA . ARG C 1 10  ? -26.936 -27.164 15.098  1.00 20.00 ? 10  ARG C CA 1 
ATOM 445 C CA . GLY C 1 11  ? -28.288 -24.117 13.223  1.00 20.00 ? 11  GLY C CA 1 
ATOM 446 C CA . LEU C 1 12  ? -25.378 -21.857 12.202  1.00 20.00 ? 12  LEU C CA 1 
ATOM 447 C CA . THR C 1 13  ? -23.121 -22.564 15.158  1.00 20.00 ? 13  THR C CA 1 
ATOM 448 C CA . HIS C 1 14  ? -21.788 -25.974 14.088  1.00 20.00 ? 14  HIS C CA 1 
ATOM 449 C CA . PRO C 1 15  ? -18.684 -24.221 12.741  1.00 20.00 ? 15  PRO C CA 1 
ATOM 450 C CA . ILE C 1 16  ? -17.926 -22.444 16.018  1.00 20.00 ? 16  ILE C CA 1 
ATOM 451 C CA . ARG C 1 17  ? -18.483 -25.555 18.168  1.00 20.00 ? 17  ARG C CA 1 
ATOM 452 C CA . LEU C 1 18  ? -15.910 -27.291 15.992  1.00 20.00 ? 18  LEU C CA 1 
ATOM 453 C CA . LEU C 1 19  ? -13.396 -24.434 16.035  1.00 20.00 ? 19  LEU C CA 1 
ATOM 454 C CA . LEU C 1 20  ? -13.476 -24.287 19.815  1.00 20.00 ? 20  LEU C CA 1 
ATOM 455 C CA . GLU C 1 21  ? -12.793 -28.031 19.888  1.00 20.00 ? 21  GLU C CA 1 
ATOM 456 C CA . TYR C 1 22  ? -10.108 -28.057 17.211  1.00 20.00 ? 22  TYR C CA 1 
ATOM 457 C CA . THR C 1 23  ? -8.307  -25.306 19.126  1.00 20.00 ? 23  THR C CA 1 
ATOM 458 C CA . ASP C 1 24  ? -8.549  -26.911 22.597  1.00 20.00 ? 24  ASP C CA 1 
ATOM 459 C CA . SER C 1 25  ? -10.387 -23.862 23.963  1.00 20.00 ? 25  SER C CA 1 
ATOM 460 C CA . SER C 1 26  ? -11.544 -23.772 27.595  1.00 20.00 ? 26  SER C CA 1 
ATOM 461 C CA . TYR C 1 27  ? -15.251 -23.244 27.078  1.00 20.00 ? 27  TYR C CA 1 
ATOM 462 C CA . GLU C 1 28  ? -18.722 -23.850 28.357  1.00 20.00 ? 28  GLU C CA 1 
ATOM 463 C CA . GLU C 1 29  ? -21.945 -23.523 26.424  1.00 20.00 ? 29  GLU C CA 1 
ATOM 464 C CA . LYS C 1 30  ? -25.399 -22.363 27.301  1.00 20.00 ? 30  LYS C CA 1 
ATOM 465 C CA . ARG C 1 31  ? -27.916 -24.075 25.029  1.00 20.00 ? 31  ARG C CA 1 
ATOM 466 C CA . TYR C 1 32  ? -31.260 -22.286 25.086  1.00 20.00 ? 32  TYR C CA 1 
ATOM 467 C CA . ALA C 1 33  ? -34.285 -24.468 24.393  1.00 20.00 ? 33  ALA C CA 1 
ATOM 468 C CA . MET C 1 34  ? -37.368 -23.214 22.513  1.00 20.00 ? 34  MET C CA 1 
ATOM 469 C CA . GLY C 1 35  ? -40.950 -24.247 23.326  1.00 20.00 ? 35  GLY C CA 1 
ATOM 470 C CA . ASP C 1 36  ? -43.218 -26.324 21.104  1.00 20.00 ? 36  ASP C CA 1 
ATOM 471 C CA . ALA C 1 37  ? -45.761 -24.942 18.641  1.00 20.00 ? 37  ALA C CA 1 
ATOM 472 C CA . PRO C 1 38  ? -48.192 -23.389 18.639  1.00 20.00 ? 38  PRO C CA 1 
ATOM 473 C CA . ASP C 1 39  ? -46.371 -20.543 20.419  1.00 20.00 ? 39  ASP C CA 1 
ATOM 474 C CA . TYR C 1 40  ? -42.690 -21.596 20.222  1.00 20.00 ? 40  TYR C CA 1 
ATOM 475 C CA . ASP C 1 41  ? -41.768 -19.927 23.478  1.00 20.00 ? 41  ASP C CA 1 
ATOM 476 C CA . ARG C 1 42  ? -38.335 -18.299 23.565  1.00 20.00 ? 42  ARG C CA 1 
ATOM 477 C CA . SER C 1 43  ? -38.436 -17.008 27.165  1.00 20.00 ? 43  SER C CA 1 
ATOM 478 C CA . GLN C 1 44  ? -35.185 -18.694 28.371  1.00 20.00 ? 44  GLN C CA 1 
ATOM 479 C CA . TRP C 1 45  ? -33.270 -16.517 25.879  1.00 20.00 ? 45  TRP C CA 1 
ATOM 480 C CA . LEU C 1 46  ? -35.514 -13.410 26.121  1.00 20.00 ? 46  LEU C CA 1 
ATOM 481 C CA . ASN C 1 47  ? -35.149 -13.407 29.923  1.00 20.00 ? 47  ASN C CA 1 
ATOM 482 C CA . GLU C 1 48  ? -31.487 -12.535 29.434  1.00 20.00 ? 48  GLU C CA 1 
ATOM 483 C CA . LYS C 1 49  ? -31.092 -11.120 25.878  1.00 20.00 ? 49  LYS C CA 1 
ATOM 484 C CA . PHE C 1 50  ? -30.564 -7.571  27.225  1.00 20.00 ? 50  PHE C CA 1 
ATOM 485 C CA . LYS C 1 51  ? -28.682 -8.547  30.343  1.00 20.00 ? 51  LYS C CA 1 
ATOM 486 C CA . LEU C 1 52  ? -25.387 -9.927  29.008  1.00 20.00 ? 52  LEU C CA 1 
ATOM 487 C CA . GLY C 1 53  ? -23.657 -6.641  28.012  1.00 20.00 ? 53  GLY C CA 1 
ATOM 488 C CA . LEU C 1 54  ? -23.848 -7.444  24.269  1.00 20.00 ? 54  LEU C CA 1 
ATOM 489 C CA . ASP C 1 55  ? -23.677 -4.528  21.828  1.00 20.00 ? 55  ASP C CA 1 
ATOM 490 C CA . PHE C 1 56  ? -26.241 -6.120  19.460  1.00 20.00 ? 56  PHE C CA 1 
ATOM 491 C CA . PRO C 1 57  ? -27.823 -8.968  21.457  1.00 20.00 ? 57  PRO C CA 1 
ATOM 492 C CA . ASN C 1 58  ? -28.242 -12.118 19.335  1.00 20.00 ? 58  ASN C CA 1 
ATOM 493 C CA . LEU C 1 59  ? -27.622 -15.876 19.261  1.00 20.00 ? 59  LEU C CA 1 
ATOM 494 C CA . PRO C 1 60  ? -24.905 -16.919 18.819  1.00 20.00 ? 60  PRO C CA 1 
ATOM 495 C CA . TYR C 1 61  ? -22.822 -15.054 21.323  1.00 20.00 ? 61  TYR C CA 1 
ATOM 496 C CA . LEU C 1 62  ? -19.348 -15.654 22.629  1.00 20.00 ? 62  LEU C CA 1 
ATOM 497 C CA . ILE C 1 63  ? -18.017 -14.191 25.831  1.00 20.00 ? 63  ILE C CA 1 
ATOM 498 C CA . ASP C 1 64  ? -14.274 -14.201 26.448  1.00 20.00 ? 64  ASP C CA 1 
ATOM 499 C CA . GLY C 1 65  ? -13.738 -12.155 29.581  1.00 20.00 ? 65  GLY C CA 1 
ATOM 500 C CA . SER C 1 66  ? -14.288 -8.512  28.606  1.00 20.00 ? 66  SER C CA 1 
ATOM 501 C CA . ARG C 1 67  ? -14.702 -9.418  24.961  1.00 20.00 ? 67  ARG C CA 1 
ATOM 502 C CA . LYS C 1 68  ? -18.361 -9.943  24.081  1.00 20.00 ? 68  LYS C CA 1 
ATOM 503 C CA . ILE C 1 69  ? -19.133 -10.711 20.426  1.00 20.00 ? 69  ILE C CA 1 
ATOM 504 C CA . THR C 1 70  ? -22.205 -11.444 18.317  1.00 20.00 ? 70  THR C CA 1 
ATOM 505 C CA . GLN C 1 71  ? -22.506 -12.402 14.613  1.00 20.00 ? 71  GLN C CA 1 
ATOM 506 C CA . SER C 1 72  ? -21.278 -15.939 13.826  1.00 20.00 ? 72  SER C CA 1 
ATOM 507 C CA . ASN C 1 73  ? -18.708 -14.813 11.225  1.00 20.00 ? 73  ASN C CA 1 
ATOM 508 C CA . ALA C 1 74  ? -17.381 -12.251 13.735  1.00 20.00 ? 74  ALA C CA 1 
ATOM 509 C CA . ILE C 1 75  ? -17.051 -15.065 16.300  1.00 20.00 ? 75  ILE C CA 1 
ATOM 510 C CA . MET C 1 76  ? -15.293 -17.198 13.667  1.00 20.00 ? 76  MET C CA 1 
ATOM 511 C CA . ARG C 1 77  ? -12.631 -14.597 12.772  1.00 20.00 ? 77  ARG C CA 1 
ATOM 512 C CA . TYR C 1 78  ? -11.988 -13.692 16.437  1.00 20.00 ? 78  TYR C CA 1 
ATOM 513 C CA . LEU C 1 79  ? -11.152 -17.338 17.237  1.00 20.00 ? 79  LEU C CA 1 
ATOM 514 C CA . ALA C 1 80  ? -9.256  -17.542 13.914  1.00 20.00 ? 80  ALA C CA 1 
ATOM 515 C CA . ARG C 1 81  ? -7.181  -14.502 14.836  1.00 20.00 ? 81  ARG C CA 1 
ATOM 516 C CA . LYS C 1 82  ? -6.479  -15.873 18.314  1.00 20.00 ? 82  LYS C CA 1 
ATOM 517 C CA . HIS C 1 83  ? -5.210  -19.195 16.962  1.00 20.00 ? 83  HIS C CA 1 
ATOM 518 C CA . HIS C 1 84  ? -3.743  -17.988 13.647  1.00 20.00 ? 84  HIS C CA 1 
ATOM 519 C CA . LEU C 1 85  ? -6.263  -19.787 11.408  1.00 20.00 ? 85  LEU C CA 1 
ATOM 520 C CA . CYS C 1 86  ? -6.432  -16.910 8.931   1.00 20.00 ? 86  CYS C CA 1 
ATOM 521 C CA . GLY C 1 87  ? -4.927  -16.928 5.423   1.00 20.00 ? 87  GLY C CA 1 
ATOM 522 C CA . GLU C 1 88  ? -1.397  -15.483 5.480   1.00 20.00 ? 88  GLU C CA 1 
ATOM 523 C CA . THR C 1 89  ? -1.076  -14.308 1.890   1.00 20.00 ? 89  THR C CA 1 
ATOM 524 C CA . GLU C 1 90  ? -3.435  -12.049 -0.025  1.00 20.00 ? 90  GLU C CA 1 
ATOM 525 C CA . GLU C 1 91  ? -4.487  -14.977 -2.207  1.00 20.00 ? 91  GLU C CA 1 
ATOM 526 C CA . GLU C 1 92  ? -5.479  -17.053 0.803   1.00 20.00 ? 92  GLU C CA 1 
ATOM 527 C CA . ARG C 1 93  ? -7.420  -14.052 2.278   1.00 20.00 ? 93  ARG C CA 1 
ATOM 528 C CA . ILE C 1 94  ? -9.502  -13.352 -0.804  1.00 20.00 ? 94  ILE C CA 1 
ATOM 529 C CA . ARG C 1 95  ? -10.279 -17.099 -0.976  1.00 20.00 ? 95  ARG C CA 1 
ATOM 530 C CA . ALA C 1 96  ? -11.345 -17.068 2.721   1.00 20.00 ? 96  ALA C CA 1 
ATOM 531 C CA . ASP C 1 97  ? -13.437 -13.885 2.246   1.00 20.00 ? 97  ASP C CA 1 
ATOM 532 C CA . ILE C 1 98  ? -15.335 -15.228 -0.749  1.00 20.00 ? 98  ILE C CA 1 
ATOM 533 C CA . VAL C 1 99  ? -16.004 -18.672 0.795   1.00 20.00 ? 99  VAL C CA 1 
ATOM 534 C CA . GLU C 1 100 ? -17.118 -17.149 4.111   1.00 20.00 ? 100 GLU C CA 1 
ATOM 535 C CA . ASN C 1 101 ? -19.716 -15.148 2.208   1.00 20.00 ? 101 ASN C CA 1 
ATOM 536 C CA . GLN C 1 102 ? -20.652 -17.883 -0.269  1.00 20.00 ? 102 GLN C CA 1 
ATOM 537 C CA . VAL C 1 103 ? -21.333 -20.229 2.664   1.00 20.00 ? 103 VAL C CA 1 
ATOM 538 C CA . MET C 1 104 ? -23.871 -17.787 4.171   1.00 20.00 ? 104 MET C CA 1 
ATOM 539 C CA . ASP C 1 105 ? -25.821 -17.460 0.881   1.00 20.00 ? 105 ASP C CA 1 
ATOM 540 C CA . ASN C 1 106 ? -26.033 -21.280 0.396   1.00 20.00 ? 106 ASN C CA 1 
ATOM 541 C CA . ARG C 1 107 ? -27.084 -21.417 4.057   1.00 20.00 ? 107 ARG C CA 1 
ATOM 542 C CA . MET C 1 108 ? -29.880 -18.818 3.614   1.00 20.00 ? 108 MET C CA 1 
ATOM 543 C CA . GLN C 1 109 ? -31.119 -20.562 0.439   1.00 20.00 ? 109 GLN C CA 1 
ATOM 544 C CA . LEU C 1 110 ? -31.555 -23.743 2.568   1.00 20.00 ? 110 LEU C CA 1 
ATOM 545 C CA . ILE C 1 111 ? -33.049 -21.888 5.547   1.00 20.00 ? 111 ILE C CA 1 
ATOM 546 C CA . MET C 1 112 ? -35.599 -20.116 3.308   1.00 20.00 ? 112 MET C CA 1 
ATOM 547 C CA . LEU C 1 113 ? -36.816 -23.411 1.857   1.00 20.00 ? 113 LEU C CA 1 
ATOM 548 C CA . CYS C 1 114 ? -37.111 -25.269 5.184   1.00 20.00 ? 114 CYS C CA 1 
ATOM 549 C CA . TYR C 1 115 ? -39.103 -22.358 6.651   1.00 20.00 ? 115 TYR C CA 1 
ATOM 550 C CA . ASN C 1 116 ? -41.533 -22.396 3.700   1.00 20.00 ? 116 ASN C CA 1 
ATOM 551 C CA . PRO C 1 117 ? -44.881 -23.979 4.578   1.00 20.00 ? 117 PRO C CA 1 
ATOM 552 C CA . ASP C 1 118 ? -44.676 -24.710 0.840   1.00 20.00 ? 118 ASP C CA 1 
ATOM 553 C CA . PHE C 1 119 ? -41.693 -26.930 1.465   1.00 20.00 ? 119 PHE C CA 1 
ATOM 554 C CA . GLU C 1 120 ? -42.914 -30.193 -0.064  1.00 20.00 ? 120 GLU C CA 1 
ATOM 555 C CA . LYS C 1 121 ? -43.961 -28.447 -3.234  1.00 20.00 ? 121 LYS C CA 1 
ATOM 556 C CA . GLN C 1 122 ? -40.970 -26.073 -3.302  1.00 20.00 ? 122 GLN C CA 1 
ATOM 557 C CA . LYS C 1 123 ? -38.455 -28.829 -2.647  1.00 20.00 ? 123 LYS C CA 1 
ATOM 558 C CA . PRO C 1 124 ? -38.297 -30.624 -5.985  1.00 20.00 ? 124 PRO C CA 1 
ATOM 559 C CA . GLU C 1 125 ? -37.563 -27.190 -7.412  1.00 20.00 ? 125 GLU C CA 1 
ATOM 560 C CA . PHE C 1 126 ? -34.749 -26.714 -4.972  1.00 20.00 ? 126 PHE C CA 1 
ATOM 561 C CA . LEU C 1 127 ? -33.149 -30.069 -5.678  1.00 20.00 ? 127 LEU C CA 1 
ATOM 562 C CA . LYS C 1 128 ? -32.607 -29.069 -9.313  1.00 20.00 ? 128 LYS C CA 1 
ATOM 563 C CA . THR C 1 129 ? -30.293 -26.324 -8.135  1.00 20.00 ? 129 THR C CA 1 
ATOM 564 C CA . ILE C 1 130 ? -28.019 -28.461 -5.940  1.00 20.00 ? 130 ILE C CA 1 
ATOM 565 C CA . PRO C 1 131 ? -25.656 -29.914 -8.566  1.00 20.00 ? 131 PRO C CA 1 
ATOM 566 C CA . GLU C 1 132 ? -24.500 -26.496 -9.842  1.00 20.00 ? 132 GLU C CA 1 
ATOM 567 C CA . LYS C 1 133 ? -24.004 -25.436 -6.230  1.00 20.00 ? 133 LYS C CA 1 
ATOM 568 C CA . MET C 1 134 ? -21.738 -28.413 -5.508  1.00 20.00 ? 134 MET C CA 1 
ATOM 569 C CA . LYS C 1 135 ? -20.009 -28.006 -8.857  1.00 20.00 ? 135 LYS C CA 1 
ATOM 570 C CA . LEU C 1 136 ? -18.932 -24.463 -7.912  1.00 20.00 ? 136 LEU C CA 1 
ATOM 571 C CA . TYR C 1 137 ? -17.420 -25.593 -4.577  1.00 20.00 ? 137 TYR C CA 1 
ATOM 572 C CA . SER C 1 138 ? -15.848 -28.556 -6.397  1.00 20.00 ? 138 SER C CA 1 
ATOM 573 C CA . GLU C 1 139 ? -14.211 -26.507 -9.136  1.00 20.00 ? 139 GLU C CA 1 
ATOM 574 C CA . PHE C 1 140 ? -13.012 -23.998 -6.519  1.00 20.00 ? 140 PHE C CA 1 
ATOM 575 C CA . LEU C 1 141 ? -11.275 -26.396 -4.128  1.00 20.00 ? 141 LEU C CA 1 
ATOM 576 C CA . GLY C 1 142 ? -9.661  -28.107 -7.137  1.00 20.00 ? 142 GLY C CA 1 
ATOM 577 C CA . LYS C 1 143 ? -6.749  -30.308 -6.077  1.00 20.00 ? 143 LYS C CA 1 
ATOM 578 C CA . ARG C 1 144 ? -5.964  -28.333 -2.890  1.00 20.00 ? 144 ARG C CA 1 
ATOM 579 C CA . PRO C 1 145 ? -6.261  -30.020 0.491   1.00 20.00 ? 145 PRO C CA 1 
ATOM 580 C CA . TRP C 1 146 ? -8.304  -27.113 1.916   1.00 20.00 ? 146 TRP C CA 1 
ATOM 581 C CA . PHE C 1 147 ? -10.397 -24.138 0.777   1.00 20.00 ? 147 PHE C CA 1 
ATOM 582 C CA . ALA C 1 148 ? -7.782  -21.364 1.280   1.00 20.00 ? 148 ALA C CA 1 
ATOM 583 C CA . GLY C 1 149 ? -4.724  -23.369 0.176   1.00 20.00 ? 149 GLY C CA 1 
ATOM 584 C CA . ASP C 1 150 ? -2.197  -25.809 1.572   1.00 20.00 ? 150 ASP C CA 1 
ATOM 585 C CA . LYS C 1 151 ? -3.360  -25.366 5.210   1.00 20.00 ? 151 LYS C CA 1 
ATOM 586 C CA . VAL C 1 152 ? -6.588  -25.474 7.170   1.00 20.00 ? 152 VAL C CA 1 
ATOM 587 C CA . THR C 1 153 ? -8.186  -22.095 7.930   1.00 20.00 ? 153 THR C CA 1 
ATOM 588 C CA . TYR C 1 154 ? -11.339 -21.041 9.783   1.00 20.00 ? 154 TYR C CA 1 
ATOM 589 C CA . VAL C 1 155 ? -13.217 -21.245 6.443   1.00 20.00 ? 155 VAL C CA 1 
ATOM 590 C CA . ASP C 1 156 ? -12.778 -25.042 6.237   1.00 20.00 ? 156 ASP C CA 1 
ATOM 591 C CA . PHE C 1 157 ? -15.107 -25.152 9.281   1.00 20.00 ? 157 PHE C CA 1 
ATOM 592 C CA . LEU C 1 158 ? -17.785 -23.201 7.394   1.00 20.00 ? 158 LEU C CA 1 
ATOM 593 C CA . ALA C 1 159 ? -17.362 -25.270 4.152   1.00 20.00 ? 159 ALA C CA 1 
ATOM 594 C CA . TYR C 1 160 ? -17.578 -28.570 6.031   1.00 20.00 ? 160 TYR C CA 1 
ATOM 595 C CA . ASP C 1 161 ? -20.781 -27.477 7.701   1.00 20.00 ? 161 ASP C CA 1 
ATOM 596 C CA . ILE C 1 162 ? -22.706 -26.357 4.583   1.00 20.00 ? 162 ILE C CA 1 
ATOM 597 C CA . LEU C 1 163 ? -21.540 -29.380 2.494   1.00 20.00 ? 163 LEU C CA 1 
ATOM 598 C CA . ASP C 1 164 ? -22.328 -31.638 5.455   1.00 20.00 ? 164 ASP C CA 1 
ATOM 599 C CA . GLN C 1 165 ? -25.800 -30.127 5.692   1.00 20.00 ? 165 GLN C CA 1 
ATOM 600 C CA . TYR C 1 166 ? -26.591 -30.249 1.930   1.00 20.00 ? 166 TYR C CA 1 
ATOM 601 C CA . HIS C 1 167 ? -25.343 -33.838 2.095   1.00 20.00 ? 167 HIS C CA 1 
ATOM 602 C CA . ILE C 1 168 ? -27.802 -34.629 4.871   1.00 20.00 ? 168 ILE C CA 1 
ATOM 603 C CA . PHE C 1 169 ? -30.616 -33.036 2.835   1.00 20.00 ? 169 PHE C CA 1 
ATOM 604 C CA . GLU C 1 170 ? -29.606 -34.944 -0.329  1.00 20.00 ? 170 GLU C CA 1 
ATOM 605 C CA . PRO C 1 171 ? -27.467 -38.028 0.133   1.00 20.00 ? 171 PRO C CA 1 
ATOM 606 C CA . LYS C 1 172 ? -26.571 -38.374 -3.558  1.00 20.00 ? 172 LYS C CA 1 
ATOM 607 C CA . CYS C 1 173 ? -25.517 -34.739 -4.119  1.00 20.00 ? 173 CYS C CA 1 
ATOM 608 C CA . LEU C 1 174 ? -21.809 -35.426 -3.698  1.00 20.00 ? 174 LEU C CA 1 
ATOM 609 C CA . ASP C 1 175 ? -21.401 -38.639 -5.783  1.00 20.00 ? 175 ASP C CA 1 
ATOM 610 C CA . ALA C 1 176 ? -20.378 -36.579 -8.847  1.00 20.00 ? 176 ALA C CA 1 
ATOM 611 C CA . PHE C 1 177 ? -17.826 -34.646 -6.798  1.00 20.00 ? 177 PHE C CA 1 
ATOM 612 C CA . PRO C 1 178 ? -15.006 -36.796 -5.487  1.00 20.00 ? 178 PRO C CA 1 
ATOM 613 C CA . ASN C 1 179 ? -12.893 -33.953 -4.152  1.00 20.00 ? 179 ASN C CA 1 
ATOM 614 C CA . LEU C 1 180 ? -15.835 -32.846 -1.977  1.00 20.00 ? 180 LEU C CA 1 
ATOM 615 C CA . LYS C 1 181 ? -16.455 -36.334 -0.571  1.00 20.00 ? 181 LYS C CA 1 
ATOM 616 C CA . ASP C 1 182 ? -12.717 -36.444 0.147   1.00 20.00 ? 182 ASP C CA 1 
ATOM 617 C CA . PHE C 1 183 ? -12.798 -32.985 1.712   1.00 20.00 ? 183 PHE C CA 1 
ATOM 618 C CA . LEU C 1 184 ? -15.549 -34.266 4.033   1.00 20.00 ? 184 LEU C CA 1 
ATOM 619 C CA . ALA C 1 185 ? -13.420 -37.204 5.234   1.00 20.00 ? 185 ALA C CA 1 
ATOM 620 C CA . ARG C 1 186 ? -10.186 -35.218 5.495   1.00 20.00 ? 186 ARG C CA 1 
ATOM 621 C CA . PHE C 1 187 ? -11.896 -32.717 7.837   1.00 20.00 ? 187 PHE C CA 1 
ATOM 622 C CA . GLU C 1 188 ? -13.640 -35.492 9.796   1.00 20.00 ? 188 GLU C CA 1 
ATOM 623 C CA . GLY C 1 189 ? -10.201 -37.076 10.117  1.00 20.00 ? 189 GLY C CA 1 
ATOM 624 C CA . LEU C 1 190 ? -8.544  -34.163 11.958  1.00 20.00 ? 190 LEU C CA 1 
ATOM 625 C CA . LYS C 1 191 ? -7.789  -35.624 15.425  1.00 20.00 ? 191 LYS C CA 1 
ATOM 626 C CA . LYS C 1 192 ? -9.831  -33.253 17.554  1.00 20.00 ? 192 LYS C CA 1 
ATOM 627 C CA . ILE C 1 193 ? -12.905 -33.207 15.268  1.00 20.00 ? 193 ILE C CA 1 
ATOM 628 C CA . SER C 1 194 ? -12.877 -37.000 15.387  1.00 20.00 ? 194 SER C CA 1 
ATOM 629 C CA . ALA C 1 195 ? -12.626 -37.084 19.169  1.00 20.00 ? 195 ALA C CA 1 
ATOM 630 C CA . TYR C 1 196 ? -15.396 -34.462 19.306  1.00 20.00 ? 196 TYR C CA 1 
ATOM 631 C CA . MET C 1 197 ? -17.931 -36.366 17.201  1.00 20.00 ? 197 MET C CA 1 
ATOM 632 C CA . LYS C 1 198 ? -17.825 -39.178 19.811  1.00 20.00 ? 198 LYS C CA 1 
ATOM 633 C CA . SER C 1 199 ? -18.299 -36.790 22.739  1.00 20.00 ? 199 SER C CA 1 
ATOM 634 C CA . SER C 1 200 ? -21.295 -35.945 24.848  1.00 20.00 ? 200 SER C CA 1 
ATOM 635 C CA . ARG C 1 201 ? -21.351 -32.470 23.313  1.00 20.00 ? 201 ARG C CA 1 
ATOM 636 C CA . TYR C 1 202 ? -21.783 -33.467 19.664  1.00 20.00 ? 202 TYR C CA 1 
ATOM 637 C CA . LEU C 1 203 ? -25.024 -32.148 18.220  1.00 20.00 ? 203 LEU C CA 1 
ATOM 638 C CA . SER C 1 204 ? -25.465 -32.922 14.490  1.00 20.00 ? 204 SER C CA 1 
ATOM 639 C CA . THR C 1 205 ? -29.236 -32.680 14.279  1.00 20.00 ? 205 THR C CA 1 
ATOM 640 C CA . PRO C 1 206 ? -31.709 -31.206 14.497  1.00 20.00 ? 206 PRO C CA 1 
ATOM 641 C CA . ILE C 1 207 ? -30.247 -28.511 12.262  1.00 20.00 ? 207 ILE C CA 1 
ATOM 642 C CA . PHE C 1 208 ? -33.321 -26.294 12.426  1.00 20.00 ? 208 PHE C CA 1 
ATOM 643 C CA . SER C 1 209 ? -35.724 -25.147 15.127  1.00 20.00 ? 209 SER C CA 1 
ATOM 644 C CA . LYS C 1 210 ? -39.204 -26.585 15.694  1.00 20.00 ? 210 LYS C CA 1 
ATOM 645 C CA . LEU C 1 211 ? -40.731 -23.981 13.396  1.00 20.00 ? 211 LEU C CA 1 
ATOM 646 C CA . ALA C 1 212 ? -38.897 -25.434 10.357  1.00 20.00 ? 212 ALA C CA 1 
ATOM 647 C CA . GLN C 1 213 ? -40.376 -28.063 8.033   1.00 20.00 ? 213 GLN C CA 1 
ATOM 648 C CA . TRP C 1 214 ? -37.262 -30.200 7.857   1.00 20.00 ? 214 TRP C CA 1 
ATOM 649 C CA . SER C 1 215 ? -34.782 -31.432 10.444  1.00 20.00 ? 215 SER C CA 1 
ATOM 650 C CA . ASN C 1 216 ? -36.985 -29.804 13.084  1.00 20.00 ? 216 ASN C CA 1 
ATOM 651 C CA . LYS C 1 217 ? -36.765 -32.671 15.566  1.00 20.00 ? 217 LYS C CA 1 
ATOM 652 C CA . PRO D 1 1   ? -9.052  0.212   -15.128 1.00 20.00 ? 1   PRO D CA 1 
ATOM 653 C CA . MET D 1 2   ? -10.804 -2.053  -12.658 1.00 20.00 ? 2   MET D CA 1 
ATOM 654 C CA . ILE D 1 3   ? -14.366 -3.080  -13.446 1.00 20.00 ? 3   ILE D CA 1 
ATOM 655 C CA . LEU D 1 4   ? -17.376 -3.109  -11.126 1.00 20.00 ? 4   LEU D CA 1 
ATOM 656 C CA . GLY D 1 5   ? -20.406 -5.103  -12.342 1.00 20.00 ? 5   GLY D CA 1 
ATOM 657 C CA . TYR D 1 6   ? -23.890 -4.778  -10.902 1.00 20.00 ? 6   TYR D CA 1 
ATOM 658 C CA . TRP D 1 7   ? -27.483 -3.923  -11.686 1.00 20.00 ? 7   TRP D CA 1 
ATOM 659 C CA . ASN D 1 8   ? -28.410 -0.318  -12.496 1.00 20.00 ? 8   ASN D CA 1 
ATOM 660 C CA . VAL D 1 9   ? -29.751 0.103   -8.904  1.00 20.00 ? 9   VAL D CA 1 
ATOM 661 C CA . ARG D 1 10  ? -28.219 0.966   -5.551  1.00 20.00 ? 10  ARG D CA 1 
ATOM 662 C CA . GLY D 1 11  ? -29.066 -2.423  -4.024  1.00 20.00 ? 11  GLY D CA 1 
ATOM 663 C CA . LEU D 1 12  ? -26.247 -3.399  -1.670  1.00 20.00 ? 12  LEU D CA 1 
ATOM 664 C CA . THR D 1 13  ? -23.564 -1.940  -3.923  1.00 20.00 ? 13  THR D CA 1 
ATOM 665 C CA . HIS D 1 14  ? -23.469 1.697   -2.667  1.00 20.00 ? 14  HIS D CA 1 
ATOM 666 C CA . PRO D 1 15  ? -20.577 1.007   -0.228  1.00 20.00 ? 15  PRO D CA 1 
ATOM 667 C CA . ILE D 1 16  ? -18.266 -0.292  -2.987  1.00 20.00 ? 16  ILE D CA 1 
ATOM 668 C CA . ARG D 1 17  ? -19.127 2.608   -5.343  1.00 20.00 ? 17  ARG D CA 1 
ATOM 669 C CA . LEU D 1 18  ? -18.293 4.934   -2.462  1.00 20.00 ? 18  LEU D CA 1 
ATOM 670 C CA . LEU D 1 19  ? -15.102 3.053   -1.577  1.00 20.00 ? 19  LEU D CA 1 
ATOM 671 C CA . LEU D 1 20  ? -13.865 3.306   -5.185  1.00 20.00 ? 20  LEU D CA 1 
ATOM 672 C CA . GLU D 1 21  ? -14.380 7.050   -5.258  1.00 20.00 ? 21  GLU D CA 1 
ATOM 673 C CA . TYR D 1 22  ? -12.932 7.614   -1.795  1.00 20.00 ? 22  TYR D CA 1 
ATOM 674 C CA . THR D 1 23  ? -9.741  5.770   -2.753  1.00 20.00 ? 23  THR D CA 1 
ATOM 675 C CA . ASP D 1 24  ? -9.417  7.489   -6.153  1.00 20.00 ? 24  ASP D CA 1 
ATOM 676 C CA . SER D 1 25  ? -9.689  4.111   -7.879  1.00 20.00 ? 25  SER D CA 1 
ATOM 677 C CA . SER D 1 26  ? -9.418  4.092   -11.663 1.00 20.00 ? 26  SER D CA 1 
ATOM 678 C CA . TYR D 1 27  ? -12.420 1.911   -12.498 1.00 20.00 ? 27  TYR D CA 1 
ATOM 679 C CA . GLU D 1 28  ? -15.403 1.779   -14.901 1.00 20.00 ? 28  GLU D CA 1 
ATOM 680 C CA . GLU D 1 29  ? -18.746 0.094   -14.227 1.00 20.00 ? 29  GLU D CA 1 
ATOM 681 C CA . LYS D 1 30  ? -21.026 -2.154  -16.251 1.00 20.00 ? 30  LYS D CA 1 
ATOM 682 C CA . ARG D 1 31  ? -24.511 -1.437  -14.897 1.00 20.00 ? 31  ARG D CA 1 
ATOM 683 C CA . TYR D 1 32  ? -26.720 -4.233  -16.279 1.00 20.00 ? 32  TYR D CA 1 
ATOM 684 C CA . ALA D 1 33  ? -30.404 -3.667  -16.878 1.00 20.00 ? 33  ALA D CA 1 
ATOM 685 C CA . MET D 1 34  ? -33.360 -5.972  -16.169 1.00 20.00 ? 34  MET D CA 1 
ATOM 686 C CA . GLY D 1 35  ? -36.315 -6.187  -18.570 1.00 20.00 ? 35  GLY D CA 1 
ATOM 687 C CA . ASP D 1 36  ? -39.743 -4.680  -17.908 1.00 20.00 ? 36  ASP D CA 1 
ATOM 688 C CA . ALA D 1 37  ? -42.986 -6.505  -17.194 1.00 20.00 ? 37  ALA D CA 1 
ATOM 689 C CA . PRO D 1 38  ? -44.220 -9.113  -16.997 1.00 20.00 ? 38  PRO D CA 1 
ATOM 690 C CA . ASP D 1 39  ? -40.863 -10.831 -17.417 1.00 20.00 ? 39  ASP D CA 1 
ATOM 691 C CA . TYR D 1 40  ? -38.181 -8.683  -15.693 1.00 20.00 ? 40  TYR D CA 1 
ATOM 692 C CA . ASP D 1 41  ? -35.791 -10.124 -18.268 1.00 20.00 ? 41  ASP D CA 1 
ATOM 693 C CA . ARG D 1 42  ? -32.309 -10.954 -16.955 1.00 20.00 ? 42  ARG D CA 1 
ATOM 694 C CA . SER D 1 43  ? -30.501 -11.937 -20.187 1.00 20.00 ? 43  SER D CA 1 
ATOM 695 C CA . GLN D 1 44  ? -27.963 -9.062  -20.262 1.00 20.00 ? 44  GLN D CA 1 
ATOM 696 C CA . TRP D 1 45  ? -26.270 -10.621 -17.226 1.00 20.00 ? 45  TRP D CA 1 
ATOM 697 C CA . LEU D 1 46  ? -27.371 -14.210 -17.878 1.00 20.00 ? 46  LEU D CA 1 
ATOM 698 C CA . ASN D 1 47  ? -25.587 -14.321 -21.228 1.00 20.00 ? 47  ASN D CA 1 
ATOM 699 C CA . GLU D 1 48  ? -22.258 -13.537 -19.575 1.00 20.00 ? 48  GLU D CA 1 
ATOM 700 C CA . LYS D 1 49  ? -22.634 -14.868 -15.994 1.00 20.00 ? 49  LYS D CA 1 
ATOM 701 C CA . PHE D 1 50  ? -20.371 -17.875 -16.704 1.00 20.00 ? 50  PHE D CA 1 
ATOM 702 C CA . LYS D 1 51  ? -18.210 -16.123 -19.287 1.00 20.00 ? 51  LYS D CA 1 
ATOM 703 C CA . LEU D 1 52  ? -16.139 -13.944 -17.013 1.00 20.00 ? 52  LEU D CA 1 
ATOM 704 C CA . GLY D 1 53  ? -13.969 -16.427 -15.142 1.00 20.00 ? 53  GLY D CA 1 
ATOM 705 C CA . LEU D 1 54  ? -15.559 -15.675 -11.743 1.00 20.00 ? 54  LEU D CA 1 
ATOM 706 C CA . ASP D 1 55  ? -15.310 -18.673 -9.329  1.00 20.00 ? 55  ASP D CA 1 
ATOM 707 C CA . PHE D 1 56  ? -18.754 -18.116 -7.915  1.00 20.00 ? 56  PHE D CA 1 
ATOM 708 C CA . PRO D 1 57  ? -20.657 -15.886 -10.352 1.00 20.00 ? 57  PRO D CA 1 
ATOM 709 C CA . ASN D 1 58  ? -22.807 -13.103 -8.969  1.00 20.00 ? 58  ASN D CA 1 
ATOM 710 C CA . LEU D 1 59  ? -23.369 -9.353  -8.889  1.00 20.00 ? 59  LEU D CA 1 
ATOM 711 C CA . PRO D 1 60  ? -21.584 -7.467  -7.718  1.00 20.00 ? 60  PRO D CA 1 
ATOM 712 C CA . TYR D 1 61  ? -18.230 -8.461  -9.049  1.00 20.00 ? 61  TYR D CA 1 
ATOM 713 C CA . LEU D 1 62  ? -14.905 -6.734  -9.214  1.00 20.00 ? 62  LEU D CA 1 
ATOM 714 C CA . ILE D 1 63  ? -12.169 -7.336  -11.786 1.00 20.00 ? 63  ILE D CA 1 
ATOM 715 C CA . ASP D 1 64  ? -8.767  -5.933  -10.753 1.00 20.00 ? 64  ASP D CA 1 
ATOM 716 C CA . GLY D 1 65  ? -6.121  -7.241  -13.153 1.00 20.00 ? 65  GLY D CA 1 
ATOM 717 C CA . SER D 1 66  ? -5.888  -10.983 -12.523 1.00 20.00 ? 66  SER D CA 1 
ATOM 718 C CA . ARG D 1 67  ? -8.004  -10.675 -9.395  1.00 20.00 ? 67  ARG D CA 1 
ATOM 719 C CA . LYS D 1 68  ? -11.730 -11.384 -9.932  1.00 20.00 ? 68  LYS D CA 1 
ATOM 720 C CA . ILE D 1 69  ? -13.976 -11.172 -6.798  1.00 20.00 ? 69  ILE D CA 1 
ATOM 721 C CA . THR D 1 70  ? -17.636 -11.770 -5.935  1.00 20.00 ? 70  THR D CA 1 
ATOM 722 C CA . GLN D 1 71  ? -19.612 -11.206 -2.693  1.00 20.00 ? 71  GLN D CA 1 
ATOM 723 C CA . SER D 1 72  ? -19.910 -7.517  -1.654  1.00 20.00 ? 72  SER D CA 1 
ATOM 724 C CA . ASN D 1 73  ? -18.171 -7.952  1.713   1.00 20.00 ? 73  ASN D CA 1 
ATOM 725 C CA . ALA D 1 74  ? -15.194 -9.711  0.069   1.00 20.00 ? 74  ALA D CA 1 
ATOM 726 C CA . ILE D 1 75  ? -14.884 -6.781  -2.397  1.00 20.00 ? 75  ILE D CA 1 
ATOM 727 C CA . MET D 1 76  ? -15.151 -4.303  0.465   1.00 20.00 ? 76  MET D CA 1 
ATOM 728 C CA . ARG D 1 77  ? -12.445 -6.164  2.425   1.00 20.00 ? 77  ARG D CA 1 
ATOM 729 C CA . TYR D 1 78  ? -10.169 -6.542  -0.619  1.00 20.00 ? 78  TYR D CA 1 
ATOM 730 C CA . LEU D 1 79  ? -10.455 -2.819  -1.281  1.00 20.00 ? 79  LEU D CA 1 
ATOM 731 C CA . ALA D 1 80  ? -9.909  -2.054  2.438   1.00 20.00 ? 80  ALA D CA 1 
ATOM 732 C CA . ARG D 1 81  ? -6.725  -4.124  2.621   1.00 20.00 ? 81  ARG D CA 1 
ATOM 733 C CA . LYS D 1 82  ? -5.515  -2.527  -0.659  1.00 20.00 ? 82  LYS D CA 1 
ATOM 734 C CA . HIS D 1 83  ? -5.929  1.002   0.677   1.00 20.00 ? 83  HIS D CA 1 
ATOM 735 C CA . HIS D 1 84  ? -5.142  0.253   4.311   1.00 20.00 ? 84  HIS D CA 1 
ATOM 736 C CA . LEU D 1 85  ? -8.685  0.895   5.690   1.00 20.00 ? 85  LEU D CA 1 
ATOM 737 C CA . CYS D 1 86  ? -8.963  -1.946  8.249   1.00 20.00 ? 86  CYS D CA 1 
ATOM 738 C CA . GLY D 1 87  ? -8.907  -1.815  12.058  1.00 20.00 ? 87  GLY D CA 1 
ATOM 739 C CA . GLU D 1 88  ? -5.255  -1.780  13.138  1.00 20.00 ? 88  GLU D CA 1 
ATOM 740 C CA . THR D 1 89  ? -5.871  -3.052  16.683  1.00 20.00 ? 89  THR D CA 1 
ATOM 741 C CA . GLU D 1 90  ? -7.741  -6.145  17.939  1.00 20.00 ? 90  GLU D CA 1 
ATOM 742 C CA . GLU D 1 91  ? -10.630 -4.042  19.221  1.00 20.00 ? 91  GLU D CA 1 
ATOM 743 C CA . GLU D 1 92  ? -11.011 -2.220  15.875  1.00 20.00 ? 92  GLU D CA 1 
ATOM 744 C CA . ARG D 1 93  ? -11.060 -5.502  14.037  1.00 20.00 ? 93  ARG D CA 1 
ATOM 745 C CA . ILE D 1 94  ? -13.634 -6.802  16.445  1.00 20.00 ? 94  ILE D CA 1 
ATOM 746 C CA . ARG D 1 95  ? -15.937 -3.783  16.009  1.00 20.00 ? 95  ARG D CA 1 
ATOM 747 C CA . ALA D 1 96  ? -15.475 -3.926  12.196  1.00 20.00 ? 96  ALA D CA 1 
ATOM 748 C CA . ASP D 1 97  ? -16.331 -7.641  12.171  1.00 20.00 ? 97  ASP D CA 1 
ATOM 749 C CA . ILE D 1 98  ? -19.596 -7.226  14.024  1.00 20.00 ? 98  ILE D CA 1 
ATOM 750 C CA . VAL D 1 99  ? -20.733 -4.077  12.270  1.00 20.00 ? 99  VAL D CA 1 
ATOM 751 C CA . GLU D 1 100 ? -20.100 -5.478  8.813   1.00 20.00 ? 100 GLU D CA 1 
ATOM 752 C CA . ASN D 1 101 ? -22.149 -8.533  9.678   1.00 20.00 ? 101 ASN D CA 1 
ATOM 753 C CA . GLN D 1 102 ? -24.807 -6.474  11.561  1.00 20.00 ? 102 GLN D CA 1 
ATOM 754 C CA . VAL D 1 103 ? -25.468 -4.144  8.538   1.00 20.00 ? 103 VAL D CA 1 
ATOM 755 C CA . MET D 1 104 ? -26.065 -7.225  6.277   1.00 20.00 ? 104 MET D CA 1 
ATOM 756 C CA . ASP D 1 105 ? -28.624 -8.488  8.780   1.00 20.00 ? 105 ASP D CA 1 
ATOM 757 C CA . ASN D 1 106 ? -30.318 -5.097  8.917   1.00 20.00 ? 106 ASN D CA 1 
ATOM 758 C CA . ARG D 1 107 ? -30.104 -5.021  5.086   1.00 20.00 ? 107 ARG D CA 1 
ATOM 759 C CA . MET D 1 108 ? -31.499 -8.530  4.654   1.00 20.00 ? 108 MET D CA 1 
ATOM 760 C CA . GLN D 1 109 ? -34.436 -7.517  6.890   1.00 20.00 ? 109 GLN D CA 1 
ATOM 761 C CA . LEU D 1 110 ? -35.130 -4.369  4.887   1.00 20.00 ? 110 LEU D CA 1 
ATOM 762 C CA . ILE D 1 111 ? -34.789 -6.342  1.661   1.00 20.00 ? 111 ILE D CA 1 
ATOM 763 C CA . MET D 1 112 ? -37.397 -8.838  2.919   1.00 20.00 ? 112 MET D CA 1 
ATOM 764 C CA . LEU D 1 113 ? -40.158 -6.392  3.890   1.00 20.00 ? 113 LEU D CA 1 
ATOM 765 C CA . CYS D 1 114 ? -40.078 -4.365  0.652   1.00 20.00 ? 114 CYS D CA 1 
ATOM 766 C CA . TYR D 1 115 ? -40.248 -7.646  -1.294  1.00 20.00 ? 115 TYR D CA 1 
ATOM 767 C CA . ASN D 1 116 ? -43.213 -9.003  0.640   1.00 20.00 ? 116 ASN D CA 1 
ATOM 768 C CA . PRO D 1 117 ? -46.506 -8.572  -1.234  1.00 20.00 ? 117 PRO D CA 1 
ATOM 769 C CA . ASP D 1 118 ? -47.920 -7.544  2.151   1.00 20.00 ? 118 ASP D CA 1 
ATOM 770 C CA . PHE D 1 119 ? -45.651 -4.506  2.251   1.00 20.00 ? 119 PHE D CA 1 
ATOM 771 C CA . GLU D 1 120 ? -48.428 -2.122  3.198   1.00 20.00 ? 120 GLU D CA 1 
ATOM 772 C CA . LYS D 1 121 ? -49.740 -4.628  5.702   1.00 20.00 ? 121 LYS D CA 1 
ATOM 773 C CA . GLN D 1 122 ? -46.300 -5.354  7.152   1.00 20.00 ? 122 GLN D CA 1 
ATOM 774 C CA . LYS D 1 123 ? -44.932 -1.798  6.921   1.00 20.00 ? 123 LYS D CA 1 
ATOM 775 C CA . PRO D 1 124 ? -46.558 -0.665  10.167  1.00 20.00 ? 124 PRO D CA 1 
ATOM 776 C CA . GLU D 1 125 ? -45.267 -3.468  12.442  1.00 20.00 ? 125 GLU D CA 1 
ATOM 777 C CA . PHE D 1 126 ? -41.680 -3.104  11.140  1.00 20.00 ? 126 PHE D CA 1 
ATOM 778 C CA . LEU D 1 127 ? -41.265 0.690   11.528  1.00 20.00 ? 127 LEU D CA 1 
ATOM 779 C CA . LYS D 1 128 ? -41.980 0.026   15.225  1.00 20.00 ? 128 LYS D CA 1 
ATOM 780 C CA . THR D 1 129 ? -38.718 -1.917  15.383  1.00 20.00 ? 129 THR D CA 1 
ATOM 781 C CA . ILE D 1 130 ? -36.542 0.761   13.767  1.00 20.00 ? 130 ILE D CA 1 
ATOM 782 C CA . PRO D 1 131 ? -36.094 2.810   16.928  1.00 20.00 ? 131 PRO D CA 1 
ATOM 783 C CA . GLU D 1 132 ? -34.539 -0.216  18.590  1.00 20.00 ? 132 GLU D CA 1 
ATOM 784 C CA . LYS D 1 133 ? -32.240 -0.895  15.611  1.00 20.00 ? 133 LYS D CA 1 
ATOM 785 C CA . MET D 1 134 ? -31.012 2.751   15.599  1.00 20.00 ? 134 MET D CA 1 
ATOM 786 C CA . LYS D 1 135 ? -30.547 2.719   19.422  1.00 20.00 ? 135 LYS D CA 1 
ATOM 787 C CA . LEU D 1 136 ? -28.044 -0.109  19.050  1.00 20.00 ? 136 LEU D CA 1 
ATOM 788 C CA . TYR D 1 137 ? -26.133 1.807   16.400  1.00 20.00 ? 137 TYR D CA 1 
ATOM 789 C CA . SER D 1 138 ? -26.202 5.031   18.428  1.00 20.00 ? 138 SER D CA 1 
ATOM 790 C CA . GLU D 1 139 ? -24.853 3.449   21.620  1.00 20.00 ? 139 GLU D CA 1 
ATOM 791 C CA . PHE D 1 140 ? -22.317 1.421   19.686  1.00 20.00 ? 140 PHE D CA 1 
ATOM 792 C CA . LEU D 1 141 ? -20.831 4.496   18.028  1.00 20.00 ? 141 LEU D CA 1 
ATOM 793 C CA . GLY D 1 142 ? -21.213 6.673   21.117  1.00 20.00 ? 142 GLY D CA 1 
ATOM 794 C CA . LYS D 1 143 ? -18.790 9.596   20.962  1.00 20.00 ? 143 LYS D CA 1 
ATOM 795 C CA . ARG D 1 144 ? -16.306 8.154   18.488  1.00 20.00 ? 144 ARG D CA 1 
ATOM 796 C CA . PRO D 1 145 ? -16.134 9.847   15.092  1.00 20.00 ? 145 PRO D CA 1 
ATOM 797 C CA . TRP D 1 146 ? -16.125 6.516   13.155  1.00 20.00 ? 146 TRP D CA 1 
ATOM 798 C CA . PHE D 1 147 ? -17.502 3.015   13.672  1.00 20.00 ? 147 PHE D CA 1 
ATOM 799 C CA . ALA D 1 148 ? -14.197 1.338   14.566  1.00 20.00 ? 148 ALA D CA 1 
ATOM 800 C CA . GLY D 1 149 ? -12.321 4.264   16.143  1.00 20.00 ? 149 GLY D CA 1 
ATOM 801 C CA . ASP D 1 150 ? -10.066 7.224   15.275  1.00 20.00 ? 150 ASP D CA 1 
ATOM 802 C CA . LYS D 1 151 ? -9.745  6.292   11.601  1.00 20.00 ? 151 LYS D CA 1 
ATOM 803 C CA . VAL D 1 152 ? -12.370 5.942   8.884   1.00 20.00 ? 152 VAL D CA 1 
ATOM 804 C CA . THR D 1 153 ? -12.444 2.208   7.943   1.00 20.00 ? 153 THR D CA 1 
ATOM 805 C CA . TYR D 1 154 ? -14.323 0.189   5.277   1.00 20.00 ? 154 TYR D CA 1 
ATOM 806 C CA . VAL D 1 155 ? -17.159 -0.424  7.745   1.00 20.00 ? 155 VAL D CA 1 
ATOM 807 C CA . ASP D 1 156 ? -18.120 3.270   7.870   1.00 20.00 ? 156 ASP D CA 1 
ATOM 808 C CA . PHE D 1 157 ? -19.104 2.983   4.162   1.00 20.00 ? 157 PHE D CA 1 
ATOM 809 C CA . LEU D 1 158 ? -21.306 0.021   5.098   1.00 20.00 ? 158 LEU D CA 1 
ATOM 810 C CA . ALA D 1 159 ? -22.922 1.854   8.026   1.00 20.00 ? 159 ALA D CA 1 
ATOM 811 C CA . TYR D 1 160 ? -23.322 5.123   6.085   1.00 20.00 ? 160 TYR D CA 1 
ATOM 812 C CA . ASP D 1 161 ? -25.332 3.113   3.600   1.00 20.00 ? 161 ASP D CA 1 
ATOM 813 C CA . ILE D 1 162 ? -27.652 1.264   5.925   1.00 20.00 ? 162 ILE D CA 1 
ATOM 814 C CA . LEU D 1 163 ? -28.383 4.344   8.132   1.00 20.00 ? 163 LEU D CA 1 
ATOM 815 C CA . ASP D 1 164 ? -28.997 6.387   4.944   1.00 20.00 ? 164 ASP D CA 1 
ATOM 816 C CA . GLN D 1 165 ? -31.293 3.652   3.538   1.00 20.00 ? 165 GLN D CA 1 
ATOM 817 C CA . TYR D 1 166 ? -33.169 3.472   6.883   1.00 20.00 ? 166 TYR D CA 1 
ATOM 818 C CA . HIS D 1 167 ? -33.392 7.242   6.778   1.00 20.00 ? 167 HIS D CA 1 
ATOM 819 C CA . ILE D 1 168 ? -34.941 7.095   3.305   1.00 20.00 ? 168 ILE D CA 1 
ATOM 820 C CA . PHE D 1 169 ? -37.710 4.718   4.410   1.00 20.00 ? 169 PHE D CA 1 
ATOM 821 C CA . GLU D 1 170 ? -38.485 6.604   7.678   1.00 20.00 ? 170 GLU D CA 1 
ATOM 822 C CA . PRO D 1 171 ? -37.417 10.267  7.619   1.00 20.00 ? 171 PRO D CA 1 
ATOM 823 C CA . LYS D 1 172 ? -37.709 10.678  11.386  1.00 20.00 ? 172 LYS D CA 1 
ATOM 824 C CA . CYS D 1 173 ? -35.900 7.479   12.451  1.00 20.00 ? 173 CYS D CA 1 
ATOM 825 C CA . LEU D 1 174 ? -32.879 9.550   13.414  1.00 20.00 ? 174 LEU D CA 1 
ATOM 826 C CA . ASP D 1 175 ? -34.324 12.634  15.182  1.00 20.00 ? 175 ASP D CA 1 
ATOM 827 C CA . ALA D 1 176 ? -33.580 10.894  18.498  1.00 20.00 ? 176 ALA D CA 1 
ATOM 828 C CA . PHE D 1 177 ? -29.959 10.036  17.732  1.00 20.00 ? 177 PHE D CA 1 
ATOM 829 C CA . PRO D 1 178 ? -27.999 13.185  17.012  1.00 20.00 ? 178 PRO D CA 1 
ATOM 830 C CA . ASN D 1 179 ? -24.764 11.196  16.953  1.00 20.00 ? 179 ASN D CA 1 
ATOM 831 C CA . LEU D 1 180 ? -25.919 9.147   13.927  1.00 20.00 ? 180 LEU D CA 1 
ATOM 832 C CA . LYS D 1 181 ? -27.072 12.307  12.135  1.00 20.00 ? 181 LYS D CA 1 
ATOM 833 C CA . ASP D 1 182 ? -23.661 13.739  12.975  1.00 20.00 ? 182 ASP D CA 1 
ATOM 834 C CA . PHE D 1 183 ? -22.151 10.564  11.429  1.00 20.00 ? 183 PHE D CA 1 
ATOM 835 C CA . LEU D 1 184 ? -24.097 10.848  8.154   1.00 20.00 ? 184 LEU D CA 1 
ATOM 836 C CA . ALA D 1 185 ? -22.834 14.454  7.787   1.00 20.00 ? 185 ALA D CA 1 
ATOM 837 C CA . ARG D 1 186 ? -19.234 13.727  8.759   1.00 20.00 ? 186 ARG D CA 1 
ATOM 838 C CA . PHE D 1 187 ? -19.394 10.950  6.116   1.00 20.00 ? 187 PHE D CA 1 
ATOM 839 C CA . GLU D 1 188 ? -20.956 12.942  3.277   1.00 20.00 ? 188 GLU D CA 1 
ATOM 840 C CA . GLY D 1 189 ? -18.342 15.568  4.104   1.00 20.00 ? 189 GLY D CA 1 
ATOM 841 C CA . LEU D 1 190 ? -15.255 13.618  3.104   1.00 20.00 ? 190 LEU D CA 1 
ATOM 842 C CA . LYS D 1 191 ? -13.714 15.478  0.158   1.00 20.00 ? 191 LYS D CA 1 
ATOM 843 C CA . LYS D 1 192 ? -14.027 12.812  -2.551  1.00 20.00 ? 192 LYS D CA 1 
ATOM 844 C CA . ILE D 1 193 ? -17.506 11.809  -1.303  1.00 20.00 ? 193 ILE D CA 1 
ATOM 845 C CA . SER D 1 194 ? -18.807 15.383  -1.659  1.00 20.00 ? 194 SER D CA 1 
ATOM 846 C CA . ALA D 1 195 ? -17.721 15.568  -5.265  1.00 20.00 ? 195 ALA D CA 1 
ATOM 847 C CA . TYR D 1 196 ? -19.197 12.158  -6.099  1.00 20.00 ? 196 TYR D CA 1 
ATOM 848 C CA . MET D 1 197 ? -22.677 13.029  -4.831  1.00 20.00 ? 197 MET D CA 1 
ATOM 849 C CA . LYS D 1 198 ? -23.004 15.884  -7.381  1.00 20.00 ? 198 LYS D CA 1 
ATOM 850 C CA . SER D 1 199 ? -21.477 13.968  -10.306 1.00 20.00 ? 199 SER D CA 1 
ATOM 851 C CA . SER D 1 200 ? -22.967 11.890  -13.115 1.00 20.00 ? 200 SER D CA 1 
ATOM 852 C CA . ARG D 1 201 ? -21.883 8.560   -11.590 1.00 20.00 ? 201 ARG D CA 1 
ATOM 853 C CA . TYR D 1 202 ? -23.952 8.989   -8.406  1.00 20.00 ? 202 TYR D CA 1 
ATOM 854 C CA . LEU D 1 203 ? -26.857 6.629   -7.802  1.00 20.00 ? 203 LEU D CA 1 
ATOM 855 C CA . SER D 1 204 ? -28.966 7.029   -4.669  1.00 20.00 ? 204 SER D CA 1 
ATOM 856 C CA . THR D 1 205 ? -32.260 5.549   -5.842  1.00 20.00 ? 205 THR D CA 1 
ATOM 857 C CA . PRO D 1 206 ? -33.901 3.309   -6.811  1.00 20.00 ? 206 PRO D CA 1 
ATOM 858 C CA . ILE D 1 207 ? -32.661 0.932   -4.134  1.00 20.00 ? 207 ILE D CA 1 
ATOM 859 C CA . PHE D 1 208 ? -34.440 -2.209  -5.255  1.00 20.00 ? 208 PHE D CA 1 
ATOM 860 C CA . SER D 1 209 ? -35.338 -3.818  -8.549  1.00 20.00 ? 209 SER D CA 1 
ATOM 861 C CA . LYS D 1 210 ? -38.436 -3.219  -10.604 1.00 20.00 ? 210 LYS D CA 1 
ATOM 862 C CA . LEU D 1 211 ? -39.975 -6.097  -8.673  1.00 20.00 ? 211 LEU D CA 1 
ATOM 863 C CA . ALA D 1 212 ? -39.621 -4.215  -5.363  1.00 20.00 ? 212 ALA D CA 1 
ATOM 864 C CA . GLN D 1 213 ? -42.636 -2.625  -3.629  1.00 20.00 ? 213 GLN D CA 1 
ATOM 865 C CA . TRP D 1 214 ? -40.497 0.355   -2.548  1.00 20.00 ? 214 TRP D CA 1 
ATOM 866 C CA . SER D 1 215 ? -37.664 2.438   -4.042  1.00 20.00 ? 215 SER D CA 1 
ATOM 867 C CA . ASN D 1 216 ? -38.302 0.141   -6.964  1.00 20.00 ? 216 ASN D CA 1 
ATOM 868 C CA . LYS D 1 217 ? -38.490 2.854   -9.624  1.00 20.00 ? 217 LYS D CA 1 
# 
